data_8TVB
#
_entry.id   8TVB
#
loop_
_entity.id
_entity.type
_entity.pdbx_description
1 polymer 'Fusion glycoprotein F0,2-dehydro-3-deoxyphosphogluconate aldolase/4-hydroxy-2-oxoglutarate aldolase'
2 non-polymer 2-acetamido-2-deoxy-beta-D-glucopyranose
#
_entity_poly.entity_id   1
_entity_poly.type   'polypeptide(L)'
_entity_poly.pdbx_seq_one_letter_code
;MKKKTDNPTISKRGHNHSRGIKSRALLRETDNYSNGLIVENLVRNCHHPSKNNLNYTKTQKRDSTIPYRVEERKGHYPKI
KHLIDKSYKHIKRGKRRNGHNGNIITIILLLILILKTQMSEGAIHYETLSKIGLIKGITREYKVKGTPSSKDIVIKLIPN
VTGLNKCTNISMENYKEQLDKILIPINNIIELYANSTKSAPGNARFAGVIIAGVALGVAAAAQITAGIALHEARQNAERI
NLLKDSISATNNAVAELQEATGGIVNVITGMQDYINTNLVPQIDKLQCSQIKTALDISLSQYYSEILTVFGPNLQNPVTT
SMSIQAISQSFGGNIDLLLNLLGYTANDLLDLLESKSITGQITYINLEHYFMVIRVYYPIMTTISNAYVQELIKISFNVD
GSEWVSLVPSYILIRNSYLSNIDISECLITKNSVICRHDFAMPMSYTLKECLTGDTEKCPREAVVTSYVPRFAISGGVIY
ANCLSTTCQCYQTGKVIAQDGSQTLMMIDNQTCSIVRIEEILISTGKYLGSQEYNTMHVSVGNPVFTDKLDITSQISNIN
QSIEQSKFYLDKSKAILDKINLNLIGMKQIEDKIEEILSKIYHIENEIARIKKLIGEAPGGIEGRGGSGSGGSGGSGSEK
AAKAEEAARKMEELFKKHKIVAVLRANSVEEAIEKAVAVFAGGVHLIEITFTVPDADTVIKALSVLKEKGAIIGAGTVTS
VEQARKAVESGAEFIVSPHLDEEISQFAKEKGVFYMPGVMTPTELVKAMKLGHTILKLFPGEVVGPQFVKAMKGPFPNVK
FVPTGGVNLDNVAEWFKAGVLAVGVGSALVKGTPDEVREKAKAFVEKIRGATEGGSGGSHHHHHHGSGGGSGLNDIFEAQ
KIEWHE
;
_entity_poly.pdbx_strand_id   A,B,C
#
loop_
_chem_comp.id
_chem_comp.type
_chem_comp.name
_chem_comp.formula
NAG D-saccharide, beta linking 2-acetamido-2-deoxy-beta-D-glucopyranose 'C8 H15 N O6'
#
# COMPACT_ATOMS: atom_id res chain seq x y z
N ALA A 123 28.44 -5.50 22.06
CA ALA A 123 27.82 -6.15 23.23
C ALA A 123 27.31 -7.56 22.91
N ILE A 124 26.99 -7.81 21.63
CA ILE A 124 26.44 -9.09 21.18
C ILE A 124 27.51 -10.16 21.09
N HIS A 125 27.22 -11.33 21.65
CA HIS A 125 28.15 -12.46 21.62
C HIS A 125 27.82 -13.37 20.44
N TYR A 126 28.50 -13.15 19.33
CA TYR A 126 28.12 -13.78 18.06
C TYR A 126 28.49 -15.26 17.99
N GLU A 127 29.59 -15.63 18.62
CA GLU A 127 30.06 -17.00 18.52
C GLU A 127 29.07 -18.00 19.13
N THR A 128 28.37 -17.57 20.17
CA THR A 128 27.41 -18.46 20.82
C THR A 128 26.04 -18.37 20.18
N LEU A 129 25.66 -17.19 19.69
CA LEU A 129 24.36 -17.02 19.06
C LEU A 129 24.27 -17.76 17.74
N SER A 130 25.41 -17.91 17.07
CA SER A 130 25.43 -18.64 15.81
C SER A 130 25.06 -20.11 16.00
N LYS A 131 25.14 -20.59 17.24
CA LYS A 131 24.79 -21.98 17.54
C LYS A 131 23.30 -22.20 17.52
N ILE A 132 22.52 -21.11 17.50
CA ILE A 132 21.08 -21.22 17.44
C ILE A 132 20.54 -20.56 16.17
N GLY A 133 21.40 -20.41 15.18
CA GLY A 133 20.96 -19.97 13.86
C GLY A 133 21.04 -18.47 13.62
N LEU A 134 21.66 -17.72 14.54
CA LEU A 134 21.78 -16.28 14.35
C LEU A 134 23.18 -15.93 13.88
N ILE A 135 23.32 -15.78 12.57
CA ILE A 135 24.63 -15.61 11.95
C ILE A 135 24.93 -14.16 11.63
N LYS A 136 26.07 -13.66 12.12
CA LYS A 136 26.42 -12.27 11.92
C LYS A 136 26.42 -11.92 10.43
N GLY A 137 25.72 -10.85 10.08
CA GLY A 137 25.64 -10.39 8.70
C GLY A 137 26.44 -9.11 8.48
N ILE A 138 25.85 -8.19 7.73
CA ILE A 138 26.50 -6.94 7.35
C ILE A 138 26.28 -5.83 8.36
N THR A 139 27.36 -5.12 8.70
CA THR A 139 27.31 -3.98 9.60
C THR A 139 27.13 -2.69 8.80
N ARG A 140 26.17 -1.86 9.20
CA ARG A 140 25.88 -0.61 8.50
C ARG A 140 25.91 0.60 9.42
N GLU A 141 26.35 1.74 8.92
CA GLU A 141 26.36 2.98 9.72
C GLU A 141 24.97 3.55 9.88
N TYR A 142 24.70 4.18 11.03
CA TYR A 142 23.39 4.77 11.29
C TYR A 142 23.40 6.28 10.99
N LYS A 143 22.50 6.71 10.10
CA LYS A 143 22.44 8.11 9.70
C LYS A 143 21.03 8.69 9.85
N VAL A 144 20.95 9.92 10.34
CA VAL A 144 19.67 10.62 10.49
C VAL A 144 19.78 12.04 9.95
N LYS A 145 18.74 12.52 9.28
CA LYS A 145 18.78 13.85 8.68
C LYS A 145 18.83 14.97 9.72
N GLY A 146 19.54 16.05 9.40
CA GLY A 146 19.63 17.22 10.27
C GLY A 146 18.95 18.46 9.67
N THR A 147 19.49 19.63 9.98
CA THR A 147 18.90 20.91 9.59
C THR A 147 18.97 21.13 8.07
N PRO A 148 17.84 21.39 7.41
CA PRO A 148 17.68 21.64 5.99
C PRO A 148 17.96 23.07 5.57
N SER A 149 18.29 23.23 4.29
CA SER A 149 18.22 24.52 3.61
C SER A 149 16.91 24.57 2.84
N SER A 150 16.55 25.71 2.27
CA SER A 150 15.27 25.77 1.57
C SER A 150 15.24 26.67 0.35
N LYS A 151 14.35 26.32 -0.59
CA LYS A 151 14.07 27.11 -1.78
C LYS A 151 12.57 27.19 -2.04
N ASP A 152 12.12 28.28 -2.64
CA ASP A 152 10.71 28.46 -2.95
C ASP A 152 10.40 28.27 -4.44
N ILE A 153 9.31 27.56 -4.71
CA ILE A 153 8.81 27.38 -6.07
C ILE A 153 7.34 27.77 -6.16
N VAL A 154 6.87 28.01 -7.38
CA VAL A 154 5.46 28.32 -7.59
C VAL A 154 4.79 27.30 -8.48
N ILE A 155 3.66 26.76 -8.03
CA ILE A 155 2.91 25.80 -8.83
C ILE A 155 1.57 26.37 -9.25
N LYS A 156 1.34 26.42 -10.55
CA LYS A 156 0.11 26.98 -11.08
C LYS A 156 -0.87 25.88 -11.45
N LEU A 157 -2.12 26.05 -11.04
CA LEU A 157 -3.13 25.00 -11.21
C LEU A 157 -4.01 25.20 -12.45
N ILE A 158 -4.09 26.42 -12.95
CA ILE A 158 -4.89 26.68 -14.15
C ILE A 158 -3.99 26.96 -15.36
N PRO A 159 -4.12 26.17 -16.43
CA PRO A 159 -3.35 26.24 -17.64
C PRO A 159 -3.73 27.45 -18.49
N ASN A 160 -2.81 27.84 -19.38
CA ASN A 160 -3.03 28.89 -20.37
C ASN A 160 -3.59 28.29 -21.65
N VAL A 161 -4.85 28.61 -21.94
CA VAL A 161 -5.59 28.04 -23.07
C VAL A 161 -5.91 29.11 -24.12
N THR A 162 -5.13 30.19 -24.15
CA THR A 162 -5.38 31.24 -25.12
C THR A 162 -4.93 30.81 -26.51
N GLY A 163 -4.13 29.75 -26.56
CA GLY A 163 -3.69 29.21 -27.85
C GLY A 163 -4.84 28.48 -28.51
N LEU A 164 -5.91 28.26 -27.74
CA LEU A 164 -7.10 27.58 -28.23
C LEU A 164 -8.25 28.57 -28.40
N ASN A 165 -7.93 29.87 -28.44
CA ASN A 165 -8.95 30.92 -28.43
C ASN A 165 -9.78 30.98 -29.72
N LYS A 166 -9.51 30.10 -30.66
CA LYS A 166 -10.36 29.95 -31.83
C LYS A 166 -11.65 29.23 -31.43
N CYS A 167 -11.64 28.54 -30.29
CA CYS A 167 -12.83 27.86 -29.83
C CYS A 167 -13.37 28.71 -28.67
N THR A 168 -14.44 29.44 -28.97
CA THR A 168 -15.03 30.43 -28.06
C THR A 168 -15.87 29.83 -26.92
N ASN A 169 -16.10 28.52 -26.95
CA ASN A 169 -16.93 27.83 -25.96
C ASN A 169 -16.12 27.34 -24.74
N ILE A 170 -14.82 27.65 -24.69
CA ILE A 170 -13.97 27.30 -23.55
C ILE A 170 -14.02 28.39 -22.49
N SER A 171 -14.49 28.06 -21.29
CA SER A 171 -14.68 29.06 -20.25
C SER A 171 -13.80 28.83 -19.02
N MET A 172 -13.45 27.57 -18.78
CA MET A 172 -12.68 27.18 -17.59
C MET A 172 -13.40 27.49 -16.27
N GLU A 173 -14.68 27.84 -16.35
CA GLU A 173 -15.42 28.24 -15.15
C GLU A 173 -15.69 27.09 -14.19
N ASN A 174 -16.03 25.93 -14.73
CA ASN A 174 -16.36 24.80 -13.89
C ASN A 174 -15.11 24.31 -13.19
N TYR A 175 -13.98 24.40 -13.87
CA TYR A 175 -12.71 23.97 -13.32
C TYR A 175 -12.33 24.84 -12.13
N LYS A 176 -12.49 26.16 -12.27
CA LYS A 176 -12.18 27.07 -11.19
C LYS A 176 -13.00 26.76 -9.94
N GLU A 177 -14.29 26.46 -10.11
CA GLU A 177 -15.13 26.14 -8.96
C GLU A 177 -14.66 24.88 -8.25
N GLN A 178 -14.22 23.90 -9.03
CA GLN A 178 -13.73 22.65 -8.47
C GLN A 178 -12.46 22.87 -7.64
N LEU A 179 -11.62 23.81 -8.08
CA LEU A 179 -10.40 24.13 -7.34
C LEU A 179 -10.72 24.85 -6.03
N ASP A 180 -11.74 25.71 -6.05
CA ASP A 180 -12.11 26.44 -4.85
C ASP A 180 -12.42 25.48 -3.71
N LYS A 181 -13.06 24.37 -4.04
CA LYS A 181 -13.44 23.36 -3.05
C LYS A 181 -12.23 22.70 -2.39
N ILE A 182 -11.06 22.83 -2.99
CA ILE A 182 -9.84 22.27 -2.43
C ILE A 182 -9.01 23.34 -1.74
N LEU A 183 -8.83 24.48 -2.40
CA LEU A 183 -7.92 25.51 -1.94
C LEU A 183 -8.43 26.31 -0.74
N ILE A 184 -9.73 26.60 -0.70
CA ILE A 184 -10.23 27.43 0.38
C ILE A 184 -10.10 26.78 1.77
N PRO A 185 -10.49 25.50 1.95
CA PRO A 185 -10.34 24.73 3.18
C PRO A 185 -8.91 24.73 3.70
N ILE A 186 -7.94 24.85 2.78
CA ILE A 186 -6.51 24.87 3.14
C ILE A 186 -6.09 26.26 3.54
N ASN A 187 -6.49 27.24 2.73
CA ASN A 187 -6.11 28.63 2.97
C ASN A 187 -6.61 29.11 4.32
N ASN A 188 -7.77 28.61 4.74
CA ASN A 188 -8.37 29.00 6.01
C ASN A 188 -7.52 28.59 7.21
N ILE A 189 -6.66 27.59 7.04
CA ILE A 189 -5.81 27.14 8.13
C ILE A 189 -4.50 27.91 8.12
N ILE A 190 -3.95 28.11 6.93
CA ILE A 190 -2.70 28.82 6.78
C ILE A 190 -2.88 30.24 7.29
N GLU A 191 -4.02 30.86 6.96
CA GLU A 191 -4.31 32.21 7.41
C GLU A 191 -4.41 32.31 8.93
N LEU A 192 -4.92 31.27 9.57
CA LEU A 192 -5.02 31.28 11.03
C LEU A 192 -3.66 31.35 11.71
N TYR A 193 -2.75 30.49 11.28
CA TYR A 193 -1.41 30.48 11.87
C TYR A 193 -0.66 31.74 11.53
N ALA A 194 -0.83 32.22 10.30
CA ALA A 194 -0.19 33.45 9.87
C ALA A 194 -0.63 34.65 10.72
N ASN A 195 -1.91 34.67 11.12
CA ASN A 195 -2.46 35.73 11.96
C ASN A 195 -2.01 35.60 13.42
N SER A 196 -1.81 34.36 13.89
CA SER A 196 -1.46 34.06 15.27
C SER A 196 0.00 34.38 15.60
N THR A 197 0.89 34.27 14.61
CA THR A 197 2.31 34.51 14.85
C THR A 197 2.72 35.94 14.55
N LYS A 198 3.52 36.51 15.44
CA LYS A 198 4.10 37.83 15.27
C LYS A 198 5.54 37.83 15.74
N SER A 199 6.36 38.70 15.17
CA SER A 199 7.75 38.77 15.60
C SER A 199 7.86 39.38 17.00
N ALA A 200 8.91 39.01 17.74
CA ALA A 200 9.17 39.53 19.08
C ALA A 200 9.82 40.91 19.00
N ALA A 204 12.70 43.15 25.01
CA ALA A 204 12.80 41.79 24.50
C ALA A 204 14.11 41.14 24.96
N ARG A 205 14.02 40.23 25.93
CA ARG A 205 15.18 39.50 26.45
C ARG A 205 15.66 38.46 25.46
N PHE A 206 14.73 37.90 24.68
CA PHE A 206 15.09 36.93 23.67
C PHE A 206 14.51 37.34 22.33
N ALA A 207 15.22 37.01 21.26
CA ALA A 207 14.73 37.22 19.91
C ALA A 207 13.95 36.00 19.46
N GLY A 208 13.02 36.18 18.53
CA GLY A 208 12.27 35.06 17.99
C GLY A 208 10.88 35.47 17.53
N VAL A 209 10.01 34.47 17.42
CA VAL A 209 8.65 34.65 16.96
C VAL A 209 7.68 34.16 18.02
N ILE A 210 6.66 34.98 18.31
CA ILE A 210 5.69 34.64 19.34
C ILE A 210 4.42 34.08 18.74
N ILE A 211 4.05 32.89 19.17
CA ILE A 211 2.85 32.23 18.68
C ILE A 211 1.79 32.25 19.78
N ALA A 212 0.55 32.55 19.40
CA ALA A 212 -0.52 32.73 20.38
C ALA A 212 -1.20 31.42 20.73
N GLY A 213 -0.93 30.91 21.93
CA GLY A 213 -1.51 29.65 22.37
C GLY A 213 -3.01 29.77 22.53
N VAL A 214 -3.48 30.94 22.94
CA VAL A 214 -4.90 31.17 23.18
C VAL A 214 -5.68 31.16 21.87
N ALA A 215 -5.14 31.83 20.85
CA ALA A 215 -5.79 31.90 19.55
C ALA A 215 -5.95 30.53 18.93
N LEU A 216 -4.96 29.67 19.12
CA LEU A 216 -5.02 28.32 18.57
C LEU A 216 -5.88 27.40 19.42
N GLY A 217 -5.80 27.56 20.73
CA GLY A 217 -6.57 26.75 21.66
C GLY A 217 -5.91 25.39 21.89
N VAL A 218 -5.86 24.59 20.83
CA VAL A 218 -5.23 23.27 20.86
C VAL A 218 -4.22 23.10 19.73
N ALA A 219 -3.00 22.71 20.09
CA ALA A 219 -1.98 22.47 19.09
C ALA A 219 -0.92 21.50 19.60
N ALA A 220 -0.47 20.60 18.72
CA ALA A 220 0.62 19.70 19.04
C ALA A 220 1.95 20.36 18.71
N ALA A 221 3.03 19.86 19.29
CA ALA A 221 4.35 20.43 19.05
C ALA A 221 4.67 20.47 17.56
N ALA A 222 4.15 19.50 16.81
CA ALA A 222 4.41 19.41 15.38
C ALA A 222 3.88 20.63 14.63
N GLN A 223 2.73 21.15 15.04
CA GLN A 223 2.12 22.27 14.34
C GLN A 223 2.61 23.60 14.90
N ILE A 224 3.02 23.59 16.16
CA ILE A 224 3.56 24.79 16.76
C ILE A 224 4.89 25.13 16.08
N THR A 225 5.72 24.11 15.91
CA THR A 225 7.01 24.28 15.24
C THR A 225 6.83 24.69 13.78
N ALA A 226 5.94 24.01 13.08
CA ALA A 226 5.68 24.32 11.68
C ALA A 226 5.11 25.72 11.54
N GLY A 227 4.27 26.13 12.49
CA GLY A 227 3.66 27.45 12.48
C GLY A 227 4.71 28.55 12.50
N ILE A 228 5.81 28.32 13.22
CA ILE A 228 6.90 29.29 13.26
C ILE A 228 7.60 29.33 11.90
N ALA A 229 7.85 28.17 11.32
CA ALA A 229 8.47 28.08 10.00
C ALA A 229 7.61 28.78 8.96
N LEU A 230 6.29 28.65 9.09
CA LEU A 230 5.34 29.29 8.18
C LEU A 230 5.47 30.80 8.24
N HIS A 231 5.54 31.33 9.46
CA HIS A 231 5.70 32.77 9.65
C HIS A 231 6.88 33.30 8.86
N GLU A 232 8.04 32.64 9.02
CA GLU A 232 9.25 33.09 8.36
C GLU A 232 9.17 32.94 6.85
N ALA A 233 8.62 31.82 6.38
CA ALA A 233 8.53 31.54 4.96
C ALA A 233 7.67 32.56 4.24
N ARG A 234 6.59 32.99 4.89
CA ARG A 234 5.65 33.91 4.26
C ARG A 234 6.22 35.30 4.05
N GLN A 235 7.36 35.59 4.67
CA GLN A 235 7.99 36.88 4.48
C GLN A 235 8.53 36.99 3.07
N ASN A 236 8.75 35.84 2.43
CA ASN A 236 9.23 35.81 1.06
C ASN A 236 8.08 35.51 0.10
N ALA A 237 7.14 34.67 0.54
CA ALA A 237 6.04 34.27 -0.32
C ALA A 237 5.20 35.48 -0.74
N GLU A 238 5.06 36.44 0.16
CA GLU A 238 4.30 37.65 -0.14
C GLU A 238 5.06 38.56 -1.10
N ARG A 239 6.37 38.35 -1.25
CA ARG A 239 7.18 39.13 -2.21
C ARG A 239 7.08 38.46 -3.58
N ILE A 240 7.02 37.14 -3.61
CA ILE A 240 6.80 36.40 -4.85
C ILE A 240 5.45 36.75 -5.44
N ASN A 241 4.46 36.94 -4.57
CA ASN A 241 3.09 37.27 -4.96
C ASN A 241 3.01 38.57 -5.75
N LEU A 242 4.05 39.40 -5.69
CA LEU A 242 4.06 40.66 -6.43
C LEU A 242 4.21 40.41 -7.92
N LEU A 243 4.53 39.16 -8.27
CA LEU A 243 4.66 38.74 -9.64
C LEU A 243 3.42 37.99 -10.11
N LYS A 244 2.33 38.09 -9.35
CA LYS A 244 1.13 37.31 -9.64
C LYS A 244 0.63 37.50 -11.08
N ASP A 245 0.87 38.67 -11.66
CA ASP A 245 0.43 38.91 -13.03
C ASP A 245 1.40 38.26 -14.02
N SER A 246 2.67 38.20 -13.65
CA SER A 246 3.69 37.58 -14.49
C SER A 246 3.63 36.06 -14.38
N ILE A 247 3.15 35.58 -13.24
CA ILE A 247 2.94 34.15 -13.00
C ILE A 247 1.78 33.63 -13.83
N SER A 248 0.70 34.40 -13.87
CA SER A 248 -0.46 34.04 -14.67
C SER A 248 -0.16 34.16 -16.16
N ALA A 249 0.65 35.15 -16.53
CA ALA A 249 0.96 35.40 -17.93
C ALA A 249 2.11 34.54 -18.45
N THR A 250 1.95 33.22 -18.36
CA THR A 250 2.92 32.29 -18.92
C THR A 250 2.20 31.16 -19.64
N ASN A 251 2.86 30.55 -20.63
CA ASN A 251 2.25 29.44 -21.35
C ASN A 251 3.16 28.23 -21.47
N ASN A 252 4.31 28.26 -20.80
CA ASN A 252 5.22 27.13 -20.83
C ASN A 252 5.01 26.25 -19.62
N ALA A 253 5.36 24.96 -19.74
CA ALA A 253 5.27 24.05 -18.61
C ALA A 253 6.19 24.53 -17.50
N VAL A 254 7.34 25.06 -17.88
CA VAL A 254 8.29 25.62 -16.91
C VAL A 254 8.70 27.02 -17.33
N ALA A 255 8.64 27.96 -16.40
CA ALA A 255 9.04 29.33 -16.68
C ALA A 255 9.90 29.89 -15.55
N GLU A 256 10.81 30.78 -15.90
CA GLU A 256 11.65 31.44 -14.91
C GLU A 256 11.38 32.94 -14.88
N LEU A 257 10.85 33.42 -13.76
CA LEU A 257 10.53 34.84 -13.65
C LEU A 257 11.58 35.57 -12.84
N GLN A 258 11.89 36.80 -13.25
CA GLN A 258 12.88 37.60 -12.54
C GLN A 258 12.23 38.49 -11.49
N GLU A 259 12.74 38.37 -10.26
CA GLU A 259 12.23 39.21 -9.17
C GLU A 259 12.95 40.55 -9.17
N ALA A 260 12.37 41.57 -8.53
CA ALA A 260 12.93 42.91 -8.44
C ALA A 260 14.33 42.90 -7.83
N THR A 261 14.61 41.87 -7.02
CA THR A 261 15.87 41.77 -6.30
C THR A 261 16.91 40.97 -7.08
N GLY A 262 16.55 40.50 -8.27
CA GLY A 262 17.45 39.72 -9.10
C GLY A 262 17.30 38.21 -8.88
N GLY A 263 16.42 37.84 -7.97
CA GLY A 263 16.18 36.42 -7.69
C GLY A 263 15.36 35.77 -8.79
N ILE A 264 15.40 34.44 -8.87
CA ILE A 264 14.65 33.72 -9.88
C ILE A 264 13.57 32.84 -9.28
N VAL A 265 12.35 32.99 -9.80
CA VAL A 265 11.22 32.16 -9.38
C VAL A 265 10.93 31.09 -10.42
N ASN A 266 10.97 29.84 -10.00
CA ASN A 266 10.69 28.73 -10.88
C ASN A 266 9.21 28.38 -10.84
N VAL A 267 8.53 28.60 -11.96
CA VAL A 267 7.10 28.35 -12.04
C VAL A 267 6.82 27.05 -12.79
N ILE A 268 6.16 26.13 -12.12
CA ILE A 268 5.82 24.83 -12.70
C ILE A 268 4.33 24.74 -12.93
N THR A 269 3.92 24.47 -14.16
CA THR A 269 2.51 24.42 -14.50
C THR A 269 2.17 23.08 -15.14
N GLY A 270 1.12 22.44 -14.66
CA GLY A 270 0.68 21.18 -15.26
C GLY A 270 -0.17 21.49 -16.48
N MET A 271 -0.60 20.47 -17.20
CA MET A 271 -1.48 20.64 -18.35
C MET A 271 -0.84 21.32 -19.57
N GLN A 272 0.13 22.21 -19.36
CA GLN A 272 0.71 22.97 -20.48
C GLN A 272 1.37 22.07 -21.51
N ASP A 273 1.94 20.96 -21.07
CA ASP A 273 2.61 20.08 -22.01
C ASP A 273 1.60 19.43 -22.93
N TYR A 274 0.50 18.96 -22.36
CA TYR A 274 -0.58 18.37 -23.12
C TYR A 274 -1.19 19.36 -24.09
N ILE A 275 -1.50 20.54 -23.59
CA ILE A 275 -2.15 21.56 -24.42
C ILE A 275 -1.27 21.99 -25.57
N ASN A 276 -0.01 22.30 -25.28
CA ASN A 276 0.91 22.81 -26.28
C ASN A 276 1.29 21.77 -27.34
N THR A 277 1.33 20.50 -26.95
CA THR A 277 1.78 19.47 -27.88
C THR A 277 0.64 18.74 -28.58
N ASN A 278 -0.49 18.57 -27.90
CA ASN A 278 -1.56 17.76 -28.47
C ASN A 278 -2.80 18.54 -28.91
N LEU A 279 -3.11 19.66 -28.27
CA LEU A 279 -4.33 20.37 -28.63
C LEU A 279 -4.09 21.56 -29.56
N VAL A 280 -3.16 22.42 -29.20
CA VAL A 280 -2.95 23.64 -29.96
C VAL A 280 -2.57 23.41 -31.43
N PRO A 281 -1.67 22.47 -31.74
CA PRO A 281 -1.21 22.16 -33.09
C PRO A 281 -2.34 21.65 -33.98
N GLN A 282 -3.45 21.24 -33.38
CA GLN A 282 -4.57 20.69 -34.13
C GLN A 282 -5.76 21.66 -34.16
N ILE A 283 -5.53 22.89 -33.74
CA ILE A 283 -6.63 23.86 -33.62
C ILE A 283 -7.36 24.06 -34.94
N ASP A 284 -6.66 23.94 -36.07
CA ASP A 284 -7.29 24.08 -37.37
C ASP A 284 -7.75 22.75 -37.95
N LYS A 285 -7.10 21.66 -37.52
CA LYS A 285 -7.40 20.32 -38.04
C LYS A 285 -8.70 19.74 -37.47
N LEU A 286 -8.91 19.94 -36.18
CA LEU A 286 -10.07 19.39 -35.49
C LEU A 286 -11.20 20.41 -35.37
N GLN A 287 -12.40 19.92 -35.12
CA GLN A 287 -13.54 20.78 -34.88
C GLN A 287 -13.46 21.36 -33.49
N CYS A 288 -14.04 22.54 -33.27
CA CYS A 288 -13.92 23.12 -31.93
C CYS A 288 -14.64 22.32 -30.85
N SER A 289 -15.69 21.60 -31.22
CA SER A 289 -16.35 20.76 -30.23
C SER A 289 -15.48 19.57 -29.83
N GLN A 290 -14.64 19.10 -30.76
CA GLN A 290 -13.76 17.98 -30.50
C GLN A 290 -12.64 18.41 -29.56
N ILE A 291 -12.16 19.63 -29.74
CA ILE A 291 -11.09 20.15 -28.90
C ILE A 291 -11.61 20.46 -27.51
N LYS A 292 -12.77 21.09 -27.42
CA LYS A 292 -13.35 21.36 -26.11
C LYS A 292 -13.51 20.08 -25.31
N THR A 293 -14.00 19.03 -25.97
CA THR A 293 -14.20 17.76 -25.29
C THR A 293 -12.88 17.21 -24.77
N ALA A 294 -11.85 17.25 -25.60
CA ALA A 294 -10.54 16.74 -25.21
C ALA A 294 -9.98 17.51 -24.02
N LEU A 295 -10.21 18.82 -24.00
CA LEU A 295 -9.73 19.67 -22.91
C LEU A 295 -10.51 19.39 -21.62
N ASP A 296 -11.82 19.27 -21.73
CA ASP A 296 -12.64 19.02 -20.55
C ASP A 296 -12.25 17.72 -19.86
N ILE A 297 -11.95 16.71 -20.66
CA ILE A 297 -11.58 15.40 -20.12
C ILE A 297 -10.19 15.43 -19.50
N SER A 298 -9.22 16.07 -20.16
CA SER A 298 -7.88 16.13 -19.61
C SER A 298 -7.82 16.93 -18.32
N LEU A 299 -8.68 17.95 -18.20
CA LEU A 299 -8.75 18.74 -16.97
C LEU A 299 -9.34 17.93 -15.82
N SER A 300 -10.38 17.14 -16.11
CA SER A 300 -11.00 16.33 -15.07
C SER A 300 -10.07 15.21 -14.61
N GLN A 301 -9.19 14.75 -15.51
CA GLN A 301 -8.18 13.77 -15.14
C GLN A 301 -7.16 14.40 -14.20
N TYR A 302 -6.73 15.61 -14.54
CA TYR A 302 -5.79 16.34 -13.71
C TYR A 302 -6.37 16.57 -12.32
N TYR A 303 -7.60 17.04 -12.26
CA TYR A 303 -8.26 17.32 -11.00
C TYR A 303 -8.32 16.08 -10.12
N SER A 304 -8.68 14.94 -10.72
CA SER A 304 -8.77 13.70 -9.98
C SER A 304 -7.45 13.32 -9.31
N GLU A 305 -6.34 13.60 -10.00
CA GLU A 305 -5.02 13.29 -9.48
C GLU A 305 -4.53 14.07 -8.26
N ILE A 306 -4.71 15.38 -8.27
CA ILE A 306 -4.35 16.23 -7.13
C ILE A 306 -5.32 16.23 -5.92
N LEU A 307 -6.57 15.91 -6.25
CA LEU A 307 -7.64 15.80 -5.26
C LEU A 307 -7.14 14.77 -4.27
N THR A 308 -6.48 13.72 -4.76
CA THR A 308 -5.99 12.66 -3.91
C THR A 308 -5.03 13.17 -2.85
N VAL A 309 -4.19 14.14 -3.22
CA VAL A 309 -3.17 14.64 -2.32
C VAL A 309 -3.61 15.87 -1.53
N PHE A 310 -4.26 16.81 -2.21
CA PHE A 310 -4.57 18.10 -1.59
C PHE A 310 -6.03 18.20 -1.13
N GLY A 311 -6.78 17.12 -1.31
CA GLY A 311 -8.17 17.06 -0.88
C GLY A 311 -8.24 16.77 0.62
N PRO A 312 -9.34 16.17 1.07
CA PRO A 312 -9.66 15.85 2.46
C PRO A 312 -8.57 15.03 3.15
N ASN A 313 -7.71 14.39 2.36
CA ASN A 313 -6.63 13.58 2.91
C ASN A 313 -5.51 14.43 3.52
N LEU A 314 -5.52 15.72 3.21
CA LEU A 314 -4.56 16.65 3.79
C LEU A 314 -5.16 17.25 5.06
N GLN A 315 -5.01 16.52 6.16
CA GLN A 315 -5.69 16.87 7.40
C GLN A 315 -5.28 18.22 7.94
N ASN A 316 -4.01 18.55 7.78
CA ASN A 316 -3.51 19.82 8.28
C ASN A 316 -2.27 20.25 7.49
N PRO A 317 -2.36 21.31 6.69
CA PRO A 317 -1.36 21.81 5.77
C PRO A 317 -0.18 22.45 6.50
N VAL A 318 -0.35 22.76 7.79
CA VAL A 318 0.70 23.44 8.52
C VAL A 318 1.69 22.42 9.06
N THR A 319 2.54 21.94 8.17
CA THR A 319 3.54 20.93 8.47
C THR A 319 4.77 21.13 7.61
N THR A 320 5.90 20.65 8.10
CA THR A 320 7.14 20.73 7.34
C THR A 320 7.58 19.36 6.86
N SER A 321 6.69 18.38 6.99
CA SER A 321 7.03 17.00 6.65
C SER A 321 6.12 16.37 5.59
N MET A 322 5.63 17.18 4.65
CA MET A 322 4.87 16.64 3.54
C MET A 322 5.80 16.16 2.44
N SER A 323 5.77 14.88 2.14
CA SER A 323 6.71 14.31 1.18
C SER A 323 6.69 15.04 -0.15
N ILE A 324 7.87 15.34 -0.67
CA ILE A 324 7.98 16.03 -1.94
C ILE A 324 7.45 15.19 -3.09
N GLN A 325 7.39 13.89 -2.89
CA GLN A 325 6.91 12.98 -3.92
C GLN A 325 5.38 12.96 -3.98
N ALA A 326 4.75 13.49 -2.93
CA ALA A 326 3.30 13.63 -2.91
C ALA A 326 2.94 14.97 -3.52
N ILE A 327 3.75 15.98 -3.21
CA ILE A 327 3.56 17.31 -3.75
C ILE A 327 3.69 17.30 -5.26
N SER A 328 4.66 16.53 -5.77
CA SER A 328 4.95 16.44 -7.19
C SER A 328 3.79 15.91 -8.01
N GLN A 329 2.77 15.37 -7.34
CA GLN A 329 1.60 14.86 -8.05
C GLN A 329 0.87 16.00 -8.72
N SER A 330 1.07 17.21 -8.22
CA SER A 330 0.41 18.40 -8.75
C SER A 330 0.89 18.71 -10.17
N PHE A 331 2.00 18.11 -10.59
CA PHE A 331 2.48 18.28 -11.95
C PHE A 331 2.86 16.95 -12.58
N GLY A 332 2.07 15.90 -12.30
CA GLY A 332 2.21 14.62 -12.98
C GLY A 332 3.05 13.58 -12.23
N GLY A 333 3.63 13.97 -11.10
CA GLY A 333 4.46 13.05 -10.34
C GLY A 333 5.89 13.07 -10.87
N ASN A 334 6.18 14.07 -11.70
CA ASN A 334 7.50 14.19 -12.32
C ASN A 334 8.49 14.83 -11.36
N ILE A 335 8.92 14.04 -10.39
CA ILE A 335 9.84 14.53 -9.37
C ILE A 335 11.19 14.91 -9.95
N ASP A 336 11.62 14.21 -10.99
CA ASP A 336 12.91 14.52 -11.58
C ASP A 336 12.94 15.92 -12.17
N LEU A 337 11.82 16.35 -12.75
CA LEU A 337 11.74 17.69 -13.32
C LEU A 337 11.99 18.73 -12.23
N LEU A 338 11.33 18.55 -11.09
CA LEU A 338 11.49 19.49 -9.99
C LEU A 338 12.93 19.54 -9.48
N LEU A 339 13.54 18.39 -9.27
CA LEU A 339 14.86 18.33 -8.68
C LEU A 339 15.90 18.98 -9.61
N ASN A 340 15.69 18.83 -10.91
CA ASN A 340 16.58 19.40 -11.89
C ASN A 340 16.50 20.93 -11.89
N LEU A 341 15.30 21.46 -11.62
CA LEU A 341 15.09 22.90 -11.60
C LEU A 341 15.60 23.51 -10.30
N LEU A 342 15.47 22.78 -9.20
CA LEU A 342 15.96 23.25 -7.91
C LEU A 342 17.49 23.29 -7.91
N GLY A 343 18.09 22.40 -8.69
CA GLY A 343 19.54 22.40 -8.85
C GLY A 343 20.23 21.51 -7.83
N TYR A 344 19.58 20.40 -7.49
CA TYR A 344 20.17 19.46 -6.56
C TYR A 344 20.99 18.42 -7.34
N THR A 345 22.31 18.48 -7.15
CA THR A 345 23.22 17.63 -7.91
C THR A 345 24.02 16.70 -7.00
N ALA A 346 23.61 16.60 -5.75
CA ALA A 346 24.32 15.80 -4.77
C ALA A 346 24.37 14.34 -5.18
N ASN A 347 25.49 13.68 -4.90
CA ASN A 347 25.67 12.28 -5.25
C ASN A 347 24.73 11.38 -4.46
N ASP A 348 24.33 11.81 -3.27
CA ASP A 348 23.45 11.04 -2.43
C ASP A 348 22.00 11.51 -2.54
N LEU A 349 21.71 12.32 -3.55
CA LEU A 349 20.37 12.86 -3.74
C LEU A 349 19.33 11.74 -3.82
N LEU A 350 19.68 10.66 -4.50
CA LEU A 350 18.73 9.57 -4.69
C LEU A 350 18.39 8.90 -3.37
N ASP A 351 19.34 8.85 -2.45
CA ASP A 351 19.11 8.25 -1.15
C ASP A 351 18.26 9.15 -0.26
N LEU A 352 18.48 10.45 -0.36
CA LEU A 352 17.68 11.41 0.40
C LEU A 352 16.23 11.36 -0.07
N LEU A 353 16.04 11.18 -1.37
CA LEU A 353 14.71 11.13 -1.96
C LEU A 353 13.97 9.87 -1.55
N GLU A 354 14.63 8.71 -1.67
CA GLU A 354 13.98 7.44 -1.37
C GLU A 354 13.71 7.24 0.12
N SER A 355 14.54 7.83 0.96
CA SER A 355 14.36 7.74 2.41
C SER A 355 13.26 8.70 2.89
N LYS A 356 12.69 9.46 1.96
CA LYS A 356 11.64 10.44 2.27
C LYS A 356 12.15 11.55 3.17
N SER A 357 13.38 11.99 2.95
CA SER A 357 13.96 13.06 3.74
C SER A 357 13.70 14.44 3.13
N ILE A 358 13.31 14.46 1.85
CA ILE A 358 13.03 15.72 1.17
C ILE A 358 11.53 16.01 1.21
N THR A 359 11.17 17.12 1.82
CA THR A 359 9.77 17.48 2.05
C THR A 359 9.49 18.91 1.68
N GLY A 360 8.21 19.30 1.68
CA GLY A 360 7.87 20.69 1.42
C GLY A 360 6.67 21.15 2.24
N GLN A 361 6.40 22.45 2.18
CA GLN A 361 5.32 23.09 2.91
C GLN A 361 4.60 24.12 2.06
N ILE A 362 3.27 24.19 2.17
CA ILE A 362 2.52 25.23 1.50
C ILE A 362 2.58 26.49 2.33
N THR A 363 3.12 27.56 1.76
CA THR A 363 3.31 28.77 2.56
C THR A 363 2.34 29.87 2.19
N TYR A 364 1.87 29.85 0.94
CA TYR A 364 0.96 30.89 0.47
C TYR A 364 0.07 30.38 -0.65
N ILE A 365 -1.20 30.77 -0.63
CA ILE A 365 -2.12 30.44 -1.71
C ILE A 365 -2.78 31.68 -2.27
N ASN A 366 -2.68 31.85 -3.59
CA ASN A 366 -3.36 32.95 -4.27
C ASN A 366 -4.62 32.40 -4.93
N LEU A 367 -5.77 32.70 -4.33
CA LEU A 367 -7.03 32.10 -4.77
C LEU A 367 -7.53 32.68 -6.08
N GLU A 368 -7.27 33.96 -6.31
CA GLU A 368 -7.74 34.62 -7.52
C GLU A 368 -7.02 34.12 -8.78
N HIS A 369 -5.71 33.90 -8.66
CA HIS A 369 -4.90 33.46 -9.78
C HIS A 369 -4.57 31.97 -9.69
N TYR A 370 -5.17 31.30 -8.71
CA TYR A 370 -5.05 29.87 -8.54
C TYR A 370 -3.64 29.31 -8.62
N PHE A 371 -2.74 29.82 -7.77
CA PHE A 371 -1.39 29.25 -7.68
C PHE A 371 -0.92 29.15 -6.22
N MET A 372 0.00 28.24 -5.98
CA MET A 372 0.54 28.02 -4.65
C MET A 372 2.03 28.30 -4.58
N VAL A 373 2.48 28.80 -3.44
CA VAL A 373 3.91 28.94 -3.18
C VAL A 373 4.34 27.83 -2.24
N ILE A 374 5.27 27.00 -2.70
CA ILE A 374 5.73 25.83 -1.96
C ILE A 374 7.18 25.98 -1.55
N ARG A 375 7.46 25.75 -0.27
CA ARG A 375 8.84 25.77 0.19
C ARG A 375 9.38 24.36 0.29
N VAL A 376 10.51 24.12 -0.36
CA VAL A 376 11.12 22.80 -0.38
C VAL A 376 12.31 22.75 0.57
N TYR A 377 12.28 21.79 1.49
CA TYR A 377 13.33 21.63 2.49
C TYR A 377 14.30 20.52 2.07
N TYR A 378 15.59 20.86 2.05
CA TYR A 378 16.62 19.93 1.61
C TYR A 378 17.64 19.66 2.74
N PRO A 379 17.54 18.50 3.38
CA PRO A 379 18.22 18.10 4.60
C PRO A 379 19.70 17.82 4.42
N ILE A 380 20.45 17.99 5.50
CA ILE A 380 21.84 17.57 5.54
C ILE A 380 21.96 16.31 6.38
N MET A 381 22.46 15.24 5.79
CA MET A 381 22.58 13.98 6.51
C MET A 381 23.70 14.01 7.52
N THR A 382 23.41 13.61 8.75
CA THR A 382 24.41 13.55 9.80
C THR A 382 24.67 12.12 10.23
N THR A 383 25.92 11.71 10.19
CA THR A 383 26.29 10.37 10.65
C THR A 383 26.40 10.41 12.16
N ILE A 384 25.76 9.47 12.82
CA ILE A 384 25.77 9.43 14.28
C ILE A 384 26.98 8.69 14.79
N SER A 385 27.76 9.35 15.65
CA SER A 385 28.98 8.76 16.18
C SER A 385 28.68 7.53 17.01
N ASN A 386 29.53 6.51 16.88
CA ASN A 386 29.42 5.30 17.67
C ASN A 386 28.02 4.69 17.57
N ALA A 387 27.46 4.69 16.37
CA ALA A 387 26.13 4.11 16.18
C ALA A 387 26.04 3.39 14.86
N TYR A 388 25.58 2.15 14.92
CA TYR A 388 25.47 1.31 13.74
C TYR A 388 24.37 0.28 13.88
N VAL A 389 23.94 -0.27 12.76
CA VAL A 389 22.92 -1.29 12.73
C VAL A 389 23.49 -2.62 12.27
N GLN A 390 23.31 -3.64 13.10
CA GLN A 390 23.84 -4.96 12.82
C GLN A 390 22.72 -5.91 12.42
N GLU A 391 22.87 -6.54 11.25
CA GLU A 391 21.83 -7.50 10.78
C GLU A 391 22.25 -8.92 11.10
N LEU A 392 21.27 -9.77 11.39
CA LEU A 392 21.52 -11.19 11.60
C LEU A 392 20.84 -12.03 10.54
N ILE A 393 21.53 -13.04 10.04
CA ILE A 393 20.96 -13.98 9.08
C ILE A 393 20.41 -15.18 9.82
N LYS A 394 19.11 -15.44 9.66
CA LYS A 394 18.48 -16.52 10.40
C LYS A 394 18.31 -17.77 9.57
N ILE A 395 18.85 -18.88 10.07
CA ILE A 395 18.65 -20.18 9.44
C ILE A 395 18.11 -21.14 10.48
N SER A 396 17.52 -22.24 10.02
CA SER A 396 16.98 -23.22 10.95
C SER A 396 18.08 -24.06 11.58
N PHE A 397 17.74 -24.72 12.68
CA PHE A 397 18.68 -25.58 13.39
C PHE A 397 17.98 -26.75 14.07
N ASN A 398 18.75 -27.77 14.41
CA ASN A 398 18.22 -28.95 15.09
C ASN A 398 18.14 -28.77 16.60
N VAL A 399 17.08 -29.26 17.20
CA VAL A 399 17.00 -29.27 18.66
C VAL A 399 16.90 -30.69 19.22
N ASP A 400 15.91 -31.44 18.79
CA ASP A 400 15.67 -32.78 19.32
C ASP A 400 15.30 -33.76 18.22
N GLY A 401 15.66 -33.44 16.99
CA GLY A 401 15.29 -34.23 15.82
C GLY A 401 14.38 -33.42 14.91
N SER A 402 13.64 -32.46 15.49
CA SER A 402 12.81 -31.58 14.70
C SER A 402 13.55 -30.29 14.37
N GLU A 403 13.01 -29.52 13.42
CA GLU A 403 13.66 -28.32 12.93
C GLU A 403 13.03 -27.05 13.50
N TRP A 404 13.89 -26.12 13.97
CA TRP A 404 13.44 -24.89 14.61
C TRP A 404 14.11 -23.64 14.05
N VAL A 405 13.42 -22.51 14.19
CA VAL A 405 13.97 -21.19 13.88
C VAL A 405 13.82 -20.22 15.05
N SER A 406 14.87 -19.46 15.35
CA SER A 406 14.82 -18.51 16.46
C SER A 406 13.96 -17.29 16.16
N LEU A 407 13.44 -16.65 17.20
CA LEU A 407 12.60 -15.46 17.04
C LEU A 407 13.29 -14.20 17.58
N VAL A 408 14.48 -13.94 17.08
CA VAL A 408 15.23 -12.72 17.39
C VAL A 408 15.14 -11.76 16.19
N PRO A 409 14.87 -10.47 16.43
CA PRO A 409 14.79 -9.43 15.41
C PRO A 409 15.99 -9.44 14.50
N SER A 410 15.75 -9.22 13.21
CA SER A 410 16.81 -9.27 12.20
C SER A 410 17.77 -8.10 12.31
N TYR A 411 17.26 -6.94 12.70
CA TYR A 411 18.11 -5.75 12.78
C TYR A 411 18.16 -5.19 14.20
N ILE A 412 19.39 -5.03 14.69
CA ILE A 412 19.63 -4.52 16.03
C ILE A 412 20.42 -3.22 15.97
N LEU A 413 19.96 -2.21 16.68
CA LEU A 413 20.63 -0.92 16.69
C LEU A 413 21.53 -0.80 17.90
N ILE A 414 22.81 -0.52 17.65
CA ILE A 414 23.79 -0.41 18.72
C ILE A 414 24.32 1.01 18.82
N ARG A 415 24.18 1.62 19.99
CA ARG A 415 24.65 2.99 20.21
C ARG A 415 25.54 3.07 21.42
N ASN A 416 26.81 3.41 21.18
CA ASN A 416 27.84 3.44 22.21
C ASN A 416 28.18 2.05 22.71
N SER A 417 27.23 1.40 23.36
CA SER A 417 27.41 0.04 23.85
C SER A 417 26.07 -0.57 24.21
N TYR A 418 25.01 0.21 23.98
CA TYR A 418 23.67 -0.20 24.37
C TYR A 418 22.89 -0.79 23.22
N LEU A 419 22.10 -1.81 23.51
CA LEU A 419 21.27 -2.46 22.50
C LEU A 419 19.86 -1.89 22.51
N SER A 420 19.30 -1.69 21.32
CA SER A 420 17.92 -1.25 21.18
C SER A 420 17.34 -1.77 19.88
N ASN A 421 16.04 -1.64 19.72
CA ASN A 421 15.38 -2.10 18.50
C ASN A 421 15.30 -0.97 17.49
N ILE A 422 15.21 -1.30 16.21
CA ILE A 422 15.04 -0.27 15.19
C ILE A 422 13.92 -0.60 14.21
N ASP A 423 13.04 0.36 13.98
CA ASP A 423 11.94 0.17 13.05
C ASP A 423 12.40 0.36 11.60
N ILE A 424 13.06 -0.64 11.04
CA ILE A 424 13.64 -0.50 9.71
C ILE A 424 12.63 -0.22 8.57
N SER A 425 11.37 -0.54 8.84
CA SER A 425 10.32 -0.28 7.84
C SER A 425 10.15 1.16 7.37
N GLU A 426 10.64 2.10 8.17
CA GLU A 426 10.59 3.52 7.84
C GLU A 426 11.94 4.10 7.37
N CYS A 427 12.95 3.23 7.17
CA CYS A 427 14.31 3.64 6.81
C CYS A 427 14.75 3.03 5.48
N LEU A 428 15.73 3.66 4.85
CA LEU A 428 16.32 3.14 3.63
C LEU A 428 17.58 2.34 3.94
N ILE A 429 17.61 1.09 3.49
CA ILE A 429 18.77 0.23 3.68
C ILE A 429 19.65 0.28 2.45
N THR A 430 20.90 0.67 2.63
CA THR A 430 21.84 0.78 1.52
C THR A 430 22.99 -0.18 1.73
N LYS A 431 23.97 -0.15 0.82
CA LYS A 431 25.09 -1.07 0.88
C LYS A 431 25.89 -0.98 2.19
N ASN A 432 26.02 0.22 2.74
CA ASN A 432 26.84 0.39 3.93
C ASN A 432 26.25 1.34 4.98
N SER A 433 24.96 1.67 4.86
CA SER A 433 24.35 2.57 5.83
C SER A 433 22.83 2.40 5.92
N VAL A 434 22.27 2.92 7.00
CA VAL A 434 20.82 3.00 7.17
C VAL A 434 20.41 4.46 7.28
N ILE A 435 19.63 4.91 6.30
CA ILE A 435 19.25 6.31 6.23
C ILE A 435 17.81 6.55 6.67
N CYS A 436 17.63 7.25 7.80
CA CYS A 436 16.33 7.50 8.40
C CYS A 436 16.03 8.99 8.47
N ARG A 437 14.77 9.35 8.23
CA ARG A 437 14.32 10.74 8.34
C ARG A 437 14.16 11.15 9.80
N HIS A 438 14.07 10.17 10.70
CA HIS A 438 13.99 10.40 12.13
C HIS A 438 14.84 9.35 12.83
N ASP A 439 14.97 9.47 14.15
CA ASP A 439 15.62 8.41 14.91
C ASP A 439 14.56 7.42 15.35
N PHE A 440 14.61 6.21 14.79
CA PHE A 440 13.56 5.22 15.00
C PHE A 440 13.96 4.14 16.00
N ALA A 441 14.84 4.50 16.92
CA ALA A 441 15.20 3.59 18.01
C ALA A 441 13.98 3.28 18.87
N MET A 442 13.87 2.03 19.30
CA MET A 442 12.78 1.58 20.17
C MET A 442 13.34 0.82 21.37
N PRO A 443 12.65 0.80 22.49
CA PRO A 443 12.99 0.06 23.70
C PRO A 443 13.13 -1.43 23.41
N MET A 444 14.07 -2.07 24.12
CA MET A 444 14.28 -3.49 24.02
C MET A 444 14.06 -4.12 25.39
N SER A 445 13.45 -5.31 25.41
CA SER A 445 13.15 -5.98 26.66
C SER A 445 14.41 -6.52 27.31
N TYR A 446 14.32 -6.84 28.60
CA TYR A 446 15.46 -7.33 29.34
C TYR A 446 15.79 -8.77 28.96
N THR A 447 14.77 -9.55 28.62
CA THR A 447 14.98 -10.94 28.25
C THR A 447 15.71 -11.04 26.92
N LEU A 448 15.42 -10.12 26.01
CA LEU A 448 16.09 -10.10 24.72
C LEU A 448 17.52 -9.62 24.85
N LYS A 449 17.76 -8.65 25.72
CA LYS A 449 19.12 -8.19 25.94
C LYS A 449 19.98 -9.33 26.49
N GLU A 450 19.43 -10.09 27.43
CA GLU A 450 20.16 -11.22 28.00
C GLU A 450 20.45 -12.30 26.95
N CYS A 451 19.48 -12.55 26.06
CA CYS A 451 19.64 -13.46 24.92
C CYS A 451 20.82 -13.05 24.06
N LEU A 452 20.84 -11.78 23.66
CA LEU A 452 21.86 -11.27 22.74
C LEU A 452 23.25 -11.25 23.35
N THR A 453 23.35 -11.13 24.68
CA THR A 453 24.64 -11.09 25.33
C THR A 453 25.17 -12.48 25.69
N GLY A 454 24.44 -13.54 25.32
CA GLY A 454 24.97 -14.89 25.50
C GLY A 454 24.07 -15.86 26.26
N ASP A 455 23.01 -15.38 26.90
CA ASP A 455 22.16 -16.30 27.63
C ASP A 455 21.13 -16.92 26.70
N THR A 456 21.55 -17.95 25.97
CA THR A 456 20.74 -18.52 24.90
C THR A 456 19.51 -19.24 25.43
N GLU A 457 19.47 -19.44 26.75
CA GLU A 457 18.31 -20.13 27.37
C GLU A 457 17.10 -19.21 27.32
N LYS A 458 17.31 -17.92 27.08
CA LYS A 458 16.21 -16.96 26.99
C LYS A 458 15.82 -16.56 25.57
N CYS A 459 16.36 -17.28 24.56
CA CYS A 459 16.07 -17.01 23.15
C CYS A 459 14.95 -17.94 22.67
N PRO A 460 13.75 -17.43 22.41
CA PRO A 460 12.53 -18.17 22.11
C PRO A 460 12.61 -18.86 20.75
N ARG A 461 11.95 -20.01 20.63
CA ARG A 461 11.98 -20.79 19.40
C ARG A 461 10.61 -20.97 18.74
N GLU A 462 10.60 -21.02 17.42
CA GLU A 462 9.40 -21.33 16.65
C GLU A 462 9.62 -22.57 15.77
N ALA A 463 8.65 -23.46 15.75
CA ALA A 463 8.76 -24.70 14.97
C ALA A 463 8.67 -24.42 13.49
N VAL A 464 9.35 -25.24 12.69
CA VAL A 464 9.23 -25.15 11.24
C VAL A 464 8.25 -26.17 10.70
N VAL A 465 7.24 -25.70 9.98
CA VAL A 465 6.25 -26.59 9.39
C VAL A 465 6.23 -26.45 7.87
N THR A 466 7.24 -25.80 7.33
CA THR A 466 7.32 -25.55 5.89
C THR A 466 8.65 -26.00 5.31
N SER A 467 8.72 -26.03 3.98
CA SER A 467 9.94 -26.34 3.28
C SER A 467 10.70 -25.06 2.92
N TYR A 468 9.99 -23.93 2.96
CA TYR A 468 10.57 -22.65 2.56
C TYR A 468 11.29 -21.97 3.71
N VAL A 469 12.40 -22.57 4.12
CA VAL A 469 13.23 -22.01 5.18
C VAL A 469 14.70 -22.18 4.80
N PRO A 470 15.53 -21.15 4.99
CA PRO A 470 16.97 -21.20 4.87
C PRO A 470 17.57 -22.24 5.80
N ARG A 471 18.45 -23.09 5.27
CA ARG A 471 19.09 -24.10 6.10
C ARG A 471 20.60 -23.95 6.09
N PHE A 472 21.10 -22.92 5.41
CA PHE A 472 22.52 -22.63 5.42
C PHE A 472 22.79 -21.17 5.07
N ALA A 473 23.97 -20.70 5.46
CA ALA A 473 24.42 -19.37 5.10
C ALA A 473 25.93 -19.26 5.15
N ILE A 474 26.49 -18.29 4.44
CA ILE A 474 27.92 -18.03 4.46
C ILE A 474 28.23 -16.77 5.23
N SER A 475 29.13 -16.87 6.20
CA SER A 475 29.58 -15.69 6.93
C SER A 475 30.99 -15.89 7.44
N GLY A 476 31.86 -14.93 7.15
CA GLY A 476 33.24 -15.00 7.58
C GLY A 476 34.03 -15.96 6.69
N GLY A 477 33.48 -16.26 5.52
CA GLY A 477 34.12 -17.18 4.60
C GLY A 477 33.84 -18.65 4.92
N VAL A 478 33.02 -18.91 5.93
CA VAL A 478 32.71 -20.30 6.31
C VAL A 478 31.22 -20.55 6.25
N ILE A 479 30.85 -21.83 6.24
CA ILE A 479 29.46 -22.21 6.08
C ILE A 479 28.83 -22.75 7.36
N TYR A 480 27.65 -22.23 7.69
CA TYR A 480 26.86 -22.76 8.78
C TYR A 480 25.65 -23.45 8.19
N ALA A 481 25.45 -24.73 8.51
CA ALA A 481 24.36 -25.46 7.89
C ALA A 481 23.76 -26.52 8.81
N ASN A 482 22.46 -26.78 8.60
CA ASN A 482 21.77 -27.88 9.27
C ASN A 482 21.83 -29.13 8.42
N CYS A 483 22.78 -30.02 8.71
CA CYS A 483 23.08 -31.17 7.85
C CYS A 483 22.24 -32.39 8.23
N LEU A 484 21.20 -32.16 9.03
CA LEU A 484 20.22 -33.22 9.28
C LEU A 484 18.99 -33.01 8.43
N SER A 485 18.63 -31.76 8.20
CA SER A 485 17.48 -31.44 7.36
C SER A 485 17.85 -31.46 5.88
N THR A 486 19.11 -31.19 5.56
CA THR A 486 19.57 -31.29 4.19
C THR A 486 20.81 -32.15 4.10
N THR A 487 21.30 -32.37 2.89
CA THR A 487 22.47 -33.23 2.69
C THR A 487 23.73 -32.42 2.43
N CYS A 488 24.79 -32.71 3.19
CA CYS A 488 26.10 -32.07 3.06
C CYS A 488 27.14 -33.13 2.69
N GLN A 489 27.80 -32.95 1.55
CA GLN A 489 28.85 -33.86 1.11
C GLN A 489 30.14 -33.14 0.83
N CYS A 490 31.27 -33.80 1.05
CA CYS A 490 32.58 -33.25 0.73
C CYS A 490 32.93 -33.53 -0.74
N TYR A 491 33.08 -32.47 -1.51
CA TYR A 491 33.31 -32.59 -2.95
C TYR A 491 34.53 -33.44 -3.25
N GLN A 492 35.58 -33.25 -2.46
CA GLN A 492 36.87 -33.90 -2.70
C GLN A 492 36.82 -35.42 -2.56
N THR A 493 36.03 -35.93 -1.60
CA THR A 493 36.02 -37.36 -1.32
C THR A 493 34.69 -38.04 -1.62
N GLY A 494 33.61 -37.26 -1.66
CA GLY A 494 32.27 -37.78 -1.88
C GLY A 494 31.60 -38.22 -0.57
N LYS A 495 32.35 -38.14 0.52
CA LYS A 495 31.87 -38.57 1.82
C LYS A 495 30.88 -37.58 2.42
N VAL A 496 29.93 -38.09 3.20
CA VAL A 496 28.94 -37.25 3.84
C VAL A 496 29.49 -36.58 5.09
N ILE A 497 29.24 -35.28 5.22
CA ILE A 497 29.62 -34.55 6.43
C ILE A 497 28.46 -34.56 7.40
N ALA A 498 28.52 -35.46 8.38
CA ALA A 498 27.38 -35.69 9.25
C ALA A 498 27.56 -34.98 10.58
N GLN A 499 26.42 -34.64 11.19
CA GLN A 499 26.40 -34.09 12.55
C GLN A 499 25.55 -35.02 13.40
N ASP A 500 25.78 -34.99 14.72
CA ASP A 500 25.03 -35.89 15.58
C ASP A 500 23.70 -35.26 15.99
N GLY A 501 22.90 -36.00 16.75
CA GLY A 501 21.58 -35.54 17.16
C GLY A 501 21.66 -34.58 18.33
N SER A 502 22.86 -34.43 18.87
CA SER A 502 23.09 -33.53 19.99
C SER A 502 23.53 -32.16 19.51
N GLN A 503 23.74 -32.03 18.20
CA GLN A 503 24.24 -30.80 17.62
C GLN A 503 23.13 -30.00 16.96
N THR A 504 23.22 -28.68 17.05
CA THR A 504 22.29 -27.78 16.41
C THR A 504 22.67 -27.53 14.95
N LEU A 505 23.87 -26.98 14.77
CA LEU A 505 24.41 -26.68 13.46
C LEU A 505 25.83 -27.16 13.30
N MET A 506 26.19 -27.50 12.07
CA MET A 506 27.56 -27.87 11.75
C MET A 506 28.25 -26.71 11.04
N MET A 507 29.44 -26.35 11.49
CA MET A 507 30.21 -25.31 10.83
C MET A 507 31.30 -25.93 10.00
N ILE A 508 31.34 -25.56 8.72
CA ILE A 508 32.27 -26.17 7.79
C ILE A 508 33.29 -25.15 7.26
N ASP A 509 34.56 -25.46 7.44
CA ASP A 509 35.65 -24.63 6.94
C ASP A 509 36.61 -25.47 6.10
N ASN A 510 37.66 -24.86 5.57
CA ASN A 510 38.59 -25.56 4.66
C ASN A 510 39.59 -26.45 5.42
N GLN A 511 39.45 -26.54 6.75
CA GLN A 511 40.22 -27.47 7.57
C GLN A 511 39.47 -28.78 7.67
N THR A 512 38.25 -28.78 7.13
CA THR A 512 37.37 -29.94 7.11
C THR A 512 37.21 -30.47 5.68
N CYS A 513 36.84 -29.56 4.77
CA CYS A 513 36.66 -29.87 3.35
C CYS A 513 36.73 -28.58 2.54
N SER A 514 37.58 -28.54 1.52
CA SER A 514 37.79 -27.31 0.75
C SER A 514 36.54 -26.89 -0.01
N ILE A 515 35.83 -27.86 -0.59
CA ILE A 515 34.60 -27.58 -1.31
C ILE A 515 33.48 -28.49 -0.83
N VAL A 516 32.39 -27.90 -0.37
CA VAL A 516 31.30 -28.69 0.16
C VAL A 516 30.07 -28.58 -0.74
N ARG A 517 29.44 -29.71 -1.00
CA ARG A 517 28.24 -29.77 -1.80
C ARG A 517 27.01 -29.77 -0.92
N ILE A 518 26.27 -28.68 -0.93
CA ILE A 518 25.06 -28.57 -0.12
C ILE A 518 23.87 -28.49 -1.05
N GLU A 519 23.00 -29.49 -0.97
CA GLU A 519 21.95 -29.64 -1.96
C GLU A 519 22.69 -30.04 -3.24
N GLU A 520 22.74 -29.12 -4.21
CA GLU A 520 23.47 -29.34 -5.48
C GLU A 520 24.28 -28.09 -5.80
N ILE A 521 24.76 -27.37 -4.79
CA ILE A 521 25.48 -26.11 -4.94
C ILE A 521 26.85 -26.41 -4.35
N LEU A 522 27.90 -26.16 -5.12
CA LEU A 522 29.26 -26.36 -4.65
C LEU A 522 29.83 -25.06 -4.11
N ILE A 523 30.17 -25.05 -2.83
CA ILE A 523 30.68 -23.84 -2.21
C ILE A 523 32.09 -24.03 -1.66
N SER A 524 33.01 -23.18 -2.06
CA SER A 524 34.36 -23.25 -1.51
C SER A 524 34.44 -22.42 -0.25
N THR A 525 35.28 -22.85 0.69
CA THR A 525 35.37 -22.20 2.00
C THR A 525 36.77 -21.72 2.35
N GLY A 526 36.84 -20.86 3.37
CA GLY A 526 38.11 -20.42 3.95
C GLY A 526 38.26 -20.94 5.38
N LYS A 527 39.22 -20.39 6.11
CA LYS A 527 39.46 -20.80 7.49
C LYS A 527 38.54 -20.07 8.46
N TYR A 528 38.18 -20.73 9.56
CA TYR A 528 37.35 -20.11 10.58
C TYR A 528 38.17 -19.32 11.58
N LEU A 529 37.81 -18.06 11.77
CA LEU A 529 38.46 -17.22 12.75
C LEU A 529 37.64 -17.19 14.03
N GLY A 530 38.19 -17.78 15.08
CA GLY A 530 37.47 -17.96 16.33
C GLY A 530 37.92 -19.26 17.00
N SER A 531 37.08 -19.79 17.89
CA SER A 531 37.42 -21.02 18.58
C SER A 531 37.53 -22.18 17.60
N GLN A 532 38.50 -23.04 17.81
CA GLN A 532 38.70 -24.19 16.94
C GLN A 532 37.97 -25.42 17.49
N GLU A 533 37.25 -25.21 18.60
CA GLU A 533 36.48 -26.25 19.24
C GLU A 533 34.99 -25.99 19.05
N TYR A 534 34.67 -25.14 18.09
CA TYR A 534 33.29 -24.73 17.83
C TYR A 534 32.36 -25.93 17.65
N ASN A 535 32.80 -26.93 16.88
CA ASN A 535 31.93 -28.06 16.54
C ASN A 535 31.81 -29.08 17.67
N THR A 536 32.50 -28.84 18.78
CA THR A 536 32.39 -29.71 19.94
C THR A 536 31.78 -28.95 21.11
N MET A 537 31.30 -27.74 20.82
CA MET A 537 30.70 -26.87 21.81
C MET A 537 29.19 -27.06 21.82
N HIS A 538 28.60 -27.11 23.00
CA HIS A 538 27.16 -27.30 23.12
C HIS A 538 26.46 -26.05 23.64
N VAL A 539 25.22 -25.86 23.24
CA VAL A 539 24.46 -24.68 23.62
C VAL A 539 23.08 -25.06 24.15
N SER A 540 22.62 -24.33 25.16
CA SER A 540 21.26 -24.51 25.67
C SER A 540 20.28 -23.73 24.79
N VAL A 541 19.04 -24.19 24.73
CA VAL A 541 18.04 -23.47 23.95
C VAL A 541 16.85 -23.05 24.81
N GLY A 542 16.09 -22.08 24.32
CA GLY A 542 14.95 -21.55 25.06
C GLY A 542 13.70 -22.38 24.85
N ASN A 543 12.56 -21.88 25.32
CA ASN A 543 11.30 -22.58 25.21
C ASN A 543 10.65 -22.32 23.85
N PRO A 544 9.84 -23.26 23.34
CA PRO A 544 8.93 -23.11 22.22
C PRO A 544 7.87 -22.08 22.53
N VAL A 545 7.59 -21.22 21.56
CA VAL A 545 6.53 -20.23 21.69
C VAL A 545 5.67 -20.19 20.44
N PHE A 546 4.48 -19.64 20.55
CA PHE A 546 3.63 -19.43 19.39
C PHE A 546 3.28 -17.96 19.23
N THR A 547 3.16 -17.50 17.98
CA THR A 547 2.87 -16.11 17.66
C THR A 547 1.58 -16.01 16.85
N ALA B 123 -9.97 -33.52 10.15
CA ALA B 123 -9.70 -33.51 11.59
C ALA B 123 -10.66 -32.57 12.34
N ILE B 124 -11.19 -31.57 11.65
CA ILE B 124 -12.08 -30.56 12.23
C ILE B 124 -13.48 -31.12 12.45
N HIS B 125 -14.02 -30.91 13.65
CA HIS B 125 -15.38 -31.37 13.96
C HIS B 125 -16.37 -30.23 13.73
N TYR B 126 -16.98 -30.21 12.55
CA TYR B 126 -17.76 -29.06 12.11
C TYR B 126 -19.11 -28.96 12.79
N GLU B 127 -19.71 -30.10 13.12
CA GLU B 127 -21.06 -30.08 13.68
C GLU B 127 -21.11 -29.39 15.04
N THR B 128 -20.02 -29.50 15.80
CA THR B 128 -19.97 -28.88 17.12
C THR B 128 -19.46 -27.44 17.04
N LEU B 129 -18.55 -27.17 16.12
CA LEU B 129 -18.01 -25.82 15.98
C LEU B 129 -19.05 -24.85 15.46
N SER B 130 -20.00 -25.35 14.67
CA SER B 130 -21.05 -24.50 14.16
C SER B 130 -21.93 -23.96 15.28
N LYS B 131 -21.87 -24.58 16.46
CA LYS B 131 -22.66 -24.13 17.59
C LYS B 131 -22.09 -22.87 18.21
N ILE B 132 -20.88 -22.51 17.82
CA ILE B 132 -20.25 -21.29 18.32
C ILE B 132 -19.97 -20.32 17.17
N GLY B 133 -20.67 -20.50 16.06
CA GLY B 133 -20.62 -19.53 14.96
C GLY B 133 -19.58 -19.83 13.89
N LEU B 134 -18.96 -21.01 13.93
CA LEU B 134 -17.97 -21.36 12.92
C LEU B 134 -18.57 -22.30 11.89
N ILE B 135 -19.03 -21.73 10.78
CA ILE B 135 -19.80 -22.47 9.80
C ILE B 135 -18.94 -22.89 8.61
N LYS B 136 -18.94 -24.18 8.31
CA LYS B 136 -18.12 -24.70 7.23
C LYS B 136 -18.42 -23.97 5.92
N GLY B 137 -17.37 -23.47 5.27
CA GLY B 137 -17.51 -22.77 4.01
C GLY B 137 -16.99 -23.61 2.84
N ILE B 138 -16.28 -22.95 1.94
CA ILE B 138 -15.79 -23.55 0.70
C ILE B 138 -14.42 -24.21 0.88
N THR B 139 -14.29 -25.43 0.37
CA THR B 139 -13.03 -26.15 0.38
C THR B 139 -12.24 -25.88 -0.91
N ARG B 140 -10.97 -25.54 -0.77
CA ARG B 140 -10.12 -25.23 -1.93
C ARG B 140 -8.84 -26.06 -1.95
N GLU B 141 -8.36 -26.40 -3.14
CA GLU B 141 -7.11 -27.15 -3.27
C GLU B 141 -5.90 -26.26 -3.01
N TYR B 142 -4.84 -26.83 -2.43
CA TYR B 142 -3.63 -26.07 -2.16
C TYR B 142 -2.58 -26.28 -3.25
N LYS B 143 -2.13 -25.18 -3.87
CA LYS B 143 -1.17 -25.25 -4.97
C LYS B 143 0.03 -24.34 -4.73
N VAL B 144 1.22 -24.85 -5.05
CA VAL B 144 2.46 -24.07 -4.92
C VAL B 144 3.31 -24.21 -6.19
N LYS B 145 3.94 -23.13 -6.62
CA LYS B 145 4.71 -23.15 -7.86
C LYS B 145 5.96 -24.03 -7.75
N GLY B 146 6.32 -24.68 -8.86
CA GLY B 146 7.51 -25.53 -8.93
C GLY B 146 8.58 -24.94 -9.86
N THR B 147 9.34 -25.83 -10.49
CA THR B 147 10.48 -25.46 -11.34
C THR B 147 10.04 -24.73 -12.62
N PRO B 148 10.55 -23.53 -12.88
CA PRO B 148 10.27 -22.68 -14.02
C PRO B 148 11.08 -23.02 -15.26
N SER B 149 10.55 -22.62 -16.42
CA SER B 149 11.32 -22.51 -17.65
C SER B 149 11.70 -21.05 -17.82
N SER B 150 12.56 -20.72 -18.78
CA SER B 150 12.97 -19.33 -18.91
C SER B 150 13.22 -18.85 -20.33
N LYS B 151 13.02 -17.55 -20.53
CA LYS B 151 13.31 -16.85 -21.79
C LYS B 151 14.03 -15.54 -21.52
N ASP B 152 14.87 -15.12 -22.46
CA ASP B 152 15.59 -13.86 -22.32
C ASP B 152 15.03 -12.75 -23.21
N ILE B 153 14.91 -11.55 -22.64
CA ILE B 153 14.49 -10.36 -23.37
C ILE B 153 15.49 -9.24 -23.18
N VAL B 154 15.45 -8.25 -24.07
CA VAL B 154 16.31 -7.08 -23.94
C VAL B 154 15.51 -5.81 -23.78
N ILE B 155 15.83 -5.02 -22.76
CA ILE B 155 15.15 -3.76 -22.55
C ILE B 155 16.11 -2.58 -22.75
N LYS B 156 15.74 -1.70 -23.67
CA LYS B 156 16.59 -0.56 -23.98
C LYS B 156 16.09 0.69 -23.29
N LEU B 157 17.00 1.43 -22.67
CA LEU B 157 16.63 2.58 -21.85
C LEU B 157 16.74 3.91 -22.59
N ILE B 158 17.54 3.96 -23.65
CA ILE B 158 17.68 5.20 -24.42
C ILE B 158 16.98 5.08 -25.77
N PRO B 159 16.03 5.96 -26.07
CA PRO B 159 15.23 5.99 -27.27
C PRO B 159 16.02 6.46 -28.48
N ASN B 160 15.53 6.12 -29.65
CA ASN B 160 16.07 6.58 -30.94
C ASN B 160 15.39 7.88 -31.36
N VAL B 161 16.15 8.98 -31.33
CA VAL B 161 15.64 10.31 -31.61
C VAL B 161 16.24 10.89 -32.89
N THR B 162 16.66 10.02 -33.80
CA THR B 162 17.23 10.50 -35.06
C THR B 162 16.13 11.00 -36.00
N GLY B 163 14.89 10.65 -35.68
CA GLY B 163 13.75 11.12 -36.45
C GLY B 163 13.51 12.60 -36.15
N LEU B 164 14.16 13.09 -35.09
CA LEU B 164 14.04 14.47 -34.67
C LEU B 164 15.33 15.24 -34.98
N ASN B 165 16.15 14.69 -35.87
CA ASN B 165 17.48 15.25 -36.15
C ASN B 165 17.45 16.60 -36.86
N LYS B 166 16.26 17.11 -37.14
CA LYS B 166 16.14 18.48 -37.62
C LYS B 166 16.36 19.47 -36.49
N CYS B 167 16.26 18.99 -35.25
CA CYS B 167 16.51 19.87 -34.11
C CYS B 167 17.88 19.45 -33.57
N THR B 168 18.87 20.30 -33.86
CA THR B 168 20.28 20.03 -33.57
C THR B 168 20.68 20.21 -32.09
N ASN B 169 19.77 20.74 -31.28
CA ASN B 169 20.03 21.02 -29.86
C ASN B 169 19.72 19.83 -28.95
N ILE B 170 19.32 18.68 -29.52
CA ILE B 170 19.06 17.47 -28.75
C ILE B 170 20.35 16.66 -28.59
N SER B 171 20.79 16.47 -27.34
CA SER B 171 22.06 15.80 -27.10
C SER B 171 21.92 14.48 -26.34
N MET B 172 20.86 14.37 -25.53
CA MET B 172 20.63 13.19 -24.68
C MET B 172 21.74 12.99 -23.64
N GLU B 173 22.63 13.97 -23.48
CA GLU B 173 23.76 13.79 -22.58
C GLU B 173 23.37 13.76 -21.11
N ASN B 174 22.44 14.62 -20.73
CA ASN B 174 22.04 14.69 -19.33
C ASN B 174 21.31 13.42 -18.93
N TYR B 175 20.55 12.87 -19.88
CA TYR B 175 19.80 11.66 -19.63
C TYR B 175 20.74 10.49 -19.38
N LYS B 176 21.79 10.39 -20.20
CA LYS B 176 22.77 9.32 -20.04
C LYS B 176 23.41 9.36 -18.65
N GLU B 177 23.76 10.56 -18.17
CA GLU B 177 24.38 10.69 -16.86
C GLU B 177 23.43 10.23 -15.75
N GLN B 178 22.15 10.54 -15.91
CA GLN B 178 21.16 10.13 -14.93
C GLN B 178 21.02 8.61 -14.87
N LEU B 179 21.16 7.95 -16.01
CA LEU B 179 21.08 6.49 -16.05
C LEU B 179 22.30 5.85 -15.41
N ASP B 180 23.46 6.47 -15.58
CA ASP B 180 24.69 5.94 -14.99
C ASP B 180 24.55 5.79 -13.48
N LYS B 181 23.87 6.75 -12.87
CA LYS B 181 23.65 6.76 -11.42
C LYS B 181 22.79 5.59 -10.94
N ILE B 182 22.08 4.94 -11.86
CA ILE B 182 21.26 3.80 -11.52
C ILE B 182 21.93 2.49 -11.90
N LEU B 183 22.47 2.45 -13.11
CA LEU B 183 23.01 1.21 -13.68
C LEU B 183 24.33 0.77 -13.08
N ILE B 184 25.23 1.72 -12.79
CA ILE B 184 26.54 1.33 -12.29
C ILE B 184 26.50 0.62 -10.94
N PRO B 185 25.77 1.14 -9.94
CA PRO B 185 25.57 0.53 -8.63
C PRO B 185 25.05 -0.90 -8.72
N ILE B 186 24.30 -1.20 -9.78
CA ILE B 186 23.76 -2.54 -10.00
C ILE B 186 24.79 -3.44 -10.66
N ASN B 187 25.43 -2.91 -11.70
CA ASN B 187 26.40 -3.68 -12.45
C ASN B 187 27.56 -4.14 -11.56
N ASN B 188 27.90 -3.32 -10.57
CA ASN B 188 28.99 -3.64 -9.66
C ASN B 188 28.71 -4.87 -8.80
N ILE B 189 27.45 -5.22 -8.64
CA ILE B 189 27.09 -6.38 -7.85
C ILE B 189 27.02 -7.62 -8.74
N ILE B 190 26.45 -7.45 -9.93
CA ILE B 190 26.32 -8.55 -10.86
C ILE B 190 27.71 -9.02 -11.25
N GLU B 191 28.62 -8.09 -11.48
CA GLU B 191 30.00 -8.43 -11.85
C GLU B 191 30.71 -9.21 -10.74
N LEU B 192 30.41 -8.89 -9.48
CA LEU B 192 31.03 -9.61 -8.37
C LEU B 192 30.67 -11.09 -8.36
N TYR B 193 29.38 -11.39 -8.47
CA TYR B 193 28.93 -12.77 -8.47
C TYR B 193 29.40 -13.49 -9.72
N ALA B 194 29.39 -12.79 -10.85
CA ALA B 194 29.85 -13.38 -12.10
C ALA B 194 31.33 -13.78 -12.03
N ASN B 195 32.14 -12.99 -11.32
CA ASN B 195 33.56 -13.26 -11.12
C ASN B 195 33.80 -14.39 -10.11
N SER B 196 32.91 -14.49 -9.11
CA SER B 196 33.05 -15.47 -8.03
C SER B 196 32.69 -16.89 -8.46
N THR B 197 31.77 -17.03 -9.42
CA THR B 197 31.34 -18.36 -9.86
C THR B 197 32.14 -18.88 -11.04
N LYS B 198 32.53 -20.14 -10.98
CA LYS B 198 33.19 -20.82 -12.07
C LYS B 198 32.65 -22.24 -12.20
N SER B 199 32.69 -22.80 -13.40
CA SER B 199 32.22 -24.17 -13.58
C SER B 199 33.18 -25.16 -12.93
N ALA B 200 32.66 -26.32 -12.52
CA ALA B 200 33.45 -27.39 -11.92
C ALA B 200 34.17 -28.19 -12.99
N ALA B 204 36.78 -34.35 -10.79
CA ALA B 204 35.48 -33.82 -10.41
C ALA B 204 34.49 -34.96 -10.13
N ARG B 205 34.20 -35.20 -8.85
CA ARG B 205 33.27 -36.23 -8.42
C ARG B 205 31.83 -35.82 -8.71
N PHE B 206 31.57 -34.52 -8.66
CA PHE B 206 30.24 -34.00 -8.95
C PHE B 206 30.33 -32.91 -9.99
N ALA B 207 29.31 -32.82 -10.83
CA ALA B 207 29.19 -31.73 -11.80
C ALA B 207 28.46 -30.57 -11.16
N GLY B 208 28.71 -29.36 -11.65
CA GLY B 208 28.01 -28.18 -11.14
C GLY B 208 28.84 -26.92 -11.27
N VAL B 209 28.46 -25.92 -10.48
CA VAL B 209 29.11 -24.62 -10.47
C VAL B 209 29.62 -24.31 -9.08
N ILE B 210 30.86 -23.86 -9.00
CA ILE B 210 31.49 -23.56 -7.72
C ILE B 210 31.46 -22.08 -7.42
N ILE B 211 30.89 -21.72 -6.28
CA ILE B 211 30.79 -20.33 -5.86
C ILE B 211 31.76 -20.10 -4.71
N ALA B 212 32.47 -18.97 -4.75
CA ALA B 212 33.52 -18.70 -3.77
C ALA B 212 32.98 -18.02 -2.53
N GLY B 213 32.90 -18.77 -1.43
CA GLY B 213 32.39 -18.24 -0.18
C GLY B 213 33.30 -17.16 0.37
N VAL B 214 34.60 -17.31 0.15
CA VAL B 214 35.57 -16.35 0.66
C VAL B 214 35.45 -15.00 -0.04
N ALA B 215 35.30 -15.04 -1.37
CA ALA B 215 35.19 -13.83 -2.16
C ALA B 215 33.97 -13.02 -1.77
N LEU B 216 32.87 -13.71 -1.45
CA LEU B 216 31.64 -13.03 -1.06
C LEU B 216 31.68 -12.58 0.39
N GLY B 217 32.27 -13.41 1.25
CA GLY B 217 32.38 -13.10 2.67
C GLY B 217 31.10 -13.43 3.41
N VAL B 218 30.04 -12.70 3.07
CA VAL B 218 28.72 -12.89 3.66
C VAL B 218 27.64 -13.05 2.59
N ALA B 219 26.87 -14.13 2.66
CA ALA B 219 25.77 -14.34 1.72
C ALA B 219 24.69 -15.23 2.32
N ALA B 220 23.44 -14.88 2.05
CA ALA B 220 22.32 -15.72 2.45
C ALA B 220 22.04 -16.75 1.38
N ALA B 221 21.35 -17.82 1.74
CA ALA B 221 21.02 -18.88 0.79
C ALA B 221 20.32 -18.33 -0.45
N ALA B 222 19.53 -17.27 -0.26
CA ALA B 222 18.78 -16.67 -1.36
C ALA B 222 19.71 -16.14 -2.46
N GLN B 223 20.85 -15.56 -2.07
CA GLN B 223 21.76 -14.96 -3.03
C GLN B 223 22.74 -15.98 -3.56
N ILE B 224 23.02 -16.99 -2.76
CA ILE B 224 23.91 -18.06 -3.18
C ILE B 224 23.26 -18.82 -4.33
N THR B 225 21.98 -19.16 -4.15
CA THR B 225 21.21 -19.86 -5.16
C THR B 225 21.06 -19.01 -6.42
N ALA B 226 20.70 -17.75 -6.24
CA ALA B 226 20.54 -16.85 -7.38
C ALA B 226 21.86 -16.65 -8.11
N GLY B 227 22.95 -16.61 -7.37
CA GLY B 227 24.28 -16.43 -7.94
C GLY B 227 24.61 -17.55 -8.92
N ILE B 228 24.17 -18.76 -8.62
CA ILE B 228 24.39 -19.89 -9.51
C ILE B 228 23.55 -19.72 -10.78
N ALA B 229 22.29 -19.32 -10.61
CA ALA B 229 21.42 -19.08 -11.74
C ALA B 229 21.98 -17.98 -12.64
N LEU B 230 22.60 -16.98 -12.02
CA LEU B 230 23.20 -15.87 -12.76
C LEU B 230 24.34 -16.38 -13.64
N HIS B 231 25.19 -17.23 -13.08
CA HIS B 231 26.30 -17.81 -13.83
C HIS B 231 25.81 -18.45 -15.11
N GLU B 232 24.79 -19.30 -14.99
CA GLU B 232 24.27 -20.01 -16.14
C GLU B 232 23.61 -19.08 -17.15
N ALA B 233 22.84 -18.11 -16.66
CA ALA B 233 22.12 -17.20 -17.52
C ALA B 233 23.06 -16.36 -18.37
N ARG B 234 24.18 -15.96 -17.78
CA ARG B 234 25.12 -15.08 -18.47
C ARG B 234 25.83 -15.77 -19.62
N GLN B 235 25.73 -17.09 -19.70
CA GLN B 235 26.35 -17.81 -20.80
C GLN B 235 25.62 -17.49 -22.10
N ASN B 236 24.37 -17.03 -21.98
CA ASN B 236 23.58 -16.65 -23.14
C ASN B 236 23.55 -15.14 -23.30
N ALA B 237 23.52 -14.42 -22.17
CA ALA B 237 23.45 -12.97 -22.21
C ALA B 237 24.64 -12.37 -22.95
N GLU B 238 25.81 -12.98 -22.79
CA GLU B 238 27.01 -12.50 -23.47
C GLU B 238 26.96 -12.80 -24.96
N ARG B 239 26.08 -13.72 -25.38
CA ARG B 239 25.91 -14.03 -26.82
C ARG B 239 24.92 -13.03 -27.41
N ILE B 240 23.91 -12.65 -26.65
CA ILE B 240 22.97 -11.62 -27.07
C ILE B 240 23.70 -10.29 -27.26
N ASN B 241 24.66 -10.03 -26.39
CA ASN B 241 25.44 -8.80 -26.42
C ASN B 241 26.20 -8.62 -27.74
N LEU B 242 26.33 -9.68 -28.52
CA LEU B 242 27.03 -9.59 -29.80
C LEU B 242 26.18 -8.83 -30.81
N LEU B 243 24.93 -8.59 -30.44
CA LEU B 243 23.99 -7.84 -31.27
C LEU B 243 23.85 -6.42 -30.76
N LYS B 244 24.77 -5.98 -29.90
CA LYS B 244 24.67 -4.67 -29.27
C LYS B 244 24.50 -3.54 -30.28
N ASP B 245 25.07 -3.69 -31.47
CA ASP B 245 24.94 -2.64 -32.49
C ASP B 245 23.57 -2.72 -33.16
N SER B 246 23.03 -3.93 -33.26
CA SER B 246 21.72 -4.12 -33.87
C SER B 246 20.61 -3.77 -32.88
N ILE B 247 20.92 -3.89 -31.59
CA ILE B 247 20.00 -3.52 -30.52
C ILE B 247 19.87 -2.00 -30.45
N SER B 248 20.99 -1.30 -30.56
CA SER B 248 20.96 0.15 -30.57
C SER B 248 20.34 0.71 -31.84
N ALA B 249 20.56 0.02 -32.96
CA ALA B 249 20.06 0.47 -34.25
C ALA B 249 18.62 0.04 -34.51
N THR B 250 17.71 0.45 -33.63
CA THR B 250 16.28 0.20 -33.82
C THR B 250 15.49 1.45 -33.46
N ASN B 251 14.31 1.60 -34.06
CA ASN B 251 13.47 2.76 -33.74
C ASN B 251 12.03 2.40 -33.43
N ASN B 252 11.74 1.10 -33.33
CA ASN B 252 10.40 0.65 -33.00
C ASN B 252 10.29 0.38 -31.52
N ALA B 253 9.07 0.48 -30.97
CA ALA B 253 8.85 0.14 -29.57
C ALA B 253 9.18 -1.32 -29.33
N VAL B 254 8.88 -2.16 -30.30
CA VAL B 254 9.20 -3.58 -30.23
C VAL B 254 9.92 -4.02 -31.49
N ALA B 255 11.04 -4.71 -31.32
CA ALA B 255 11.80 -5.21 -32.46
C ALA B 255 12.24 -6.65 -32.23
N GLU B 256 12.34 -7.40 -33.31
CA GLU B 256 12.82 -8.78 -33.25
C GLU B 256 14.13 -8.93 -34.00
N LEU B 257 15.20 -9.25 -33.28
CA LEU B 257 16.50 -9.39 -33.91
C LEU B 257 16.85 -10.86 -34.09
N GLN B 258 17.49 -11.18 -35.21
CA GLN B 258 17.90 -12.55 -35.48
C GLN B 258 19.32 -12.83 -35.01
N GLU B 259 19.44 -13.88 -34.19
CA GLU B 259 20.77 -14.27 -33.70
C GLU B 259 21.45 -15.18 -34.73
N ALA B 260 22.77 -15.30 -34.65
CA ALA B 260 23.57 -16.14 -35.55
C ALA B 260 23.09 -17.59 -35.56
N THR B 261 22.48 -18.01 -34.45
CA THR B 261 22.04 -19.38 -34.27
C THR B 261 20.60 -19.60 -34.74
N GLY B 262 19.96 -18.54 -35.22
CA GLY B 262 18.58 -18.62 -35.68
C GLY B 262 17.57 -18.25 -34.59
N GLY B 263 18.07 -17.95 -33.40
CA GLY B 263 17.20 -17.57 -32.28
C GLY B 263 16.68 -16.15 -32.46
N ILE B 264 15.60 -15.82 -31.75
CA ILE B 264 15.02 -14.49 -31.83
C ILE B 264 15.11 -13.73 -30.52
N VAL B 265 15.64 -12.52 -30.59
CA VAL B 265 15.72 -11.65 -29.43
C VAL B 265 14.64 -10.59 -29.47
N ASN B 266 13.81 -10.54 -28.44
CA ASN B 266 12.75 -9.56 -28.36
C ASN B 266 13.23 -8.32 -27.64
N VAL B 267 13.31 -7.21 -28.36
CA VAL B 267 13.81 -5.96 -27.80
C VAL B 267 12.64 -5.02 -27.52
N ILE B 268 12.52 -4.62 -26.26
CA ILE B 268 11.45 -3.73 -25.83
C ILE B 268 12.03 -2.37 -25.44
N THR B 269 11.56 -1.32 -26.07
CA THR B 269 12.09 0.01 -25.82
C THR B 269 10.98 0.96 -25.40
N GLY B 270 11.19 1.69 -24.32
CA GLY B 270 10.20 2.68 -23.89
C GLY B 270 10.40 3.96 -24.69
N MET B 271 9.54 4.94 -24.49
CA MET B 271 9.68 6.23 -25.15
C MET B 271 9.41 6.22 -26.67
N GLN B 272 9.69 5.12 -27.36
CA GLN B 272 9.56 5.09 -28.82
C GLN B 272 8.14 5.35 -29.27
N ASP B 273 7.16 4.92 -28.49
CA ASP B 273 5.77 5.10 -28.89
C ASP B 273 5.42 6.57 -28.86
N TYR B 274 5.83 7.25 -27.81
CA TYR B 274 5.61 8.68 -27.67
C TYR B 274 6.32 9.46 -28.77
N ILE B 275 7.59 9.15 -28.98
CA ILE B 275 8.38 9.88 -29.96
C ILE B 275 7.82 9.70 -31.36
N ASN B 276 7.55 8.46 -31.74
CA ASN B 276 7.10 8.15 -33.10
C ASN B 276 5.70 8.68 -33.40
N THR B 277 4.84 8.74 -32.38
CA THR B 277 3.45 9.14 -32.62
C THR B 277 3.18 10.61 -32.34
N ASN B 278 3.89 11.18 -31.36
CA ASN B 278 3.57 12.55 -30.95
C ASN B 278 4.63 13.59 -31.32
N LEU B 279 5.90 13.21 -31.40
CA LEU B 279 6.92 14.22 -31.68
C LEU B 279 7.36 14.25 -33.13
N VAL B 280 7.70 13.09 -33.68
CA VAL B 280 8.25 13.05 -35.03
C VAL B 280 7.31 13.62 -36.10
N PRO B 281 6.01 13.29 -36.10
CA PRO B 281 5.02 13.73 -37.06
C PRO B 281 4.85 15.25 -37.05
N GLN B 282 5.31 15.91 -36.00
CA GLN B 282 5.17 17.35 -35.87
C GLN B 282 6.49 18.08 -36.05
N ILE B 283 7.50 17.37 -36.53
CA ILE B 283 8.84 17.95 -36.65
C ILE B 283 8.86 19.21 -37.51
N ASP B 284 7.98 19.29 -38.49
CA ASP B 284 7.90 20.48 -39.35
C ASP B 284 6.87 21.48 -38.83
N LYS B 285 5.87 21.00 -38.11
CA LYS B 285 4.78 21.84 -37.61
C LYS B 285 5.20 22.71 -36.43
N LEU B 286 5.96 22.13 -35.51
CA LEU B 286 6.38 22.81 -34.29
C LEU B 286 7.77 23.39 -34.42
N GLN B 287 8.08 24.34 -33.56
CA GLN B 287 9.42 24.91 -33.50
C GLN B 287 10.38 23.95 -32.83
N CYS B 288 11.66 24.00 -33.16
CA CYS B 288 12.57 23.04 -32.55
C CYS B 288 12.73 23.21 -31.04
N SER B 289 12.53 24.43 -30.54
CA SER B 289 12.60 24.61 -29.10
C SER B 289 11.40 24.00 -28.40
N GLN B 290 10.27 23.95 -29.10
CA GLN B 290 9.05 23.37 -28.55
C GLN B 290 9.18 21.85 -28.46
N ILE B 291 9.82 21.27 -29.48
CA ILE B 291 10.02 19.83 -29.51
C ILE B 291 11.05 19.40 -28.49
N LYS B 292 12.15 20.14 -28.38
CA LYS B 292 13.16 19.81 -27.40
C LYS B 292 12.56 19.82 -26.00
N THR B 293 11.73 20.83 -25.71
CA THR B 293 11.11 20.92 -24.40
C THR B 293 10.22 19.71 -24.13
N ALA B 294 9.42 19.33 -25.12
CA ALA B 294 8.52 18.20 -24.97
C ALA B 294 9.30 16.91 -24.72
N LEU B 295 10.44 16.76 -25.39
CA LEU B 295 11.28 15.58 -25.23
C LEU B 295 11.95 15.56 -23.86
N ASP B 296 12.46 16.69 -23.42
CA ASP B 296 13.14 16.77 -22.14
C ASP B 296 12.20 16.40 -21.00
N ILE B 297 10.95 16.85 -21.10
CA ILE B 297 9.96 16.56 -20.06
C ILE B 297 9.53 15.10 -20.08
N SER B 298 9.29 14.54 -21.27
CA SER B 298 8.87 13.15 -21.34
C SER B 298 9.98 12.20 -20.86
N LEU B 299 11.23 12.56 -21.09
CA LEU B 299 12.35 11.75 -20.60
C LEU B 299 12.47 11.81 -19.09
N SER B 300 12.26 12.98 -18.50
CA SER B 300 12.34 13.10 -17.04
C SER B 300 11.18 12.38 -16.37
N GLN B 301 10.04 12.28 -17.06
CA GLN B 301 8.93 11.51 -16.54
C GLN B 301 9.26 10.02 -16.55
N TYR B 302 9.86 9.57 -17.65
CA TYR B 302 10.27 8.19 -17.77
C TYR B 302 11.27 7.83 -16.68
N TYR B 303 12.28 8.68 -16.51
CA TYR B 303 13.32 8.44 -15.51
C TYR B 303 12.72 8.31 -14.12
N SER B 304 11.79 9.19 -13.79
CA SER B 304 11.15 9.17 -12.47
C SER B 304 10.47 7.83 -12.20
N GLU B 305 9.85 7.26 -13.24
CA GLU B 305 9.16 5.98 -13.10
C GLU B 305 9.99 4.73 -12.82
N ILE B 306 11.10 4.57 -13.53
CA ILE B 306 12.01 3.45 -13.31
C ILE B 306 12.96 3.57 -12.09
N LEU B 307 13.20 4.82 -11.73
CA LEU B 307 14.04 5.16 -10.58
C LEU B 307 13.38 4.47 -9.41
N THR B 308 12.05 4.48 -9.38
CA THR B 308 11.30 3.87 -8.29
C THR B 308 11.63 2.39 -8.12
N VAL B 309 11.82 1.68 -9.24
CA VAL B 309 12.04 0.24 -9.20
C VAL B 309 13.52 -0.12 -9.18
N PHE B 310 14.31 0.54 -10.02
CA PHE B 310 15.71 0.14 -10.20
C PHE B 310 16.69 1.04 -9.44
N GLY B 311 16.17 1.99 -8.70
CA GLY B 311 16.98 2.88 -7.89
C GLY B 311 17.36 2.18 -6.58
N PRO B 312 17.63 2.96 -5.52
CA PRO B 312 18.07 2.54 -4.21
C PRO B 312 17.15 1.48 -3.58
N ASN B 313 15.92 1.38 -4.08
CA ASN B 313 14.97 0.42 -3.55
C ASN B 313 15.31 -1.01 -3.97
N LEU B 314 16.19 -1.15 -4.94
CA LEU B 314 16.65 -2.46 -5.37
C LEU B 314 17.91 -2.83 -4.58
N GLN B 315 17.70 -3.37 -3.39
CA GLN B 315 18.78 -3.59 -2.44
C GLN B 315 19.84 -4.55 -2.98
N ASN B 316 19.40 -5.56 -3.70
CA ASN B 316 20.33 -6.54 -4.25
C ASN B 316 19.73 -7.20 -5.49
N PRO B 317 20.29 -6.94 -6.67
CA PRO B 317 19.81 -7.37 -7.98
C PRO B 317 20.01 -8.86 -8.20
N VAL B 318 20.83 -9.51 -7.37
CA VAL B 318 21.11 -10.92 -7.57
C VAL B 318 20.05 -11.76 -6.90
N THR B 319 18.91 -11.85 -7.56
CA THR B 319 17.75 -12.56 -7.08
C THR B 319 16.94 -13.11 -8.24
N THR B 320 16.19 -14.16 -7.98
CA THR B 320 15.35 -14.77 -9.00
C THR B 320 13.87 -14.52 -8.70
N SER B 321 13.61 -13.64 -7.74
CA SER B 321 12.24 -13.39 -7.30
C SER B 321 11.80 -11.94 -7.42
N MET B 322 12.31 -11.23 -8.42
CA MET B 322 11.84 -9.87 -8.67
C MET B 322 10.59 -9.91 -9.53
N SER B 323 9.48 -9.40 -8.99
CA SER B 323 8.20 -9.50 -9.69
C SER B 323 8.27 -8.92 -11.09
N ILE B 324 7.71 -9.65 -12.04
CA ILE B 324 7.71 -9.21 -13.43
C ILE B 324 6.87 -7.95 -13.62
N GLN B 325 5.97 -7.70 -12.69
CA GLN B 325 5.11 -6.53 -12.76
C GLN B 325 5.83 -5.28 -12.29
N ALA B 326 6.96 -5.47 -11.61
CA ALA B 326 7.80 -4.36 -11.20
C ALA B 326 8.79 -4.06 -12.31
N ILE B 327 9.27 -5.12 -12.94
CA ILE B 327 10.21 -5.00 -14.05
C ILE B 327 9.54 -4.27 -15.21
N SER B 328 8.27 -4.57 -15.45
CA SER B 328 7.51 -4.01 -16.55
C SER B 328 7.35 -2.50 -16.46
N GLN B 329 7.70 -1.92 -15.32
CA GLN B 329 7.62 -0.47 -15.16
C GLN B 329 8.61 0.21 -16.08
N SER B 330 9.65 -0.52 -16.48
CA SER B 330 10.69 0.01 -17.35
C SER B 330 10.14 0.33 -18.74
N PHE B 331 8.96 -0.19 -19.07
CA PHE B 331 8.33 0.14 -20.34
C PHE B 331 6.86 0.50 -20.15
N GLY B 332 6.55 1.22 -19.08
CA GLY B 332 5.23 1.80 -18.89
C GLY B 332 4.30 0.97 -18.00
N GLY B 333 4.75 -0.20 -17.58
CA GLY B 333 3.90 -1.06 -16.76
C GLY B 333 3.00 -1.92 -17.63
N ASN B 334 3.30 -1.95 -18.93
CA ASN B 334 2.51 -2.69 -19.90
C ASN B 334 2.87 -4.16 -19.88
N ILE B 335 2.43 -4.86 -18.85
CA ILE B 335 2.74 -6.27 -18.68
C ILE B 335 2.14 -7.12 -19.78
N ASP B 336 0.97 -6.72 -20.29
CA ASP B 336 0.35 -7.51 -21.34
C ASP B 336 1.19 -7.55 -22.59
N LEU B 337 1.86 -6.43 -22.90
CA LEU B 337 2.71 -6.39 -24.08
C LEU B 337 3.82 -7.43 -23.96
N LEU B 338 4.45 -7.49 -22.79
CA LEU B 338 5.52 -8.45 -22.58
C LEU B 338 5.05 -9.89 -22.71
N LEU B 339 3.93 -10.21 -22.07
CA LEU B 339 3.44 -11.59 -22.05
C LEU B 339 3.08 -12.06 -23.46
N ASN B 340 2.55 -11.14 -24.27
CA ASN B 340 2.18 -11.46 -25.64
C ASN B 340 3.41 -11.77 -26.49
N LEU B 341 4.52 -11.08 -26.20
CA LEU B 341 5.76 -11.28 -26.95
C LEU B 341 6.48 -12.55 -26.51
N LEU B 342 6.40 -12.86 -25.23
CA LEU B 342 7.01 -14.09 -24.71
C LEU B 342 6.28 -15.30 -25.24
N GLY B 343 4.99 -15.15 -25.50
CA GLY B 343 4.21 -16.23 -26.09
C GLY B 343 3.56 -17.11 -25.04
N TYR B 344 3.16 -16.51 -23.93
CA TYR B 344 2.48 -17.27 -22.89
C TYR B 344 0.99 -17.25 -23.14
N THR B 345 0.43 -18.41 -23.47
CA THR B 345 -0.98 -18.53 -23.84
C THR B 345 -1.75 -19.43 -22.90
N ALA B 346 -1.13 -19.78 -21.77
CA ALA B 346 -1.73 -20.68 -20.80
C ALA B 346 -3.06 -20.15 -20.28
N ASN B 347 -4.01 -21.04 -20.06
CA ASN B 347 -5.33 -20.65 -19.56
C ASN B 347 -5.25 -20.11 -18.15
N ASP B 348 -4.25 -20.56 -17.38
CA ASP B 348 -4.09 -20.11 -16.01
C ASP B 348 -3.03 -19.02 -15.89
N LEU B 349 -2.65 -18.42 -17.02
CA LEU B 349 -1.64 -17.38 -17.02
C LEU B 349 -2.02 -16.23 -16.09
N LEU B 350 -3.29 -15.87 -16.07
CA LEU B 350 -3.74 -14.74 -15.28
C LEU B 350 -3.59 -15.03 -13.78
N ASP B 351 -3.74 -16.29 -13.39
CA ASP B 351 -3.59 -16.68 -11.99
C ASP B 351 -2.12 -16.70 -11.57
N LEU B 352 -1.26 -17.13 -12.48
CA LEU B 352 0.18 -17.13 -12.22
C LEU B 352 0.67 -15.71 -12.05
N LEU B 353 0.14 -14.80 -12.86
CA LEU B 353 0.54 -13.41 -12.82
C LEU B 353 0.08 -12.73 -11.53
N GLU B 354 -1.19 -12.90 -11.17
CA GLU B 354 -1.74 -12.24 -9.98
C GLU B 354 -1.19 -12.80 -8.68
N SER B 355 -0.82 -14.07 -8.67
CA SER B 355 -0.23 -14.69 -7.48
C SER B 355 1.24 -14.31 -7.32
N LYS B 356 1.76 -13.53 -8.26
CA LYS B 356 3.15 -13.09 -8.26
C LYS B 356 4.11 -14.26 -8.40
N SER B 357 3.75 -15.23 -9.24
CA SER B 357 4.60 -16.39 -9.46
C SER B 357 5.56 -16.18 -10.63
N ILE B 358 5.29 -15.18 -11.46
CA ILE B 358 6.14 -14.88 -12.61
C ILE B 358 7.12 -13.78 -12.25
N THR B 359 8.41 -14.09 -12.33
CA THR B 359 9.47 -13.19 -11.90
C THR B 359 10.58 -13.11 -12.92
N GLY B 360 11.51 -12.18 -12.72
CA GLY B 360 12.67 -12.09 -13.61
C GLY B 360 13.94 -11.70 -12.87
N GLN B 361 15.05 -11.77 -13.59
CA GLN B 361 16.37 -11.45 -13.05
C GLN B 361 17.21 -10.66 -14.05
N ILE B 362 17.96 -9.68 -13.56
CA ILE B 362 18.89 -8.96 -14.43
C ILE B 362 20.16 -9.77 -14.56
N THR B 363 20.51 -10.15 -15.78
CA THR B 363 21.65 -11.04 -15.96
C THR B 363 22.85 -10.32 -16.56
N TYR B 364 22.59 -9.26 -17.30
CA TYR B 364 23.66 -8.53 -17.96
C TYR B 364 23.29 -7.07 -18.21
N ILE B 365 24.23 -6.15 -17.99
CA ILE B 365 24.01 -4.75 -18.30
C ILE B 365 25.09 -4.22 -19.23
N ASN B 366 24.66 -3.62 -20.33
CA ASN B 366 25.59 -2.97 -21.25
C ASN B 366 25.53 -1.47 -21.00
N LEU B 367 26.57 -0.94 -20.35
CA LEU B 367 26.57 0.45 -19.91
C LEU B 367 26.77 1.43 -21.06
N GLU B 368 27.54 1.05 -22.06
CA GLU B 368 27.82 1.92 -23.19
C GLU B 368 26.59 2.16 -24.06
N HIS B 369 25.81 1.09 -24.29
CA HIS B 369 24.62 1.17 -25.13
C HIS B 369 23.34 1.21 -24.30
N TYR B 370 23.51 1.32 -22.99
CA TYR B 370 22.40 1.47 -22.05
C TYR B 370 21.23 0.52 -22.27
N PHE B 371 21.50 -0.78 -22.23
CA PHE B 371 20.42 -1.77 -22.27
C PHE B 371 20.67 -2.92 -21.30
N MET B 372 19.59 -3.58 -20.89
CA MET B 372 19.67 -4.68 -19.95
C MET B 372 19.17 -5.98 -20.56
N VAL B 373 19.78 -7.09 -20.15
CA VAL B 373 19.27 -8.40 -20.51
C VAL B 373 18.56 -9.00 -19.31
N ILE B 374 17.28 -9.29 -19.48
CA ILE B 374 16.42 -9.78 -18.40
C ILE B 374 15.97 -11.21 -18.67
N ARG B 375 16.15 -12.08 -17.69
CA ARG B 375 15.65 -13.43 -17.81
C ARG B 375 14.32 -13.58 -17.09
N VAL B 376 13.32 -14.07 -17.81
CA VAL B 376 11.98 -14.23 -17.25
C VAL B 376 11.71 -15.68 -16.91
N TYR B 377 11.34 -15.93 -15.66
CA TYR B 377 11.07 -17.28 -15.18
C TYR B 377 9.58 -17.57 -15.16
N TYR B 378 9.18 -18.66 -15.80
CA TYR B 378 7.78 -19.03 -15.93
C TYR B 378 7.50 -20.38 -15.28
N PRO B 379 6.89 -20.38 -14.09
CA PRO B 379 6.72 -21.50 -13.17
C PRO B 379 5.69 -22.51 -13.64
N ILE B 380 5.87 -23.74 -13.19
CA ILE B 380 4.87 -24.79 -13.37
C ILE B 380 4.14 -25.04 -12.05
N MET B 381 2.83 -24.84 -12.04
CA MET B 381 2.09 -25.02 -10.80
C MET B 381 1.93 -26.50 -10.44
N THR B 382 2.24 -26.83 -9.19
CA THR B 382 2.10 -28.19 -8.72
C THR B 382 1.02 -28.29 -7.65
N THR B 383 0.06 -29.17 -7.85
CA THR B 383 -0.97 -29.40 -6.85
C THR B 383 -0.42 -30.32 -5.79
N ILE B 384 -0.57 -29.94 -4.54
CA ILE B 384 -0.04 -30.74 -3.45
C ILE B 384 -1.03 -31.82 -3.03
N SER B 385 -0.57 -33.07 -3.04
CA SER B 385 -1.43 -34.19 -2.71
C SER B 385 -1.92 -34.11 -1.27
N ASN B 386 -3.18 -34.47 -1.06
CA ASN B 386 -3.76 -34.52 0.27
C ASN B 386 -3.58 -33.20 1.01
N ALA B 387 -3.76 -32.09 0.31
CA ALA B 387 -3.61 -30.78 0.94
C ALA B 387 -4.64 -29.82 0.42
N TYR B 388 -5.35 -29.18 1.34
CA TYR B 388 -6.40 -28.24 0.99
C TYR B 388 -6.60 -27.19 2.06
N VAL B 389 -7.25 -26.09 1.68
CA VAL B 389 -7.54 -25.00 2.59
C VAL B 389 -9.03 -24.90 2.84
N GLN B 390 -9.41 -24.95 4.12
CA GLN B 390 -10.81 -24.89 4.49
C GLN B 390 -11.14 -23.56 5.13
N GLU B 391 -12.15 -22.88 4.57
CA GLU B 391 -12.56 -21.57 5.12
C GLU B 391 -13.76 -21.73 6.05
N LEU B 392 -13.82 -20.90 7.08
CA LEU B 392 -14.95 -20.88 7.98
C LEU B 392 -15.66 -19.53 7.92
N ILE B 393 -16.99 -19.58 7.91
CA ILE B 393 -17.80 -18.36 7.94
C ILE B 393 -18.17 -18.04 9.37
N LYS B 394 -17.79 -16.85 9.83
CA LYS B 394 -18.03 -16.48 11.21
C LYS B 394 -19.23 -15.58 11.38
N ILE B 395 -20.17 -16.02 12.22
CA ILE B 395 -21.32 -15.21 12.58
C ILE B 395 -21.40 -15.11 14.09
N SER B 396 -22.13 -14.12 14.59
CA SER B 396 -22.28 -13.95 16.02
C SER B 396 -23.22 -14.98 16.62
N PHE B 397 -23.15 -15.15 17.93
CA PHE B 397 -24.02 -16.08 18.64
C PHE B 397 -24.30 -15.61 20.07
N ASN B 398 -25.35 -16.16 20.66
CA ASN B 398 -25.73 -15.83 22.03
C ASN B 398 -24.97 -16.65 23.06
N VAL B 399 -24.58 -15.99 24.15
CA VAL B 399 -24.00 -16.73 25.27
C VAL B 399 -24.82 -16.62 26.54
N ASP B 400 -25.08 -15.40 26.98
CA ASP B 400 -25.80 -15.18 28.24
C ASP B 400 -26.80 -14.03 28.11
N GLY B 401 -27.20 -13.74 26.88
CA GLY B 401 -28.08 -12.61 26.61
C GLY B 401 -27.35 -11.57 25.77
N SER B 402 -26.02 -11.53 25.89
CA SER B 402 -25.22 -10.64 25.05
C SER B 402 -24.72 -11.37 23.82
N GLU B 403 -24.22 -10.61 22.85
CA GLU B 403 -23.79 -11.15 21.57
C GLU B 403 -22.28 -11.27 21.46
N TRP B 404 -21.81 -12.44 20.98
CA TRP B 404 -20.38 -12.73 20.89
C TRP B 404 -19.96 -13.27 19.52
N VAL B 405 -18.69 -13.06 19.19
CA VAL B 405 -18.06 -13.65 18.01
C VAL B 405 -16.79 -14.41 18.36
N SER B 406 -16.60 -15.59 17.80
CA SER B 406 -15.40 -16.39 18.09
C SER B 406 -14.14 -15.83 17.43
N LEU B 407 -12.99 -16.15 18.00
CA LEU B 407 -11.72 -15.68 17.47
C LEU B 407 -10.87 -16.83 16.91
N VAL B 408 -11.46 -17.57 15.98
CA VAL B 408 -10.77 -18.63 15.27
C VAL B 408 -10.44 -18.14 13.85
N PRO B 409 -9.21 -18.37 13.35
CA PRO B 409 -8.75 -17.99 12.03
C PRO B 409 -9.71 -18.46 10.96
N SER B 410 -9.92 -17.61 9.95
CA SER B 410 -10.88 -17.89 8.89
C SER B 410 -10.41 -19.00 7.96
N TYR B 411 -9.10 -19.10 7.75
CA TYR B 411 -8.58 -20.10 6.83
C TYR B 411 -7.62 -21.06 7.54
N ILE B 412 -7.92 -22.34 7.41
CA ILE B 412 -7.11 -23.40 8.02
C ILE B 412 -6.53 -24.32 6.96
N LEU B 413 -5.24 -24.58 7.04
CA LEU B 413 -4.58 -25.44 6.08
C LEU B 413 -4.47 -26.86 6.61
N ILE B 414 -4.99 -27.81 5.84
CA ILE B 414 -4.97 -29.21 6.25
C ILE B 414 -4.10 -30.03 5.31
N ARG B 415 -3.11 -30.70 5.88
CA ARG B 415 -2.20 -31.52 5.08
C ARG B 415 -2.11 -32.93 5.64
N ASN B 416 -2.56 -33.90 4.85
CA ASN B 416 -2.67 -35.30 5.24
C ASN B 416 -3.72 -35.51 6.31
N SER B 417 -3.50 -34.94 7.49
CA SER B 417 -4.46 -35.02 8.59
C SER B 417 -4.11 -34.00 9.65
N TYR B 418 -3.08 -33.21 9.38
CA TYR B 418 -2.57 -32.26 10.35
C TYR B 418 -3.09 -30.85 10.10
N LEU B 419 -3.37 -30.13 11.17
CA LEU B 419 -3.84 -28.76 11.07
C LEU B 419 -2.70 -27.78 11.21
N SER B 420 -2.72 -26.73 10.40
CA SER B 420 -1.75 -25.65 10.51
C SER B 420 -2.37 -24.34 10.03
N ASN B 421 -1.67 -23.24 10.26
CA ASN B 421 -2.17 -21.94 9.84
C ASN B 421 -1.65 -21.59 8.46
N ILE B 422 -2.35 -20.75 7.74
CA ILE B 422 -1.87 -20.30 6.44
C ILE B 422 -1.94 -18.78 6.27
N ASP B 423 -0.84 -18.19 5.84
CA ASP B 423 -0.80 -16.75 5.62
C ASP B 423 -1.43 -16.37 4.29
N ILE B 424 -2.75 -16.35 4.23
CA ILE B 424 -3.46 -16.11 2.98
C ILE B 424 -3.17 -14.75 2.30
N SER B 425 -2.70 -13.81 3.11
CA SER B 425 -2.35 -12.50 2.56
C SER B 425 -1.33 -12.45 1.43
N GLU B 426 -0.53 -13.51 1.32
CA GLU B 426 0.47 -13.63 0.26
C GLU B 426 0.05 -14.60 -0.87
N CYS B 427 -1.20 -15.07 -0.86
CA CYS B 427 -1.69 -16.07 -1.81
C CYS B 427 -2.90 -15.55 -2.59
N LEU B 428 -3.14 -16.14 -3.76
CA LEU B 428 -4.32 -15.82 -4.55
C LEU B 428 -5.45 -16.80 -4.26
N ILE B 429 -6.61 -16.26 -3.89
CA ILE B 429 -7.78 -17.09 -3.63
C ILE B 429 -8.66 -17.14 -4.86
N THR B 430 -8.91 -18.34 -5.38
CA THR B 430 -9.72 -18.50 -6.57
C THR B 430 -10.96 -19.31 -6.23
N LYS B 431 -11.77 -19.60 -7.24
CA LYS B 431 -13.02 -20.31 -7.05
C LYS B 431 -12.85 -21.68 -6.40
N ASN B 432 -11.76 -22.38 -6.73
CA ASN B 432 -11.58 -23.72 -6.21
C ASN B 432 -10.15 -24.07 -5.79
N SER B 433 -9.29 -23.06 -5.64
CA SER B 433 -7.92 -23.31 -5.25
C SER B 433 -7.25 -22.11 -4.58
N VAL B 434 -6.15 -22.36 -3.90
CA VAL B 434 -5.31 -21.32 -3.32
C VAL B 434 -3.92 -21.41 -3.96
N ILE B 435 -3.55 -20.35 -4.69
CA ILE B 435 -2.31 -20.36 -5.43
C ILE B 435 -1.24 -19.49 -4.77
N CYS B 436 -0.18 -20.14 -4.30
CA CYS B 436 0.90 -19.49 -3.55
C CYS B 436 2.23 -19.65 -4.27
N ARG B 437 3.05 -18.60 -4.24
CA ARG B 437 4.39 -18.65 -4.81
C ARG B 437 5.37 -19.40 -3.91
N HIS B 438 4.99 -19.59 -2.65
CA HIS B 438 5.76 -20.37 -1.70
C HIS B 438 4.80 -21.18 -0.84
N ASP B 439 5.33 -22.04 0.02
CA ASP B 439 4.48 -22.71 0.98
C ASP B 439 4.40 -21.87 2.25
N PHE B 440 3.24 -21.30 2.51
CA PHE B 440 3.07 -20.34 3.59
C PHE B 440 2.42 -20.94 4.82
N ALA B 441 2.62 -22.25 5.02
CA ALA B 441 2.15 -22.91 6.23
C ALA B 441 2.84 -22.33 7.46
N MET B 442 2.09 -22.18 8.54
CA MET B 442 2.63 -21.68 9.80
C MET B 442 2.21 -22.59 10.94
N PRO B 443 2.99 -22.65 12.03
CA PRO B 443 2.70 -23.40 13.25
C PRO B 443 1.36 -23.00 13.85
N MET B 444 0.68 -23.97 14.43
CA MET B 444 -0.58 -23.76 15.12
C MET B 444 -0.42 -24.17 16.58
N SER B 445 -1.03 -23.41 17.49
CA SER B 445 -0.92 -23.69 18.91
C SER B 445 -1.72 -24.92 19.29
N TYR B 446 -1.42 -25.47 20.46
CA TYR B 446 -2.10 -26.67 20.92
C TYR B 446 -3.52 -26.39 21.37
N THR B 447 -3.74 -25.18 21.90
CA THR B 447 -5.07 -24.82 22.36
C THR B 447 -6.03 -24.65 21.20
N LEU B 448 -5.51 -24.15 20.08
CA LEU B 448 -6.34 -23.98 18.90
C LEU B 448 -6.63 -25.32 18.23
N LYS B 449 -5.65 -26.22 18.23
CA LYS B 449 -5.89 -27.54 17.68
C LYS B 449 -6.99 -28.25 18.47
N GLU B 450 -6.95 -28.14 19.80
CA GLU B 450 -7.97 -28.76 20.63
C GLU B 450 -9.36 -28.15 20.39
N CYS B 451 -9.41 -26.84 20.19
CA CYS B 451 -10.64 -26.11 19.82
C CYS B 451 -11.23 -26.68 18.54
N LEU B 452 -10.42 -26.79 17.51
CA LEU B 452 -10.88 -27.23 16.20
C LEU B 452 -11.32 -28.68 16.17
N THR B 453 -10.77 -29.51 17.06
CA THR B 453 -11.14 -30.92 17.08
C THR B 453 -12.34 -31.20 17.98
N GLY B 454 -12.94 -30.16 18.57
CA GLY B 454 -14.18 -30.35 19.31
C GLY B 454 -14.20 -29.81 20.74
N ASP B 455 -13.05 -29.44 21.29
CA ASP B 455 -13.05 -28.93 22.66
C ASP B 455 -13.37 -27.44 22.66
N THR B 456 -14.66 -27.13 22.58
CA THR B 456 -15.11 -25.75 22.38
C THR B 456 -14.86 -24.89 23.61
N GLU B 457 -14.49 -25.52 24.72
CA GLU B 457 -14.20 -24.78 25.97
C GLU B 457 -12.90 -23.99 25.80
N LYS B 458 -12.10 -24.35 24.79
CA LYS B 458 -10.84 -23.65 24.54
C LYS B 458 -10.89 -22.66 23.37
N CYS B 459 -12.10 -22.37 22.86
CA CYS B 459 -12.29 -21.42 21.76
C CYS B 459 -12.64 -20.04 22.32
N PRO B 460 -11.73 -19.06 22.22
CA PRO B 460 -11.82 -17.74 22.84
C PRO B 460 -12.92 -16.89 22.20
N ARG B 461 -13.53 -16.02 23.01
CA ARG B 461 -14.63 -15.18 22.54
C ARG B 461 -14.34 -13.69 22.60
N GLU B 462 -14.88 -12.93 21.65
CA GLU B 462 -14.82 -11.48 21.65
C GLU B 462 -16.23 -10.88 21.66
N ALA B 463 -16.44 -9.87 22.48
CA ALA B 463 -17.75 -9.24 22.59
C ALA B 463 -18.07 -8.41 21.36
N VAL B 464 -19.34 -8.31 21.03
CA VAL B 464 -19.79 -7.45 19.93
C VAL B 464 -20.30 -6.12 20.45
N VAL B 465 -19.70 -5.03 19.97
CA VAL B 465 -20.12 -3.70 20.39
C VAL B 465 -20.59 -2.88 19.19
N THR B 466 -20.81 -3.56 18.07
CA THR B 466 -21.21 -2.89 16.83
C THR B 466 -22.45 -3.52 16.22
N SER B 467 -23.01 -2.84 15.24
CA SER B 467 -24.13 -3.37 14.48
C SER B 467 -23.65 -4.08 13.22
N TYR B 468 -22.41 -3.81 12.82
CA TYR B 468 -21.87 -4.36 11.59
C TYR B 468 -21.25 -5.74 11.81
N VAL B 469 -22.10 -6.71 12.09
CA VAL B 469 -21.68 -8.08 12.28
C VAL B 469 -22.69 -9.02 11.62
N PRO B 470 -22.24 -10.04 10.88
CA PRO B 470 -23.05 -11.11 10.34
C PRO B 470 -23.79 -11.84 11.44
N ARG B 471 -25.09 -12.06 11.25
CA ARG B 471 -25.88 -12.77 12.23
C ARG B 471 -26.52 -14.02 11.64
N PHE B 472 -26.23 -14.29 10.37
CA PHE B 472 -26.71 -15.50 9.73
C PHE B 472 -25.85 -15.88 8.54
N ALA B 473 -25.92 -17.15 8.16
CA ALA B 473 -25.25 -17.64 6.96
C ALA B 473 -25.91 -18.91 6.45
N ILE B 474 -25.70 -19.19 5.17
CA ILE B 474 -26.21 -20.42 4.56
C ILE B 474 -25.08 -21.39 4.29
N SER B 475 -25.24 -22.61 4.77
CA SER B 475 -24.26 -23.66 4.48
C SER B 475 -24.92 -25.03 4.50
N GLY B 476 -24.73 -25.80 3.44
CA GLY B 476 -25.32 -27.12 3.34
C GLY B 476 -26.79 -27.04 2.98
N GLY B 477 -27.20 -25.88 2.46
CA GLY B 477 -28.59 -25.65 2.10
C GLY B 477 -29.47 -25.26 3.29
N VAL B 478 -28.87 -25.09 4.48
CA VAL B 478 -29.65 -24.72 5.65
C VAL B 478 -29.12 -23.43 6.26
N ILE B 479 -29.93 -22.81 7.12
CA ILE B 479 -29.58 -21.52 7.69
C ILE B 479 -29.20 -21.59 9.15
N TYR B 480 -28.09 -20.95 9.49
CA TYR B 480 -27.68 -20.79 10.87
C TYR B 480 -27.84 -19.33 11.24
N ALA B 481 -28.62 -19.04 12.28
CA ALA B 481 -28.87 -17.64 12.61
C ALA B 481 -29.03 -17.41 14.11
N ASN B 482 -28.67 -16.20 14.54
CA ASN B 482 -28.91 -15.75 15.90
C ASN B 482 -30.25 -15.02 15.98
N CYS B 483 -31.31 -15.73 16.40
CA CYS B 483 -32.67 -15.21 16.34
C CYS B 483 -33.05 -14.46 17.61
N LEU B 484 -32.06 -14.11 18.41
CA LEU B 484 -32.28 -13.22 19.54
C LEU B 484 -31.85 -11.81 19.19
N SER B 485 -30.77 -11.70 18.41
CA SER B 485 -30.28 -10.41 17.98
C SER B 485 -31.04 -9.87 16.77
N THR B 486 -31.59 -10.78 15.96
CA THR B 486 -32.42 -10.37 14.84
C THR B 486 -33.75 -11.10 14.87
N THR B 487 -34.63 -10.78 13.94
CA THR B 487 -35.96 -11.39 13.91
C THR B 487 -36.06 -12.46 12.83
N CYS B 488 -36.52 -13.65 13.21
CA CYS B 488 -36.74 -14.78 12.31
C CYS B 488 -38.22 -15.17 12.30
N GLN B 489 -38.84 -15.10 11.12
CA GLN B 489 -40.25 -15.48 10.99
C GLN B 489 -40.43 -16.55 9.93
N CYS B 490 -41.43 -17.41 10.10
CA CYS B 490 -41.78 -18.40 9.10
C CYS B 490 -42.73 -17.81 8.07
N TYR B 491 -42.30 -17.77 6.82
CA TYR B 491 -43.05 -17.14 5.75
C TYR B 491 -44.44 -17.74 5.63
N GLN B 492 -44.51 -19.06 5.74
CA GLN B 492 -45.75 -19.81 5.53
C GLN B 492 -46.85 -19.46 6.53
N THR B 493 -46.48 -19.24 7.79
CA THR B 493 -47.47 -19.04 8.85
C THR B 493 -47.46 -17.64 9.45
N GLY B 494 -46.32 -16.95 9.33
CA GLY B 494 -46.15 -15.62 9.91
C GLY B 494 -45.65 -15.71 11.36
N LYS B 495 -45.54 -16.93 11.88
CA LYS B 495 -45.13 -17.15 13.26
C LYS B 495 -43.63 -16.92 13.44
N VAL B 496 -43.26 -16.47 14.63
CA VAL B 496 -41.86 -16.23 14.95
C VAL B 496 -41.14 -17.52 15.31
N ILE B 497 -39.95 -17.71 14.74
CA ILE B 497 -39.12 -18.85 15.07
C ILE B 497 -38.17 -18.45 16.19
N ALA B 498 -38.51 -18.81 17.42
CA ALA B 498 -37.79 -18.34 18.58
C ALA B 498 -36.81 -19.37 19.10
N GLN B 499 -35.75 -18.88 19.73
CA GLN B 499 -34.79 -19.74 20.42
C GLN B 499 -34.74 -19.31 21.88
N ASP B 500 -34.34 -20.21 22.75
CA ASP B 500 -34.32 -19.87 24.17
C ASP B 500 -33.02 -19.18 24.55
N GLY B 501 -32.90 -18.78 25.81
CA GLY B 501 -31.73 -18.06 26.28
C GLY B 501 -30.56 -18.99 26.57
N SER B 502 -30.84 -20.28 26.48
CA SER B 502 -29.83 -21.31 26.71
C SER B 502 -29.17 -21.73 25.40
N GLN B 503 -29.69 -21.21 24.29
CA GLN B 503 -29.19 -21.59 22.98
C GLN B 503 -28.28 -20.53 22.39
N THR B 504 -27.26 -20.97 21.67
CA THR B 504 -26.34 -20.09 20.96
C THR B 504 -26.90 -19.67 19.62
N LEU B 505 -27.15 -20.66 18.77
CA LEU B 505 -27.68 -20.44 17.44
C LEU B 505 -28.84 -21.38 17.14
N MET B 506 -29.76 -20.91 16.30
CA MET B 506 -30.85 -21.74 15.82
C MET B 506 -30.56 -22.19 14.39
N MET B 507 -30.71 -23.47 14.12
CA MET B 507 -30.53 -23.98 12.77
C MET B 507 -31.89 -24.24 12.14
N ILE B 508 -32.12 -23.66 10.97
CA ILE B 508 -33.41 -23.76 10.32
C ILE B 508 -33.33 -24.52 9.00
N ASP B 509 -34.14 -25.56 8.89
CA ASP B 509 -34.23 -26.36 7.68
C ASP B 509 -35.69 -26.46 7.24
N ASN B 510 -35.94 -27.17 6.13
CA ASN B 510 -37.29 -27.25 5.56
C ASN B 510 -38.20 -28.23 6.31
N GLN B 511 -37.68 -28.84 7.39
CA GLN B 511 -38.47 -29.68 8.28
C GLN B 511 -39.08 -28.80 9.37
N THR B 512 -38.68 -27.55 9.38
CA THR B 512 -39.15 -26.55 10.34
C THR B 512 -40.02 -25.51 9.63
N CYS B 513 -39.49 -24.93 8.54
CA CYS B 513 -40.19 -23.93 7.73
C CYS B 513 -39.52 -23.86 6.36
N SER B 514 -40.32 -23.98 5.30
CA SER B 514 -39.77 -24.03 3.94
C SER B 514 -39.11 -22.72 3.54
N ILE B 515 -39.73 -21.60 3.92
CA ILE B 515 -39.18 -20.28 3.62
C ILE B 515 -39.15 -19.43 4.88
N VAL B 516 -37.96 -18.96 5.25
CA VAL B 516 -37.82 -18.16 6.45
C VAL B 516 -37.47 -16.72 6.12
N ARG B 517 -38.13 -15.81 6.80
CA ARG B 517 -37.89 -14.39 6.63
C ARG B 517 -36.95 -13.89 7.71
N ILE B 518 -35.72 -13.56 7.31
CA ILE B 518 -34.72 -13.06 8.25
C ILE B 518 -34.42 -11.62 7.91
N GLU B 519 -34.73 -10.73 8.84
CA GLU B 519 -34.72 -9.30 8.54
C GLU B 519 -35.88 -9.10 7.58
N GLU B 520 -35.57 -8.83 6.30
CA GLU B 520 -36.60 -8.66 5.25
C GLU B 520 -36.15 -9.44 4.00
N ILE B 521 -35.44 -10.55 4.18
CA ILE B 521 -34.89 -11.35 3.10
C ILE B 521 -35.57 -12.69 3.26
N LEU B 522 -36.20 -13.16 2.19
CA LEU B 522 -36.86 -14.47 2.21
C LEU B 522 -35.93 -15.54 1.66
N ILE B 523 -35.60 -16.52 2.48
CA ILE B 523 -34.66 -17.56 2.06
C ILE B 523 -35.31 -18.93 2.12
N SER B 524 -35.26 -19.67 1.02
CA SER B 524 -35.79 -21.03 1.03
C SER B 524 -34.69 -21.99 1.47
N THR B 525 -35.08 -23.08 2.12
CA THR B 525 -34.12 -24.01 2.69
C THR B 525 -34.30 -25.45 2.20
N GLY B 526 -33.27 -26.27 2.44
CA GLY B 526 -33.35 -27.71 2.20
C GLY B 526 -33.27 -28.48 3.50
N LYS B 527 -33.05 -29.80 3.41
CA LYS B 527 -32.95 -30.65 4.60
C LYS B 527 -31.55 -30.62 5.19
N TYR B 528 -31.47 -30.77 6.51
CA TYR B 528 -30.17 -30.82 7.19
C TYR B 528 -29.58 -32.22 7.18
N LEU B 529 -28.35 -32.33 6.72
CA LEU B 529 -27.64 -33.59 6.73
C LEU B 529 -26.72 -33.65 7.94
N GLY B 530 -27.04 -34.52 8.88
CA GLY B 530 -26.35 -34.58 10.16
C GLY B 530 -27.31 -34.99 11.26
N SER B 531 -26.97 -34.69 12.51
CA SER B 531 -27.82 -35.04 13.63
C SER B 531 -29.15 -34.31 13.54
N GLN B 532 -30.23 -34.99 13.88
CA GLN B 532 -31.56 -34.40 13.84
C GLN B 532 -31.93 -33.82 15.20
N GLU B 533 -30.99 -33.90 16.13
CA GLU B 533 -31.16 -33.37 17.48
C GLU B 533 -30.28 -32.14 17.67
N TYR B 534 -29.83 -31.57 16.57
CA TYR B 534 -28.94 -30.42 16.59
C TYR B 534 -29.47 -29.28 17.47
N ASN B 535 -30.75 -28.97 17.34
CA ASN B 535 -31.32 -27.82 18.04
C ASN B 535 -31.63 -28.10 19.50
N THR B 536 -31.36 -29.31 19.96
CA THR B 536 -31.53 -29.65 21.36
C THR B 536 -30.18 -29.99 21.99
N MET B 537 -29.12 -29.75 21.23
CA MET B 537 -27.76 -30.01 21.66
C MET B 537 -27.15 -28.76 22.28
N HIS B 538 -26.44 -28.92 23.39
CA HIS B 538 -25.82 -27.79 24.06
C HIS B 538 -24.30 -27.83 23.94
N VAL B 539 -23.69 -26.65 23.95
CA VAL B 539 -22.25 -26.53 23.80
C VAL B 539 -21.65 -25.64 24.87
N SER B 540 -20.46 -25.99 25.34
CA SER B 540 -19.74 -25.14 26.27
C SER B 540 -18.98 -24.06 25.50
N VAL B 541 -18.73 -22.93 26.13
CA VAL B 541 -17.97 -21.87 25.46
C VAL B 541 -16.72 -21.50 26.25
N GLY B 542 -15.78 -20.86 25.58
CA GLY B 542 -14.51 -20.47 26.20
C GLY B 542 -14.62 -19.15 26.94
N ASN B 543 -13.47 -18.63 27.37
CA ASN B 543 -13.44 -17.39 28.12
C ASN B 543 -13.43 -16.18 27.18
N PRO B 544 -13.95 -15.03 27.61
CA PRO B 544 -13.82 -13.73 26.99
C PRO B 544 -12.36 -13.30 26.97
N VAL B 545 -11.92 -12.75 25.83
CA VAL B 545 -10.57 -12.20 25.72
C VAL B 545 -10.62 -10.84 25.05
N PHE B 546 -9.54 -10.08 25.21
CA PHE B 546 -9.40 -8.81 24.51
C PHE B 546 -8.15 -8.82 23.64
N THR B 547 -8.22 -8.14 22.49
CA THR B 547 -7.11 -8.07 21.54
C THR B 547 -6.70 -6.62 21.31
N ALA C 123 -17.11 10.55 30.36
CA ALA C 123 -16.67 9.54 31.34
C ALA C 123 -15.19 9.67 31.67
N ILE C 124 -14.40 10.23 30.74
CA ILE C 124 -12.96 10.38 30.89
C ILE C 124 -12.60 11.52 31.84
N HIS C 125 -11.70 11.25 32.79
CA HIS C 125 -11.26 12.26 33.73
C HIS C 125 -9.97 12.91 33.23
N TYR C 126 -10.12 14.05 32.54
CA TYR C 126 -9.00 14.63 31.81
C TYR C 126 -7.99 15.31 32.70
N GLU C 127 -8.44 15.89 33.81
CA GLU C 127 -7.54 16.66 34.66
C GLU C 127 -6.46 15.77 35.28
N THR C 128 -6.79 14.52 35.55
CA THR C 128 -5.82 13.61 36.15
C THR C 128 -4.99 12.90 35.09
N LEU C 129 -5.59 12.61 33.94
CA LEU C 129 -4.87 11.91 32.87
C LEU C 129 -3.79 12.80 32.26
N SER C 130 -4.01 14.11 32.29
CA SER C 130 -3.03 15.04 31.76
C SER C 130 -1.73 14.99 32.57
N LYS C 131 -1.79 14.45 33.78
CA LYS C 131 -0.61 14.35 34.64
C LYS C 131 0.32 13.25 34.16
N ILE C 132 -0.16 12.40 33.26
CA ILE C 132 0.67 11.34 32.71
C ILE C 132 0.83 11.49 31.19
N GLY C 133 0.62 12.71 30.71
CA GLY C 133 0.92 13.04 29.32
C GLY C 133 -0.24 12.87 28.35
N LEU C 134 -1.44 12.63 28.86
CA LEU C 134 -2.60 12.49 27.99
C LEU C 134 -3.44 13.76 27.98
N ILE C 135 -3.19 14.60 26.98
CA ILE C 135 -3.77 15.93 26.93
C ILE C 135 -4.98 16.00 26.01
N LYS C 136 -6.10 16.48 26.54
CA LYS C 136 -7.33 16.53 25.76
C LYS C 136 -7.11 17.31 24.48
N GLY C 137 -7.51 16.71 23.35
CA GLY C 137 -7.37 17.35 22.05
C GLY C 137 -8.73 17.78 21.49
N ILE C 138 -8.92 17.54 20.20
CA ILE C 138 -10.11 17.97 19.48
C ILE C 138 -11.23 16.93 19.54
N THR C 139 -12.44 17.40 19.82
CA THR C 139 -13.64 16.56 19.84
C THR C 139 -14.31 16.57 18.46
N ARG C 140 -14.64 15.39 17.94
CA ARG C 140 -15.25 15.28 16.62
C ARG C 140 -16.55 14.47 16.66
N GLU C 141 -17.52 14.83 15.83
CA GLU C 141 -18.78 14.07 15.75
C GLU C 141 -18.58 12.74 15.02
N TYR C 142 -19.34 11.72 15.43
CA TYR C 142 -19.25 10.41 14.79
C TYR C 142 -20.35 10.22 13.75
N LYS C 143 -19.96 9.94 12.50
CA LYS C 143 -20.92 9.78 11.41
C LYS C 143 -20.72 8.47 10.66
N VAL C 144 -21.83 7.82 10.33
CA VAL C 144 -21.80 6.57 9.56
C VAL C 144 -22.81 6.62 8.42
N LYS C 145 -22.45 6.09 7.25
CA LYS C 145 -23.34 6.15 6.09
C LYS C 145 -24.61 5.31 6.28
N GLY C 146 -25.72 5.79 5.72
CA GLY C 146 -27.00 5.07 5.75
C GLY C 146 -27.43 4.59 4.37
N THR C 147 -28.76 4.54 4.16
CA THR C 147 -29.36 4.01 2.94
C THR C 147 -29.07 4.88 1.72
N PRO C 148 -28.48 4.32 0.66
CA PRO C 148 -28.13 4.97 -0.60
C PRO C 148 -29.28 5.09 -1.59
N SER C 149 -29.15 6.04 -2.50
CA SER C 149 -29.92 6.08 -3.74
C SER C 149 -29.04 5.51 -4.84
N SER C 150 -29.60 5.27 -6.03
CA SER C 150 -28.76 4.68 -7.06
C SER C 150 -29.07 5.14 -8.48
N LYS C 151 -28.04 5.09 -9.33
CA LYS C 151 -28.13 5.38 -10.76
C LYS C 151 -27.36 4.34 -11.57
N ASP C 152 -27.82 4.08 -12.79
CA ASP C 152 -27.15 3.12 -13.66
C ASP C 152 -26.35 3.79 -14.77
N ILE C 153 -25.14 3.28 -15.01
CA ILE C 153 -24.30 3.73 -16.12
C ILE C 153 -23.85 2.55 -16.96
N VAL C 154 -23.40 2.83 -18.18
CA VAL C 154 -22.88 1.78 -19.05
C VAL C 154 -21.43 2.04 -19.40
N ILE C 155 -20.59 1.02 -19.21
CA ILE C 155 -19.18 1.14 -19.56
C ILE C 155 -18.83 0.21 -20.71
N LYS C 156 -18.32 0.78 -21.79
CA LYS C 156 -17.98 0.00 -22.98
C LYS C 156 -16.48 -0.28 -23.02
N LEU C 157 -16.12 -1.53 -23.29
CA LEU C 157 -14.73 -1.96 -23.24
C LEU C 157 -14.04 -1.97 -24.60
N ILE C 158 -14.81 -2.04 -25.68
CA ILE C 158 -14.22 -2.03 -27.01
C ILE C 158 -14.49 -0.69 -27.71
N PRO C 159 -13.44 0.02 -28.12
CA PRO C 159 -13.49 1.31 -28.77
C PRO C 159 -13.97 1.22 -30.21
N ASN C 160 -14.46 2.35 -30.72
CA ASN C 160 -14.86 2.51 -32.11
C ASN C 160 -13.67 2.96 -32.96
N VAL C 161 -13.20 2.08 -33.84
CA VAL C 161 -12.01 2.30 -34.64
C VAL C 161 -12.35 2.40 -36.13
N THR C 162 -13.59 2.77 -36.44
CA THR C 162 -13.98 2.88 -37.84
C THR C 162 -13.41 4.15 -38.47
N GLY C 163 -12.95 5.06 -37.62
CA GLY C 163 -12.31 6.28 -38.09
C GLY C 163 -10.92 5.95 -38.63
N LEU C 164 -10.46 4.72 -38.36
CA LEU C 164 -9.17 4.25 -38.81
C LEU C 164 -9.33 3.22 -39.91
N ASN C 165 -10.52 3.17 -40.53
CA ASN C 165 -10.85 2.12 -41.50
C ASN C 165 -10.06 2.20 -42.81
N LYS C 166 -9.18 3.19 -42.92
CA LYS C 166 -8.24 3.24 -44.04
C LYS C 166 -7.16 2.18 -43.84
N CYS C 167 -6.99 1.69 -42.61
CA CYS C 167 -5.99 0.66 -42.36
C CYS C 167 -6.80 -0.63 -42.17
N THR C 168 -6.75 -1.47 -43.20
CA THR C 168 -7.54 -2.69 -43.30
C THR C 168 -7.03 -3.86 -42.45
N ASN C 169 -5.85 -3.71 -41.85
CA ASN C 169 -5.22 -4.77 -41.06
C ASN C 169 -5.64 -4.73 -39.57
N ILE C 170 -6.54 -3.81 -39.19
CA ILE C 170 -7.06 -3.73 -37.83
C ILE C 170 -8.26 -4.66 -37.66
N SER C 171 -8.15 -5.65 -36.78
CA SER C 171 -9.22 -6.64 -36.62
C SER C 171 -9.87 -6.62 -35.25
N MET C 172 -9.12 -6.18 -34.24
CA MET C 172 -9.59 -6.19 -32.85
C MET C 172 -9.91 -7.59 -32.32
N GLU C 173 -9.53 -8.62 -33.06
CA GLU C 173 -9.88 -9.99 -32.67
C GLU C 173 -9.14 -10.47 -31.43
N ASN C 174 -7.86 -10.15 -31.34
CA ASN C 174 -7.07 -10.61 -30.21
C ASN C 174 -7.54 -9.93 -28.94
N TYR C 175 -7.94 -8.68 -29.06
CA TYR C 175 -8.42 -7.91 -27.92
C TYR C 175 -9.71 -8.52 -27.37
N LYS C 176 -10.62 -8.89 -28.26
CA LYS C 176 -11.87 -9.50 -27.84
C LYS C 176 -11.62 -10.79 -27.06
N GLU C 177 -10.69 -11.62 -27.52
CA GLU C 177 -10.40 -12.86 -26.81
C GLU C 177 -9.85 -12.61 -25.42
N GLN C 178 -9.03 -11.57 -25.29
CA GLN C 178 -8.47 -11.21 -24.00
C GLN C 178 -9.55 -10.76 -23.02
N LEU C 179 -10.58 -10.09 -23.54
CA LEU C 179 -11.68 -9.65 -22.68
C LEU C 179 -12.53 -10.83 -22.23
N ASP C 180 -12.71 -11.82 -23.11
CA ASP C 180 -13.51 -12.98 -22.77
C ASP C 180 -12.96 -13.66 -21.52
N LYS C 181 -11.64 -13.69 -21.39
CA LYS C 181 -10.97 -14.31 -20.25
C LYS C 181 -11.26 -13.60 -18.93
N ILE C 182 -11.76 -12.38 -19.00
CA ILE C 182 -12.11 -11.62 -17.81
C ILE C 182 -13.61 -11.64 -17.56
N LEU C 183 -14.38 -11.39 -18.61
CA LEU C 183 -15.82 -11.21 -18.48
C LEU C 183 -16.60 -12.50 -18.22
N ILE C 184 -16.20 -13.59 -18.85
CA ILE C 184 -16.97 -14.82 -18.70
C ILE C 184 -16.98 -15.36 -17.26
N PRO C 185 -15.82 -15.46 -16.58
CA PRO C 185 -15.69 -15.87 -15.19
C PRO C 185 -16.58 -15.06 -14.25
N ILE C 186 -16.85 -13.80 -14.62
CA ILE C 186 -17.69 -12.92 -13.82
C ILE C 186 -19.15 -13.16 -14.12
N ASN C 187 -19.47 -13.23 -15.41
CA ASN C 187 -20.85 -13.42 -15.85
C ASN C 187 -21.44 -14.71 -15.30
N ASN C 188 -20.58 -15.73 -15.16
CA ASN C 188 -21.02 -17.03 -14.66
C ASN C 188 -21.52 -16.98 -13.22
N ILE C 189 -21.09 -15.96 -12.47
CA ILE C 189 -21.52 -15.83 -11.08
C ILE C 189 -22.78 -14.99 -11.01
N ILE C 190 -22.81 -13.92 -11.79
CA ILE C 190 -23.97 -13.04 -11.81
C ILE C 190 -25.18 -13.82 -12.28
N GLU C 191 -25.00 -14.65 -13.31
CA GLU C 191 -26.09 -15.47 -13.82
C GLU C 191 -26.62 -16.46 -12.79
N LEU C 192 -25.75 -16.98 -11.93
CA LEU C 192 -26.19 -17.91 -10.90
C LEU C 192 -27.15 -17.28 -9.91
N TYR C 193 -26.77 -16.10 -9.40
CA TYR C 193 -27.62 -15.41 -8.44
C TYR C 193 -28.90 -14.93 -9.11
N ALA C 194 -28.79 -14.47 -10.34
CA ALA C 194 -29.95 -14.01 -11.08
C ALA C 194 -30.98 -15.14 -11.29
N ASN C 195 -30.49 -16.37 -11.50
CA ASN C 195 -31.34 -17.54 -11.66
C ASN C 195 -31.94 -18.01 -10.33
N SER C 196 -31.20 -17.83 -9.23
CA SER C 196 -31.61 -18.29 -7.91
C SER C 196 -32.70 -17.43 -7.28
N THR C 197 -32.71 -16.14 -7.59
CA THR C 197 -33.69 -15.23 -7.01
C THR C 197 -34.95 -15.08 -7.86
N LYS C 198 -36.10 -15.13 -7.19
CA LYS C 198 -37.39 -14.90 -7.84
C LYS C 198 -38.27 -14.05 -6.93
N SER C 199 -39.19 -13.30 -7.50
CA SER C 199 -40.07 -12.48 -6.68
C SER C 199 -41.08 -13.37 -5.94
N ALA C 200 -41.56 -12.89 -4.78
CA ALA C 200 -42.55 -13.59 -3.98
C ALA C 200 -43.95 -13.39 -4.55
N ALA C 204 -49.18 -15.19 -0.19
CA ALA C 204 -47.97 -14.49 0.22
C ALA C 204 -48.26 -13.58 1.41
N ARG C 205 -47.80 -14.00 2.60
CA ARG C 205 -47.97 -13.22 3.84
C ARG C 205 -47.04 -12.02 3.86
N PHE C 206 -45.89 -12.14 3.22
CA PHE C 206 -44.93 -11.05 3.14
C PHE C 206 -44.53 -10.82 1.69
N ALA C 207 -44.27 -9.55 1.36
CA ALA C 207 -43.75 -9.20 0.05
C ALA C 207 -42.23 -9.24 0.08
N GLY C 208 -41.61 -9.47 -1.07
CA GLY C 208 -40.16 -9.48 -1.14
C GLY C 208 -39.63 -10.37 -2.24
N VAL C 209 -38.36 -10.75 -2.12
CA VAL C 209 -37.67 -11.58 -3.08
C VAL C 209 -37.16 -12.84 -2.39
N ILE C 210 -37.39 -13.99 -3.01
CA ILE C 210 -36.98 -15.26 -2.44
C ILE C 210 -35.70 -15.75 -3.08
N ILE C 211 -34.70 -16.01 -2.24
CA ILE C 211 -33.41 -16.49 -2.72
C ILE C 211 -33.27 -17.96 -2.31
N ALA C 212 -32.76 -18.77 -3.23
CA ALA C 212 -32.70 -20.21 -3.02
C ALA C 212 -31.43 -20.64 -2.31
N GLY C 213 -31.55 -20.99 -1.03
CA GLY C 213 -30.40 -21.40 -0.24
C GLY C 213 -29.80 -22.70 -0.76
N VAL C 214 -30.65 -23.58 -1.28
CA VAL C 214 -30.19 -24.87 -1.78
C VAL C 214 -29.36 -24.70 -3.05
N ALA C 215 -29.83 -23.86 -3.96
CA ALA C 215 -29.13 -23.62 -5.22
C ALA C 215 -27.74 -23.05 -4.99
N LEU C 216 -27.61 -22.19 -3.99
CA LEU C 216 -26.32 -21.58 -3.69
C LEU C 216 -25.43 -22.52 -2.88
N GLY C 217 -26.04 -23.26 -1.96
CA GLY C 217 -25.31 -24.20 -1.12
C GLY C 217 -24.63 -23.50 0.04
N VAL C 218 -23.67 -22.64 -0.28
CA VAL C 218 -22.93 -21.86 0.70
C VAL C 218 -22.93 -20.38 0.35
N ALA C 219 -23.35 -19.54 1.30
CA ALA C 219 -23.33 -18.10 1.09
C ALA C 219 -23.24 -17.35 2.41
N ALA C 220 -22.46 -16.27 2.42
CA ALA C 220 -22.39 -15.40 3.57
C ALA C 220 -23.47 -14.33 3.48
N ALA C 221 -23.81 -13.71 4.60
CA ALA C 221 -24.84 -12.68 4.61
C ALA C 221 -24.54 -11.58 3.61
N ALA C 222 -23.26 -11.30 3.39
CA ALA C 222 -22.84 -10.25 2.47
C ALA C 222 -23.30 -10.52 1.04
N GLN C 223 -23.29 -11.78 0.62
CA GLN C 223 -23.65 -12.11 -0.75
C GLN C 223 -25.13 -12.37 -0.87
N ILE C 224 -25.75 -12.79 0.23
CA ILE C 224 -27.18 -13.01 0.22
C ILE C 224 -27.88 -11.67 0.05
N THR C 225 -27.43 -10.68 0.80
CA THR C 225 -28.00 -9.33 0.71
C THR C 225 -27.75 -8.72 -0.67
N ALA C 226 -26.52 -8.84 -1.16
CA ALA C 226 -26.17 -8.31 -2.47
C ALA C 226 -26.97 -9.01 -3.57
N GLY C 227 -27.18 -10.31 -3.40
CA GLY C 227 -27.94 -11.10 -4.37
C GLY C 227 -29.35 -10.55 -4.56
N ILE C 228 -29.95 -10.07 -3.47
CA ILE C 228 -31.28 -9.48 -3.56
C ILE C 228 -31.22 -8.16 -4.31
N ALA C 229 -30.22 -7.34 -4.01
CA ALA C 229 -30.02 -6.08 -4.70
C ALA C 229 -29.80 -6.30 -6.19
N LEU C 230 -29.09 -7.37 -6.53
CA LEU C 230 -28.82 -7.73 -7.92
C LEU C 230 -30.12 -8.03 -8.65
N HIS C 231 -30.99 -8.81 -8.01
CA HIS C 231 -32.28 -9.14 -8.61
C HIS C 231 -33.03 -7.90 -9.02
N GLU C 232 -33.13 -6.95 -8.11
CA GLU C 232 -33.87 -5.72 -8.37
C GLU C 232 -33.21 -4.87 -9.44
N ALA C 233 -31.89 -4.76 -9.38
CA ALA C 233 -31.16 -3.93 -10.32
C ALA C 233 -31.30 -4.42 -11.74
N ARG C 234 -31.32 -5.74 -11.92
CA ARG C 234 -31.38 -6.33 -13.25
C ARG C 234 -32.70 -6.09 -13.95
N GLN C 235 -33.70 -5.65 -13.20
CA GLN C 235 -35.00 -5.37 -13.81
C GLN C 235 -34.89 -4.14 -14.70
N ASN C 236 -33.86 -3.32 -14.47
CA ASN C 236 -33.62 -2.15 -15.29
C ASN C 236 -32.49 -2.41 -16.27
N ALA C 237 -31.49 -3.17 -15.85
CA ALA C 237 -30.34 -3.44 -16.70
C ALA C 237 -30.75 -4.15 -17.99
N GLU C 238 -31.75 -5.02 -17.91
CA GLU C 238 -32.24 -5.72 -19.09
C GLU C 238 -33.03 -4.79 -20.00
N ARG C 239 -33.46 -3.63 -19.49
CA ARG C 239 -34.17 -2.63 -20.33
C ARG C 239 -33.13 -1.76 -21.02
N ILE C 240 -32.03 -1.46 -20.33
CA ILE C 240 -30.93 -0.73 -20.93
C ILE C 240 -30.33 -1.52 -22.08
N ASN C 241 -30.27 -2.84 -21.92
CA ASN C 241 -29.73 -3.74 -22.92
C ASN C 241 -30.47 -3.67 -24.26
N LEU C 242 -31.67 -3.09 -24.26
CA LEU C 242 -32.44 -2.97 -25.50
C LEU C 242 -31.81 -1.93 -26.41
N LEU C 243 -30.87 -1.18 -25.86
CA LEU C 243 -30.13 -0.16 -26.59
C LEU C 243 -28.76 -0.67 -27.01
N LYS C 244 -28.55 -1.98 -26.91
CA LYS C 244 -27.24 -2.57 -27.19
C LYS C 244 -26.66 -2.16 -28.53
N ASP C 245 -27.52 -1.92 -29.52
CA ASP C 245 -27.04 -1.52 -30.83
C ASP C 245 -26.68 -0.03 -30.84
N SER C 246 -27.38 0.76 -30.03
CA SER C 246 -27.11 2.18 -29.93
C SER C 246 -25.90 2.44 -29.04
N ILE C 247 -25.65 1.52 -28.11
CA ILE C 247 -24.49 1.58 -27.23
C ILE C 247 -23.22 1.28 -28.02
N SER C 248 -23.28 0.28 -28.88
CA SER C 248 -22.15 -0.07 -29.72
C SER C 248 -21.90 1.00 -30.78
N ALA C 249 -22.97 1.61 -31.28
CA ALA C 249 -22.87 2.60 -32.35
C ALA C 249 -22.58 4.00 -31.80
N THR C 250 -21.48 4.15 -31.08
CA THR C 250 -21.02 5.46 -30.60
C THR C 250 -19.53 5.59 -30.81
N ASN C 251 -19.04 6.82 -30.95
CA ASN C 251 -17.61 7.04 -31.11
C ASN C 251 -17.05 8.11 -30.19
N ASN C 252 -17.87 8.60 -29.26
CA ASN C 252 -17.41 9.61 -28.32
C ASN C 252 -17.00 8.95 -27.01
N ALA C 253 -16.11 9.61 -26.27
CA ALA C 253 -15.71 9.10 -24.97
C ALA C 253 -16.92 9.05 -24.04
N VAL C 254 -17.80 10.04 -24.17
CA VAL C 254 -19.03 10.07 -23.39
C VAL C 254 -20.22 10.30 -24.32
N ALA C 255 -21.25 9.47 -24.16
CA ALA C 255 -22.46 9.62 -24.96
C ALA C 255 -23.71 9.49 -24.10
N GLU C 256 -24.76 10.18 -24.50
CA GLU C 256 -26.04 10.09 -23.80
C GLU C 256 -27.11 9.50 -24.71
N LEU C 257 -27.61 8.33 -24.34
CA LEU C 257 -28.61 7.66 -25.16
C LEU C 257 -29.99 7.84 -24.56
N GLN C 258 -30.99 8.01 -25.41
CA GLN C 258 -32.36 8.17 -24.96
C GLN C 258 -33.10 6.85 -24.92
N GLU C 259 -33.67 6.55 -23.74
CA GLU C 259 -34.45 5.31 -23.57
C GLU C 259 -35.89 5.55 -24.04
N ALA C 260 -36.62 4.48 -24.34
CA ALA C 260 -38.01 4.54 -24.79
C ALA C 260 -38.90 5.28 -23.79
N THR C 261 -38.48 5.26 -22.53
CA THR C 261 -39.26 5.84 -21.45
C THR C 261 -38.89 7.31 -21.18
N GLY C 262 -37.93 7.83 -21.96
CA GLY C 262 -37.49 9.21 -21.79
C GLY C 262 -36.28 9.32 -20.86
N GLY C 263 -35.83 8.20 -20.32
CA GLY C 263 -34.68 8.19 -19.42
C GLY C 263 -33.38 8.36 -20.21
N ILE C 264 -32.32 8.75 -19.52
CA ILE C 264 -31.03 8.95 -20.17
C ILE C 264 -29.98 7.97 -19.66
N VAL C 265 -29.32 7.29 -20.59
CA VAL C 265 -28.24 6.37 -20.26
C VAL C 265 -26.89 7.01 -20.56
N ASN C 266 -26.05 7.10 -19.54
CA ASN C 266 -24.72 7.66 -19.70
C ASN C 266 -23.72 6.57 -20.05
N VAL C 267 -23.18 6.65 -21.26
CA VAL C 267 -22.25 5.64 -21.73
C VAL C 267 -20.82 6.18 -21.69
N ILE C 268 -19.97 5.50 -20.94
CA ILE C 268 -18.57 5.90 -20.80
C ILE C 268 -17.66 4.89 -21.48
N THR C 269 -16.85 5.36 -22.42
CA THR C 269 -15.99 4.47 -23.17
C THR C 269 -14.53 4.91 -23.05
N GLY C 270 -13.65 3.97 -22.74
CA GLY C 270 -12.24 4.28 -22.67
C GLY C 270 -11.65 4.25 -24.08
N MET C 271 -10.38 4.60 -24.21
CA MET C 271 -9.70 4.54 -25.51
C MET C 271 -10.17 5.58 -26.53
N GLN C 272 -11.43 6.00 -26.49
CA GLN C 272 -11.94 6.90 -27.52
C GLN C 272 -11.22 8.24 -27.53
N ASP C 273 -10.76 8.70 -26.38
CA ASP C 273 -10.08 9.97 -26.33
C ASP C 273 -8.75 9.89 -27.05
N TYR C 274 -8.02 8.81 -26.79
CA TYR C 274 -6.74 8.56 -27.45
C TYR C 274 -6.91 8.41 -28.95
N ILE C 275 -7.87 7.60 -29.36
CA ILE C 275 -8.07 7.32 -30.76
C ILE C 275 -8.49 8.58 -31.52
N ASN C 276 -9.46 9.31 -30.98
CA ASN C 276 -9.99 10.48 -31.66
C ASN C 276 -9.01 11.64 -31.72
N THR C 277 -8.13 11.76 -30.72
CA THR C 277 -7.22 12.90 -30.67
C THR C 277 -5.83 12.60 -31.24
N ASN C 278 -5.37 11.37 -31.07
CA ASN C 278 -3.99 11.06 -31.46
C ASN C 278 -3.85 10.17 -32.69
N LEU C 279 -4.81 9.29 -32.95
CA LEU C 279 -4.65 8.38 -34.09
C LEU C 279 -5.40 8.82 -35.33
N VAL C 280 -6.68 9.13 -35.17
CA VAL C 280 -7.52 9.44 -36.33
C VAL C 280 -7.03 10.63 -37.15
N PRO C 281 -6.62 11.75 -36.52
CA PRO C 281 -6.15 12.96 -37.16
C PRO C 281 -4.89 12.73 -37.99
N GLN C 282 -4.21 11.61 -37.74
CA GLN C 282 -2.96 11.32 -38.43
C GLN C 282 -3.12 10.19 -39.44
N ILE C 283 -4.37 9.80 -39.72
CA ILE C 283 -4.64 8.66 -40.58
C ILE C 283 -4.00 8.80 -41.96
N ASP C 284 -3.87 10.04 -42.46
CA ASP C 284 -3.24 10.28 -43.74
C ASP C 284 -1.76 10.58 -43.62
N LYS C 285 -1.35 11.10 -42.46
CA LYS C 285 0.04 11.50 -42.22
C LYS C 285 0.97 10.30 -41.98
N LEU C 286 0.48 9.33 -41.21
CA LEU C 286 1.27 8.16 -40.85
C LEU C 286 0.98 6.98 -41.75
N GLN C 287 1.90 6.01 -41.77
CA GLN C 287 1.70 4.78 -42.50
C GLN C 287 0.72 3.88 -41.76
N CYS C 288 0.00 3.03 -42.46
CA CYS C 288 -0.96 2.20 -41.74
C CYS C 288 -0.33 1.20 -40.78
N SER C 289 0.91 0.78 -41.06
CA SER C 289 1.57 -0.11 -40.12
C SER C 289 1.96 0.63 -38.84
N GLN C 290 2.23 1.93 -38.95
CA GLN C 290 2.59 2.74 -37.80
C GLN C 290 1.38 2.96 -36.90
N ILE C 291 0.23 3.14 -37.52
CA ILE C 291 -1.01 3.34 -36.78
C ILE C 291 -1.46 2.06 -36.11
N LYS C 292 -1.41 0.95 -36.83
CA LYS C 292 -1.78 -0.32 -36.24
C LYS C 292 -0.93 -0.60 -35.00
N THR C 293 0.37 -0.36 -35.10
CA THR C 293 1.26 -0.59 -33.98
C THR C 293 0.87 0.27 -32.77
N ALA C 294 0.60 1.55 -33.02
CA ALA C 294 0.22 2.45 -31.95
C ALA C 294 -1.07 2.00 -31.27
N LEU C 295 -2.01 1.50 -32.07
CA LEU C 295 -3.28 1.03 -31.54
C LEU C 295 -3.11 -0.26 -30.73
N ASP C 296 -2.31 -1.19 -31.25
CA ASP C 296 -2.10 -2.45 -30.55
C ASP C 296 -1.48 -2.23 -29.18
N ILE C 297 -0.54 -1.28 -29.10
CA ILE C 297 0.12 -1.00 -27.84
C ILE C 297 -0.80 -0.29 -26.86
N SER C 298 -1.57 0.68 -27.34
CA SER C 298 -2.47 1.41 -26.44
C SER C 298 -3.57 0.50 -25.89
N LEU C 299 -4.00 -0.48 -26.69
CA LEU C 299 -5.00 -1.44 -26.24
C LEU C 299 -4.44 -2.38 -25.17
N SER C 300 -3.19 -2.81 -25.35
CA SER C 300 -2.58 -3.71 -24.38
C SER C 300 -2.30 -2.98 -23.07
N GLN C 301 -2.08 -1.67 -23.14
CA GLN C 301 -1.92 -0.87 -21.93
C GLN C 301 -3.24 -0.77 -21.19
N TYR C 302 -4.31 -0.53 -21.94
CA TYR C 302 -5.65 -0.47 -21.36
C TYR C 302 -5.99 -1.77 -20.67
N TYR C 303 -5.78 -2.89 -21.38
CA TYR C 303 -6.09 -4.20 -20.84
C TYR C 303 -5.36 -4.46 -19.54
N SER C 304 -4.07 -4.11 -19.50
CA SER C 304 -3.27 -4.32 -18.30
C SER C 304 -3.86 -3.59 -17.09
N GLU C 305 -4.40 -2.39 -17.32
CA GLU C 305 -5.00 -1.60 -16.25
C GLU C 305 -6.27 -2.11 -15.58
N ILE C 306 -7.22 -2.57 -16.38
CA ILE C 306 -8.46 -3.16 -15.87
C ILE C 306 -8.37 -4.61 -15.34
N LEU C 307 -7.39 -5.31 -15.89
CA LEU C 307 -7.08 -6.69 -15.52
C LEU C 307 -6.85 -6.63 -14.02
N THR C 308 -6.16 -5.58 -13.56
CA THR C 308 -5.85 -5.44 -12.15
C THR C 308 -7.09 -5.44 -11.28
N VAL C 309 -8.16 -4.80 -11.75
CA VAL C 309 -9.37 -4.65 -10.97
C VAL C 309 -10.40 -5.75 -11.23
N PHE C 310 -10.60 -6.09 -12.51
CA PHE C 310 -11.67 -7.01 -12.87
C PHE C 310 -11.18 -8.43 -13.14
N GLY C 311 -9.88 -8.65 -12.98
CA GLY C 311 -9.29 -9.96 -13.15
C GLY C 311 -9.51 -10.82 -11.91
N PRO C 312 -8.64 -11.79 -11.67
CA PRO C 312 -8.67 -12.77 -10.59
C PRO C 312 -8.80 -12.12 -9.20
N ASN C 313 -8.45 -10.85 -9.11
CA ASN C 313 -8.52 -10.12 -7.84
C ASN C 313 -9.96 -9.83 -7.43
N LEU C 314 -10.89 -9.97 -8.37
CA LEU C 314 -12.30 -9.79 -8.08
C LEU C 314 -12.91 -11.13 -7.70
N GLN C 315 -12.77 -11.48 -6.42
CA GLN C 315 -13.10 -12.82 -5.95
C GLN C 315 -14.58 -13.14 -6.14
N ASN C 316 -15.43 -12.14 -5.95
CA ASN C 316 -16.87 -12.35 -6.08
C ASN C 316 -17.56 -11.03 -6.42
N PRO C 317 -18.09 -10.89 -7.64
CA PRO C 317 -18.69 -9.70 -8.19
C PRO C 317 -20.03 -9.37 -7.55
N VAL C 318 -20.61 -10.33 -6.84
CA VAL C 318 -21.94 -10.10 -6.25
C VAL C 318 -21.80 -9.41 -4.91
N THR C 319 -21.54 -8.11 -4.99
CA THR C 319 -21.34 -7.28 -3.82
C THR C 319 -21.82 -5.86 -4.10
N THR C 320 -22.15 -5.14 -3.04
CA THR C 320 -22.59 -3.77 -3.16
C THR C 320 -21.54 -2.81 -2.60
N SER C 321 -20.35 -3.34 -2.31
CA SER C 321 -19.31 -2.55 -1.67
C SER C 321 -18.01 -2.48 -2.47
N MET C 322 -18.11 -2.51 -3.80
CA MET C 322 -16.92 -2.33 -4.61
C MET C 322 -16.65 -0.84 -4.81
N SER C 323 -15.50 -0.38 -4.35
CA SER C 323 -15.20 1.05 -4.38
C SER C 323 -15.32 1.62 -5.77
N ILE C 324 -15.98 2.77 -5.87
CA ILE C 324 -16.18 3.43 -7.15
C ILE C 324 -14.85 3.90 -7.76
N GLN C 325 -13.84 4.04 -6.91
CA GLN C 325 -12.54 4.50 -7.37
C GLN C 325 -11.74 3.35 -7.98
N ALA C 326 -12.20 2.12 -7.74
CA ALA C 326 -11.60 0.95 -8.36
C ALA C 326 -12.29 0.70 -9.69
N ILE C 327 -13.60 0.91 -9.69
CA ILE C 327 -14.39 0.74 -10.91
C ILE C 327 -13.95 1.73 -11.96
N SER C 328 -13.64 2.96 -11.54
CA SER C 328 -13.25 4.04 -12.44
C SER C 328 -11.97 3.75 -13.19
N GLN C 329 -11.24 2.70 -12.80
CA GLN C 329 -10.02 2.33 -13.50
C GLN C 329 -10.34 1.87 -14.91
N SER C 330 -11.59 1.44 -15.12
CA SER C 330 -12.02 0.96 -16.43
C SER C 330 -12.04 2.08 -17.46
N PHE C 331 -11.99 3.32 -17.01
CA PHE C 331 -11.90 4.45 -17.93
C PHE C 331 -10.82 5.44 -17.52
N GLY C 332 -9.69 4.92 -17.05
CA GLY C 332 -8.50 5.73 -16.80
C GLY C 332 -8.33 6.20 -15.36
N GLY C 333 -9.31 5.89 -14.50
CA GLY C 333 -9.24 6.32 -13.11
C GLY C 333 -9.79 7.73 -12.96
N ASN C 334 -10.47 8.20 -14.01
CA ASN C 334 -11.02 9.54 -14.03
C ASN C 334 -12.34 9.61 -13.28
N ILE C 335 -12.25 9.56 -11.96
CA ILE C 335 -13.44 9.57 -11.12
C ILE C 335 -14.22 10.86 -11.24
N ASP C 336 -13.54 11.98 -11.46
CA ASP C 336 -14.23 13.25 -11.57
C ASP C 336 -15.18 13.26 -12.76
N LEU C 337 -14.76 12.64 -13.86
CA LEU C 337 -15.61 12.58 -15.04
C LEU C 337 -16.91 11.89 -14.71
N LEU C 338 -16.82 10.76 -14.03
CA LEU C 338 -18.02 10.01 -13.66
C LEU C 338 -18.95 10.81 -12.77
N LEU C 339 -18.40 11.44 -11.73
CA LEU C 339 -19.22 12.15 -10.76
C LEU C 339 -19.94 13.32 -11.40
N ASN C 340 -19.29 13.95 -12.37
CA ASN C 340 -19.87 15.09 -13.07
C ASN C 340 -21.05 14.65 -13.92
N LEU C 341 -20.96 13.44 -14.48
CA LEU C 341 -22.02 12.90 -15.34
C LEU C 341 -23.20 12.40 -14.52
N LEU C 342 -22.91 11.83 -13.34
CA LEU C 342 -23.95 11.35 -12.45
C LEU C 342 -24.75 12.52 -11.90
N GLY C 343 -24.08 13.67 -11.76
CA GLY C 343 -24.76 14.87 -11.30
C GLY C 343 -24.72 15.03 -9.79
N TYR C 344 -23.62 14.60 -9.19
CA TYR C 344 -23.47 14.75 -7.75
C TYR C 344 -22.80 16.08 -7.45
N THR C 345 -23.55 16.98 -6.83
CA THR C 345 -23.09 18.34 -6.57
C THR C 345 -23.04 18.66 -5.09
N ALA C 346 -23.17 17.63 -4.26
CA ALA C 346 -23.21 17.81 -2.81
C ALA C 346 -21.92 18.45 -2.31
N ASN C 347 -22.06 19.31 -1.29
CA ASN C 347 -20.91 19.99 -0.71
C ASN C 347 -19.98 19.03 -0.01
N ASP C 348 -20.52 17.92 0.49
CA ASP C 348 -19.74 16.92 1.19
C ASP C 348 -19.36 15.75 0.30
N LEU C 349 -19.53 15.92 -1.02
CA LEU C 349 -19.22 14.86 -1.96
C LEU C 349 -17.79 14.38 -1.81
N LEU C 350 -16.87 15.30 -1.59
CA LEU C 350 -15.46 14.95 -1.50
C LEU C 350 -15.18 14.07 -0.28
N ASP C 351 -15.94 14.28 0.80
CA ASP C 351 -15.76 13.50 2.01
C ASP C 351 -16.35 12.09 1.84
N LEU C 352 -17.48 12.01 1.14
CA LEU C 352 -18.09 10.72 0.86
C LEU C 352 -17.17 9.87 -0.02
N LEU C 353 -16.51 10.53 -0.96
CA LEU C 353 -15.62 9.85 -1.87
C LEU C 353 -14.36 9.34 -1.17
N GLU C 354 -13.73 10.20 -0.37
CA GLU C 354 -12.49 9.84 0.30
C GLU C 354 -12.68 8.81 1.41
N SER C 355 -13.86 8.82 2.03
CA SER C 355 -14.17 7.86 3.08
C SER C 355 -14.55 6.50 2.50
N LYS C 356 -14.56 6.40 1.17
CA LYS C 356 -14.92 5.17 0.45
C LYS C 356 -16.36 4.78 0.71
N SER C 357 -17.25 5.76 0.77
CA SER C 357 -18.67 5.48 1.00
C SER C 357 -19.43 5.30 -0.30
N ILE C 358 -18.83 5.73 -1.42
CA ILE C 358 -19.48 5.61 -2.72
C ILE C 358 -18.97 4.35 -3.43
N THR C 359 -19.89 3.45 -3.73
CA THR C 359 -19.55 2.15 -4.28
C THR C 359 -20.44 1.79 -5.46
N GLY C 360 -20.11 0.71 -6.16
CA GLY C 360 -20.96 0.26 -7.25
C GLY C 360 -21.00 -1.26 -7.35
N GLN C 361 -21.88 -1.75 -8.22
CA GLN C 361 -22.10 -3.17 -8.44
C GLN C 361 -22.28 -3.48 -9.92
N ILE C 362 -21.71 -4.59 -10.38
CA ILE C 362 -21.95 -5.04 -11.76
C ILE C 362 -23.27 -5.78 -11.79
N THR C 363 -24.21 -5.30 -12.59
CA THR C 363 -25.53 -5.91 -12.59
C THR C 363 -25.80 -6.71 -13.85
N TYR C 364 -25.14 -6.34 -14.94
CA TYR C 364 -25.36 -7.03 -16.22
C TYR C 364 -24.14 -6.93 -17.11
N ILE C 365 -23.82 -8.03 -17.79
CA ILE C 365 -22.73 -8.03 -18.77
C ILE C 365 -23.22 -8.51 -20.13
N ASN C 366 -22.97 -7.71 -21.16
CA ASN C 366 -23.28 -8.11 -22.52
C ASN C 366 -21.99 -8.57 -23.20
N LEU C 367 -21.86 -9.88 -23.36
CA LEU C 367 -20.60 -10.46 -23.85
C LEU C 367 -20.39 -10.23 -25.33
N GLU C 368 -21.46 -10.20 -26.11
CA GLU C 368 -21.35 -10.02 -27.55
C GLU C 368 -20.89 -8.61 -27.92
N HIS C 369 -21.41 -7.61 -27.22
CA HIS C 369 -21.08 -6.21 -27.50
C HIS C 369 -20.09 -5.65 -26.47
N TYR C 370 -19.59 -6.54 -25.62
CA TYR C 370 -18.55 -6.20 -24.66
C TYR C 370 -18.79 -4.91 -23.87
N PHE C 371 -19.92 -4.83 -23.17
CA PHE C 371 -20.16 -3.70 -22.27
C PHE C 371 -20.80 -4.16 -20.96
N MET C 372 -20.62 -3.36 -19.92
CA MET C 372 -21.16 -3.67 -18.60
C MET C 372 -22.15 -2.62 -18.14
N VAL C 373 -23.16 -3.05 -17.39
CA VAL C 373 -24.06 -2.14 -16.72
C VAL C 373 -23.70 -2.08 -15.24
N ILE C 374 -23.35 -0.89 -14.77
CA ILE C 374 -22.89 -0.69 -13.40
C ILE C 374 -23.87 0.17 -12.62
N ARG C 375 -24.25 -0.30 -11.45
CA ARG C 375 -25.10 0.49 -10.58
C ARG C 375 -24.28 1.20 -9.52
N VAL C 376 -24.44 2.51 -9.43
CA VAL C 376 -23.68 3.32 -8.49
C VAL C 376 -24.54 3.70 -7.29
N TYR C 377 -24.06 3.38 -6.10
CA TYR C 377 -24.79 3.66 -4.87
C TYR C 377 -24.26 4.91 -4.19
N TYR C 378 -25.16 5.84 -3.90
CA TYR C 378 -24.79 7.12 -3.31
C TYR C 378 -25.45 7.32 -1.94
N PRO C 379 -24.69 7.15 -0.86
CA PRO C 379 -25.11 7.06 0.52
C PRO C 379 -25.57 8.38 1.11
N ILE C 380 -26.44 8.30 2.11
CA ILE C 380 -26.82 9.44 2.91
C ILE C 380 -26.14 9.36 4.27
N MET C 381 -25.33 10.35 4.60
CA MET C 381 -24.63 10.32 5.88
C MET C 381 -25.55 10.61 7.04
N THR C 382 -25.48 9.76 8.06
CA THR C 382 -26.28 9.94 9.25
C THR C 382 -25.40 10.23 10.47
N THR C 383 -25.69 11.34 11.14
CA THR C 383 -24.96 11.67 12.35
C THR C 383 -25.55 10.87 13.51
N ILE C 384 -24.69 10.21 14.27
CA ILE C 384 -25.16 9.38 15.36
C ILE C 384 -25.34 10.21 16.63
N SER C 385 -26.53 10.15 17.20
CA SER C 385 -26.85 10.93 18.39
C SER C 385 -25.99 10.51 19.56
N ASN C 386 -25.56 11.49 20.35
CA ASN C 386 -24.79 11.23 21.56
C ASN C 386 -23.58 10.37 21.28
N ALA C 387 -22.90 10.62 20.16
CA ALA C 387 -21.71 9.85 19.83
C ALA C 387 -20.64 10.72 19.22
N TYR C 388 -19.44 10.62 19.77
CA TYR C 388 -18.32 11.43 19.31
C TYR C 388 -17.00 10.74 19.55
N VAL C 389 -15.97 11.21 18.85
CA VAL C 389 -14.63 10.67 18.98
C VAL C 389 -13.71 11.71 19.61
N GLN C 390 -13.06 11.33 20.71
CA GLN C 390 -12.18 12.22 21.43
C GLN C 390 -10.73 11.82 21.22
N GLU C 391 -9.92 12.77 20.76
CA GLU C 391 -8.48 12.48 20.53
C GLU C 391 -7.65 12.96 21.72
N LEU C 392 -6.58 12.25 22.01
CA LEU C 392 -5.64 12.65 23.05
C LEU C 392 -4.27 12.94 22.45
N ILE C 393 -3.64 14.01 22.91
CA ILE C 393 -2.29 14.35 22.49
C ILE C 393 -1.30 13.78 23.48
N LYS C 394 -0.39 12.94 23.01
CA LYS C 394 0.54 12.28 23.90
C LYS C 394 1.91 12.93 23.90
N ILE C 395 2.36 13.33 25.10
CA ILE C 395 3.70 13.86 25.26
C ILE C 395 4.40 13.08 26.35
N SER C 396 5.72 13.15 26.39
CA SER C 396 6.48 12.43 27.41
C SER C 396 6.39 13.11 28.75
N PHE C 397 6.72 12.37 29.80
CA PHE C 397 6.72 12.90 31.17
C PHE C 397 7.77 12.24 32.04
N ASN C 398 8.08 12.89 33.15
CA ASN C 398 9.07 12.37 34.10
C ASN C 398 8.46 11.38 35.09
N VAL C 399 9.19 10.32 35.39
CA VAL C 399 8.76 9.42 36.45
C VAL C 399 9.75 9.36 37.61
N ASP C 400 10.99 9.02 37.32
CA ASP C 400 12.01 8.85 38.35
C ASP C 400 13.35 9.44 37.93
N GLY C 401 13.30 10.37 36.98
CA GLY C 401 14.51 10.95 36.40
C GLY C 401 14.63 10.57 34.93
N SER C 402 14.04 9.44 34.55
CA SER C 402 14.01 9.03 33.16
C SER C 402 12.71 9.49 32.49
N GLU C 403 12.68 9.43 31.17
CA GLU C 403 11.56 9.93 30.39
C GLU C 403 10.66 8.80 29.88
N TRP C 404 9.34 8.97 30.05
CA TRP C 404 8.37 7.95 29.67
C TRP C 404 7.21 8.49 28.83
N VAL C 405 6.61 7.61 28.05
CA VAL C 405 5.38 7.90 27.30
C VAL C 405 4.29 6.86 27.58
N SER C 406 3.06 7.32 27.80
CA SER C 406 1.96 6.39 28.08
C SER C 406 1.51 5.61 26.85
N LEU C 407 0.90 4.44 27.07
CA LEU C 407 0.42 3.60 25.98
C LEU C 407 -1.09 3.52 25.96
N VAL C 408 -1.75 4.67 25.89
CA VAL C 408 -3.19 4.76 25.76
C VAL C 408 -3.52 5.16 24.31
N PRO C 409 -4.49 4.51 23.66
CA PRO C 409 -4.95 4.77 22.30
C PRO C 409 -5.24 6.25 22.11
N SER C 410 -4.87 6.76 20.93
CA SER C 410 -5.01 8.17 20.62
C SER C 410 -6.46 8.58 20.43
N TYR C 411 -7.28 7.67 19.90
CA TYR C 411 -8.68 7.99 19.62
C TYR C 411 -9.62 7.08 20.39
N ILE C 412 -10.52 7.70 21.15
CA ILE C 412 -11.51 6.97 21.95
C ILE C 412 -12.92 7.32 21.50
N LEU C 413 -13.73 6.30 21.28
CA LEU C 413 -15.10 6.50 20.85
C LEU C 413 -16.06 6.47 22.03
N ILE C 414 -16.83 7.53 22.18
CA ILE C 414 -17.76 7.64 23.30
C ILE C 414 -19.20 7.66 22.80
N ARG C 415 -20.00 6.72 23.28
CA ARG C 415 -21.40 6.62 22.86
C ARG C 415 -22.32 6.59 24.07
N ASN C 416 -23.14 7.62 24.20
CA ASN C 416 -24.03 7.83 25.33
C ASN C 416 -23.25 8.13 26.61
N SER C 417 -22.46 7.18 27.08
CA SER C 417 -21.63 7.36 28.25
C SER C 417 -20.60 6.25 28.33
N TYR C 418 -20.60 5.38 27.33
CA TYR C 418 -19.74 4.21 27.33
C TYR C 418 -18.49 4.42 26.50
N LEU C 419 -17.38 3.88 26.96
CA LEU C 419 -16.11 3.98 26.25
C LEU C 419 -15.87 2.75 25.39
N SER C 420 -15.35 2.97 24.19
CA SER C 420 -14.97 1.86 23.32
C SER C 420 -13.83 2.30 22.41
N ASN C 421 -13.23 1.36 21.71
CA ASN C 421 -12.13 1.66 20.81
C ASN C 421 -12.66 1.92 19.40
N ILE C 422 -11.92 2.67 18.61
CA ILE C 422 -12.34 2.88 17.22
C ILE C 422 -11.18 2.67 16.24
N ASP C 423 -11.44 1.88 15.21
CA ASP C 423 -10.42 1.63 14.19
C ASP C 423 -10.33 2.77 13.19
N ILE C 424 -9.68 3.86 13.59
CA ILE C 424 -9.62 5.05 12.74
C ILE C 424 -8.97 4.85 11.35
N SER C 425 -8.17 3.80 11.24
CA SER C 425 -7.53 3.51 9.96
C SER C 425 -8.44 3.30 8.75
N GLU C 426 -9.70 2.98 9.02
CA GLU C 426 -10.71 2.79 7.98
C GLU C 426 -11.69 3.98 7.84
N CYS C 427 -11.42 5.09 8.54
CA CYS C 427 -12.32 6.26 8.57
C CYS C 427 -11.61 7.51 8.10
N LEU C 428 -12.40 8.49 7.65
CA LEU C 428 -11.87 9.79 7.28
C LEU C 428 -11.95 10.77 8.43
N ILE C 429 -10.82 11.37 8.78
CA ILE C 429 -10.78 12.37 9.84
C ILE C 429 -10.85 13.75 9.25
N THR C 430 -11.85 14.52 9.64
CA THR C 430 -12.04 15.87 9.12
C THR C 430 -11.92 16.87 10.26
N LYS C 431 -12.12 18.15 9.95
CA LYS C 431 -11.97 19.21 10.92
C LYS C 431 -12.87 19.05 12.14
N ASN C 432 -14.08 18.53 11.94
CA ASN C 432 -15.02 18.43 13.05
C ASN C 432 -15.84 17.13 13.09
N SER C 433 -15.42 16.13 12.33
CA SER C 433 -16.15 14.87 12.31
C SER C 433 -15.29 13.68 11.88
N VAL C 434 -15.78 12.48 12.17
CA VAL C 434 -15.18 11.24 11.72
C VAL C 434 -16.17 10.51 10.83
N ILE C 435 -15.83 10.35 9.56
CA ILE C 435 -16.74 9.76 8.59
C ILE C 435 -16.34 8.33 8.23
N CYS C 436 -17.20 7.38 8.61
CA CYS C 436 -16.94 5.96 8.43
C CYS C 436 -18.01 5.32 7.54
N ARG C 437 -17.59 4.40 6.69
CA ARG C 437 -18.52 3.65 5.84
C ARG C 437 -19.24 2.56 6.62
N HIS C 438 -18.72 2.22 7.79
CA HIS C 438 -19.34 1.26 8.70
C HIS C 438 -19.15 1.76 10.12
N ASP C 439 -19.75 1.08 11.08
CA ASP C 439 -19.48 1.38 12.48
C ASP C 439 -18.30 0.54 12.95
N PHE C 440 -17.17 1.21 13.20
CA PHE C 440 -15.92 0.51 13.50
C PHE C 440 -15.59 0.50 14.98
N ALA C 441 -16.63 0.56 15.82
CA ALA C 441 -16.45 0.42 17.26
C ALA C 441 -15.86 -0.95 17.60
N MET C 442 -14.94 -0.98 18.57
CA MET C 442 -14.34 -2.22 19.02
C MET C 442 -14.40 -2.29 20.55
N PRO C 443 -14.42 -3.49 21.14
CA PRO C 443 -14.39 -3.75 22.57
C PRO C 443 -13.18 -3.11 23.23
N MET C 444 -13.38 -2.63 24.45
CA MET C 444 -12.31 -2.07 25.25
C MET C 444 -12.13 -2.88 26.53
N SER C 445 -10.90 -3.08 26.95
CA SER C 445 -10.62 -3.89 28.14
C SER C 445 -11.03 -3.15 29.40
N TYR C 446 -11.15 -3.90 30.49
CA TYR C 446 -11.57 -3.32 31.76
C TYR C 446 -10.47 -2.49 32.39
N THR C 447 -9.22 -2.89 32.16
CA THR C 447 -8.10 -2.18 32.74
C THR C 447 -7.94 -0.82 32.09
N LEU C 448 -8.23 -0.74 30.79
CA LEU C 448 -8.14 0.53 30.09
C LEU C 448 -9.30 1.45 30.47
N LYS C 449 -10.48 0.88 30.68
CA LYS C 449 -11.60 1.71 31.12
C LYS C 449 -11.30 2.32 32.48
N GLU C 450 -10.71 1.54 33.39
CA GLU C 450 -10.37 2.05 34.71
C GLU C 450 -9.30 3.14 34.64
N CYS C 451 -8.32 2.98 33.74
CA CYS C 451 -7.30 3.98 33.45
C CYS C 451 -7.93 5.30 33.03
N LEU C 452 -8.82 5.24 32.05
CA LEU C 452 -9.44 6.43 31.49
C LEU C 452 -10.36 7.16 32.47
N THR C 453 -10.93 6.43 33.42
CA THR C 453 -11.83 7.06 34.39
C THR C 453 -11.10 7.59 35.61
N GLY C 454 -9.77 7.49 35.64
CA GLY C 454 -9.01 8.13 36.72
C GLY C 454 -8.03 7.23 37.47
N ASP C 455 -8.11 5.91 37.28
CA ASP C 455 -7.18 5.04 38.00
C ASP C 455 -5.86 4.94 37.24
N THR C 456 -5.02 5.94 37.42
CA THR C 456 -3.79 6.08 36.63
C THR C 456 -2.78 4.99 36.95
N GLU C 457 -3.03 4.24 38.02
CA GLU C 457 -2.11 3.14 38.41
C GLU C 457 -2.22 2.00 37.40
N LYS C 458 -3.28 1.99 36.60
CA LYS C 458 -3.47 0.96 35.58
C LYS C 458 -3.12 1.40 34.16
N CYS C 459 -2.49 2.57 34.01
CA CYS C 459 -2.09 3.11 32.70
C CYS C 459 -0.61 2.74 32.43
N PRO C 460 -0.35 1.84 31.48
CA PRO C 460 0.95 1.24 31.20
C PRO C 460 1.92 2.27 30.60
N ARG C 461 3.21 2.10 30.89
CA ARG C 461 4.23 3.04 30.42
C ARG C 461 5.26 2.40 29.50
N GLU C 462 5.76 3.18 28.54
CA GLU C 462 6.85 2.77 27.67
C GLU C 462 8.02 3.75 27.79
N ALA C 463 9.24 3.22 27.88
CA ALA C 463 10.42 4.06 28.04
C ALA C 463 10.74 4.79 26.74
N VAL C 464 11.33 5.97 26.86
CA VAL C 464 11.80 6.72 25.69
C VAL C 464 13.28 6.52 25.47
N VAL C 465 13.65 6.04 24.29
CA VAL C 465 15.05 5.82 23.95
C VAL C 465 15.46 6.66 22.74
N THR C 466 14.60 7.61 22.38
CA THR C 466 14.85 8.45 21.21
C THR C 466 14.73 9.93 21.53
N SER C 467 15.16 10.75 20.59
CA SER C 467 15.02 12.19 20.71
C SER C 467 13.74 12.68 20.03
N TYR C 468 13.18 11.83 19.16
CA TYR C 468 12.01 12.20 18.39
C TYR C 468 10.72 11.93 19.15
N VAL C 469 10.50 12.69 20.21
CA VAL C 469 9.29 12.58 21.01
C VAL C 469 8.81 13.99 21.40
N PRO C 470 7.52 14.27 21.29
CA PRO C 470 6.87 15.48 21.79
C PRO C 470 7.11 15.65 23.28
N ARG C 471 7.51 16.83 23.69
CA ARG C 471 7.74 17.11 25.11
C ARG C 471 6.86 18.24 25.59
N PHE C 472 6.02 18.77 24.72
CA PHE C 472 5.07 19.80 25.11
C PHE C 472 3.89 19.86 24.16
N ALA C 473 2.79 20.43 24.65
CA ALA C 473 1.61 20.67 23.81
C ALA C 473 0.76 21.79 24.39
N ILE C 474 -0.06 22.39 23.54
CA ILE C 474 -0.98 23.43 23.97
C ILE C 474 -2.41 22.92 23.97
N SER C 475 -3.10 23.08 25.08
CA SER C 475 -4.52 22.71 25.15
C SER C 475 -5.24 23.55 26.19
N GLY C 476 -6.33 24.17 25.78
CA GLY C 476 -7.11 25.01 26.68
C GLY C 476 -6.44 26.37 26.85
N GLY C 477 -5.54 26.69 25.93
CA GLY C 477 -4.81 27.95 26.00
C GLY C 477 -3.60 27.91 26.94
N VAL C 478 -3.32 26.74 27.51
CA VAL C 478 -2.18 26.62 28.43
C VAL C 478 -1.21 25.56 27.95
N ILE C 479 0.00 25.59 28.50
CA ILE C 479 1.05 24.69 28.05
C ILE C 479 1.37 23.60 29.05
N TYR C 480 1.43 22.37 28.56
CA TYR C 480 1.89 21.24 29.35
C TYR C 480 3.24 20.81 28.83
N ALA C 481 4.26 20.79 29.69
CA ALA C 481 5.60 20.47 29.21
C ALA C 481 6.45 19.73 30.24
N ASN C 482 7.36 18.91 29.74
CA ASN C 482 8.36 18.25 30.57
C ASN C 482 9.62 19.10 30.64
N CYS C 483 9.76 19.89 31.71
CA CYS C 483 10.83 20.89 31.81
C CYS C 483 12.08 20.31 32.44
N LEU C 484 12.17 18.98 32.51
CA LEU C 484 13.41 18.34 32.90
C LEU C 484 14.14 17.83 31.68
N SER C 485 13.39 17.38 30.69
CA SER C 485 13.99 16.90 29.44
C SER C 485 14.31 18.05 28.50
N THR C 486 13.57 19.15 28.60
CA THR C 486 13.87 20.33 27.81
C THR C 486 13.99 21.56 28.70
N THR C 487 14.31 22.70 28.11
CA THR C 487 14.49 23.92 28.88
C THR C 487 13.30 24.85 28.73
N CYS C 488 12.75 25.31 29.87
CA CYS C 488 11.63 26.24 29.92
C CYS C 488 12.07 27.53 30.63
N GLN C 489 11.98 28.65 29.94
CA GLN C 489 12.33 29.95 30.52
C GLN C 489 11.19 30.94 30.41
N CYS C 490 11.09 31.84 31.38
CA CYS C 490 10.10 32.92 31.34
C CYS C 490 10.65 34.10 30.53
N TYR C 491 9.96 34.42 29.44
CA TYR C 491 10.42 35.46 28.53
C TYR C 491 10.60 36.80 29.24
N GLN C 492 9.67 37.11 30.12
CA GLN C 492 9.62 38.39 30.81
C GLN C 492 10.82 38.64 31.73
N THR C 493 11.29 37.60 32.41
CA THR C 493 12.35 37.77 33.40
C THR C 493 13.66 37.08 33.03
N GLY C 494 13.58 36.08 32.16
CA GLY C 494 14.74 35.29 31.76
C GLY C 494 15.00 34.12 32.72
N LYS C 495 14.19 34.04 33.77
CA LYS C 495 14.35 33.01 34.79
C LYS C 495 13.86 31.66 34.31
N VAL C 496 14.47 30.60 34.80
CA VAL C 496 14.08 29.25 34.44
C VAL C 496 12.86 28.79 35.21
N ILE C 497 11.91 28.20 34.50
CA ILE C 497 10.73 27.61 35.14
C ILE C 497 11.00 26.15 35.43
N ALA C 498 11.36 25.84 36.66
CA ALA C 498 11.81 24.51 37.00
C ALA C 498 10.72 23.69 37.66
N GLN C 499 10.82 22.38 37.49
CA GLN C 499 9.94 21.44 38.18
C GLN C 499 10.81 20.50 39.00
N ASP C 500 10.26 19.91 40.05
CA ASP C 500 11.06 19.04 40.89
C ASP C 500 11.08 17.62 40.34
N GLY C 501 11.83 16.74 41.00
CA GLY C 501 11.98 15.36 40.55
C GLY C 501 10.79 14.51 40.91
N SER C 502 9.88 15.09 41.70
CA SER C 502 8.67 14.40 42.12
C SER C 502 7.51 14.69 41.18
N GLN C 503 7.74 15.58 40.22
CA GLN C 503 6.70 16.02 39.31
C GLN C 503 6.84 15.34 37.95
N THR C 504 5.70 15.04 37.34
CA THR C 504 5.66 14.46 36.00
C THR C 504 5.75 15.55 34.93
N LEU C 505 4.78 16.45 34.96
CA LEU C 505 4.70 17.56 34.03
C LEU C 505 4.43 18.88 34.73
N MET C 506 4.92 19.95 34.14
CA MET C 506 4.64 21.29 34.63
C MET C 506 3.61 21.96 33.73
N MET C 507 2.58 22.54 34.34
CA MET C 507 1.58 23.26 33.57
C MET C 507 1.80 24.75 33.71
N ILE C 508 1.92 25.43 32.57
CA ILE C 508 2.24 26.85 32.57
C ILE C 508 1.10 27.69 32.02
N ASP C 509 0.65 28.66 32.81
CA ASP C 509 -0.39 29.58 32.40
C ASP C 509 0.09 31.01 32.61
N ASN C 510 -0.76 32.00 32.29
CA ASN C 510 -0.37 33.42 32.37
C ASN C 510 -0.39 33.97 33.80
N GLN C 511 -0.70 33.10 34.78
CA GLN C 511 -0.61 33.44 36.20
C GLN C 511 0.79 33.13 36.69
N THR C 512 1.57 32.50 35.83
CA THR C 512 2.94 32.11 36.12
C THR C 512 3.92 32.95 35.28
N CYS C 513 3.69 32.97 33.95
CA CYS C 513 4.49 33.73 33.01
C CYS C 513 3.68 33.94 31.72
N SER C 514 3.57 35.19 31.27
CA SER C 514 2.74 35.50 30.11
C SER C 514 3.28 34.88 28.83
N ILE C 515 4.60 34.89 28.66
CA ILE C 515 5.23 34.29 27.50
C ILE C 515 6.36 33.37 27.92
N VAL C 516 6.28 32.11 27.53
CA VAL C 516 7.29 31.15 27.91
C VAL C 516 8.10 30.69 26.72
N ARG C 517 9.40 30.63 26.90
CA ARG C 517 10.32 30.18 25.88
C ARG C 517 10.65 28.72 26.06
N ILE C 518 10.13 27.88 25.17
CA ILE C 518 10.39 26.44 25.24
C ILE C 518 11.23 26.05 24.05
N GLU C 519 12.44 25.56 24.32
CA GLU C 519 13.42 25.37 23.27
C GLU C 519 13.78 26.78 22.82
N GLU C 520 13.35 27.15 21.61
CA GLU C 520 13.58 28.52 21.07
C GLU C 520 12.27 29.03 20.46
N ILE C 521 11.14 28.64 21.00
CA ILE C 521 9.81 28.97 20.48
C ILE C 521 9.17 29.76 21.61
N LEU C 522 8.71 30.97 21.31
CA LEU C 522 8.04 31.80 22.29
C LEU C 522 6.53 31.61 22.19
N ILE C 523 5.92 31.14 23.28
CA ILE C 523 4.49 30.87 23.26
C ILE C 523 3.77 31.70 24.32
N SER C 524 2.74 32.43 23.91
CA SER C 524 1.96 33.18 24.88
C SER C 524 0.83 32.30 25.40
N THR C 525 0.43 32.52 26.65
CA THR C 525 -0.55 31.66 27.30
C THR C 525 -1.76 32.42 27.83
N GLY C 526 -2.82 31.67 28.15
CA GLY C 526 -3.99 32.21 28.83
C GLY C 526 -4.13 31.62 30.23
N LYS C 527 -5.29 31.81 30.85
CA LYS C 527 -5.54 31.29 32.19
C LYS C 527 -5.99 29.84 32.15
N TYR C 528 -5.64 29.08 33.20
CA TYR C 528 -6.07 27.68 33.29
C TYR C 528 -7.44 27.56 33.92
N LEU C 529 -8.33 26.85 33.22
CA LEU C 529 -9.66 26.58 33.74
C LEU C 529 -9.69 25.20 34.36
N GLY C 530 -9.84 25.15 35.68
CA GLY C 530 -9.75 23.90 36.43
C GLY C 530 -9.16 24.18 37.79
N SER C 531 -8.61 23.14 38.43
CA SER C 531 -8.03 23.30 39.75
C SER C 531 -6.82 24.23 39.70
N GLN C 532 -6.69 25.08 40.71
CA GLN C 532 -5.57 26.02 40.77
C GLN C 532 -4.42 25.43 41.56
N GLU C 533 -4.60 24.18 42.00
CA GLU C 533 -3.58 23.45 42.74
C GLU C 533 -2.98 22.35 41.89
N TYR C 534 -3.19 22.45 40.58
CA TYR C 534 -2.74 21.45 39.64
C TYR C 534 -1.25 21.11 39.81
N ASN C 535 -0.42 22.14 39.93
CA ASN C 535 1.03 21.94 39.98
C ASN C 535 1.53 21.44 41.33
N THR C 536 0.63 21.27 42.29
CA THR C 536 0.99 20.72 43.59
C THR C 536 0.30 19.38 43.79
N MET C 537 -0.34 18.88 42.74
CA MET C 537 -1.05 17.62 42.76
C MET C 537 -0.15 16.49 42.28
N HIS C 538 -0.21 15.36 42.97
CA HIS C 538 0.62 14.22 42.60
C HIS C 538 -0.21 13.08 42.04
N VAL C 539 0.40 12.30 41.15
CA VAL C 539 -0.29 11.20 40.49
C VAL C 539 0.52 9.91 40.57
N SER C 540 -0.16 8.79 40.74
CA SER C 540 0.49 7.48 40.68
C SER C 540 0.65 7.05 39.23
N VAL C 541 1.65 6.23 38.96
CA VAL C 541 1.84 5.74 37.60
C VAL C 541 1.80 4.21 37.55
N GLY C 542 1.57 3.66 36.36
CA GLY C 542 1.48 2.22 36.18
C GLY C 542 2.84 1.58 36.00
N ASN C 543 2.84 0.30 35.63
CA ASN C 543 4.07 -0.44 35.45
C ASN C 543 4.64 -0.23 34.04
N PRO C 544 5.97 -0.32 33.87
CA PRO C 544 6.67 -0.41 32.60
C PRO C 544 6.27 -1.67 31.85
N VAL C 545 6.04 -1.53 30.56
CA VAL C 545 5.75 -2.67 29.71
C VAL C 545 6.56 -2.61 28.43
N PHE C 546 6.66 -3.73 27.74
CA PHE C 546 7.31 -3.77 26.44
C PHE C 546 6.35 -4.30 25.38
N THR C 547 6.46 -3.78 24.15
CA THR C 547 5.61 -4.16 23.04
C THR C 547 6.44 -4.71 21.89
C1 NAG D . -6.52 36.82 9.26
C2 NAG D . -7.99 36.27 9.16
C3 NAG D . -8.67 36.91 7.94
C4 NAG D . -8.66 38.44 8.12
C5 NAG D . -7.21 38.93 8.24
C6 NAG D . -7.15 40.42 8.48
C7 NAG D . -8.30 33.98 9.94
C8 NAG D . -8.24 32.50 9.74
N2 NAG D . -7.93 34.80 8.96
O3 NAG D . -10.02 36.43 7.84
O4 NAG D . -9.29 39.04 6.99
O5 NAG D . -6.57 38.26 9.39
O6 NAG D . -5.81 40.90 8.43
O7 NAG D . -8.68 34.43 11.03
C1 NAG E . -20.66 27.25 -28.93
C2 NAG E . -20.56 27.45 -30.49
C3 NAG E . -21.98 27.75 -31.03
C4 NAG E . -22.91 26.58 -30.66
C5 NAG E . -22.94 26.42 -29.13
C6 NAG E . -23.80 25.25 -28.71
C7 NAG E . -18.88 28.57 -31.82
C8 NAG E . -17.97 29.72 -32.12
N2 NAG E . -19.68 28.59 -30.78
O3 NAG E . -21.94 27.90 -32.46
O4 NAG E . -24.23 26.86 -31.14
O5 NAG E . -21.58 26.18 -28.64
O6 NAG E . -24.02 25.25 -27.30
O7 NAG E . -18.86 27.58 -32.57
C1 NAG F . 42.29 -22.21 4.29
C2 NAG F . 43.69 -22.62 3.73
C3 NAG F . 44.74 -21.66 4.31
C4 NAG F . 44.39 -20.22 3.91
C5 NAG F . 42.97 -19.89 4.47
C6 NAG F . 42.52 -18.50 4.08
C7 NAG F . 43.77 -25.02 3.34
C8 NAG F . 44.06 -26.42 3.79
N2 NAG F . 43.98 -23.99 4.16
O3 NAG F . 46.03 -22.00 3.78
O4 NAG F . 45.34 -19.33 4.46
O5 NAG F . 42.00 -20.85 3.93
O6 NAG F . 41.26 -18.19 4.68
O7 NAG F . 43.33 -24.81 2.20
C1 NAG G . -1.34 33.21 -21.87
C2 NAG G . -1.57 34.60 -21.26
C3 NAG G . -1.15 35.69 -22.25
C4 NAG G . 0.25 35.42 -22.80
C5 NAG G . 0.30 34.00 -23.33
C6 NAG G . 1.66 33.68 -23.93
C7 NAG G . -3.44 34.52 -19.67
C8 NAG G . -4.93 34.61 -19.51
N2 NAG G . -2.97 34.78 -20.89
O3 NAG G . -1.22 36.97 -21.59
O4 NAG G . 0.54 36.25 -23.94
O5 NAG G . 0.01 33.08 -22.28
O6 NAG G . 2.62 33.70 -22.87
O7 NAG G . -2.72 34.23 -18.73
C1 NAG H . 35.39 -8.79 -12.41
C2 NAG H . 35.65 -7.43 -11.68
C3 NAG H . 36.02 -6.36 -12.74
C4 NAG H . 37.27 -6.83 -13.50
C5 NAG H . 36.98 -8.19 -14.17
C6 NAG H . 38.20 -8.74 -14.89
C7 NAG H . 34.34 -7.06 -9.67
C8 NAG H . 33.08 -6.63 -8.97
N2 NAG H . 34.42 -7.01 -11.00
O3 NAG H . 36.29 -5.12 -12.09
O4 NAG H . 37.61 -5.87 -14.48
O5 NAG H . 36.58 -9.17 -13.15
O6 NAG H . 37.87 -9.89 -15.65
O7 NAG H . 35.30 -7.46 -9.00
C1 NAG I . 20.29 25.79 -30.50
C2 NAG I . 19.80 26.51 -31.80
C3 NAG I . 20.52 27.88 -31.90
C4 NAG I . 20.23 28.70 -30.64
C5 NAG I . 20.71 27.92 -29.41
C6 NAG I . 20.40 28.67 -28.11
C7 NAG I . 19.31 25.62 -34.00
C8 NAG I . 19.63 24.78 -35.20
N2 NAG I . 20.13 25.69 -32.96
O3 NAG I . 20.07 28.58 -33.07
O4 NAG I . 20.91 29.95 -30.73
O5 NAG I . 20.04 26.62 -29.34
O6 NAG I . 21.05 28.07 -27.00
O7 NAG I . 18.25 26.26 -33.99
C1 NAG J . -36.69 -30.81 2.11
C2 NAG J . -37.93 -31.52 1.46
C3 NAG J . -37.49 -32.92 0.98
C4 NAG J . -36.33 -32.76 -0.04
C5 NAG J . -35.17 -32.02 0.66
C6 NAG J . -34.01 -31.78 -0.29
C7 NAG J . -39.97 -30.79 2.55
C8 NAG J . -41.03 -30.92 3.59
N2 NAG J . -38.97 -31.66 2.49
O3 NAG J . -38.59 -33.59 0.36
O4 NAG J . -35.91 -34.05 -0.47
O5 NAG J . -35.63 -30.72 1.14
O6 NAG J . -32.91 -31.17 0.38
O7 NAG J . -40.04 -29.87 1.72
C1 NAG K . 17.99 5.00 -35.13
C2 NAG K . 19.41 4.51 -35.42
C3 NAG K . 19.67 4.46 -36.92
C4 NAG K . 18.55 3.70 -37.64
C5 NAG K . 17.21 4.30 -37.22
C6 NAG K . 16.06 3.61 -37.93
C7 NAG K . 20.90 5.17 -33.57
C8 NAG K . 21.78 6.25 -33.01
N2 NAG K . 20.39 5.39 -34.78
O3 NAG K . 20.95 3.83 -37.14
O4 NAG K . 18.62 3.91 -39.06
O5 NAG K . 17.06 4.19 -35.81
O6 NAG K . 16.01 2.27 -37.47
O7 NAG K . 20.68 4.14 -32.94
C1 NAG L . -29.29 -19.39 -15.83
C2 NAG L . -28.08 -20.33 -16.16
C3 NAG L . -27.84 -20.30 -17.69
C4 NAG L . -29.12 -20.78 -18.39
C5 NAG L . -30.29 -19.84 -18.01
C6 NAG L . -31.59 -20.30 -18.62
C7 NAG L . -26.35 -20.47 -14.45
C8 NAG L . -25.12 -19.94 -13.77
N2 NAG L . -26.87 -19.82 -15.49
O3 NAG L . -26.75 -21.18 -18.02
O4 NAG L . -28.92 -20.74 -19.81
O5 NAG L . -30.45 -19.85 -16.55
O6 NAG L . -32.62 -19.34 -18.41
O7 NAG L . -26.88 -21.51 -14.04
C1 NAG M . -1.90 -5.78 -44.38
C2 NAG M . -1.59 -4.85 -45.61
C3 NAG M . -0.93 -5.70 -46.72
C4 NAG M . 0.34 -6.36 -46.17
C5 NAG M . -0.03 -7.23 -44.95
C6 NAG M . 1.21 -7.87 -44.33
C7 NAG M . -2.89 -3.03 -46.56
C8 NAG M . -4.17 -2.44 -47.06
N2 NAG M . -2.85 -4.28 -46.09
O3 NAG M . -0.61 -4.87 -47.84
O4 NAG M . 0.93 -7.16 -47.18
O5 NAG M . -0.68 -6.41 -43.92
O6 NAG M . 0.84 -8.85 -43.37
O7 NAG M . -1.85 -2.34 -46.57
C1 NAG N . -4.76 35.68 31.68
C2 NAG N . -4.95 37.20 32.02
C3 NAG N . -6.43 37.46 32.34
C4 NAG N . -7.29 37.05 31.12
C5 NAG N . -7.02 35.56 30.81
C6 NAG N . -7.78 35.09 29.57
C7 NAG N . -2.95 38.08 33.08
C8 NAG N . -2.11 38.37 34.29
N2 NAG N . -4.13 37.51 33.21
O3 NAG N . -6.64 38.85 32.63
O4 NAG N . -8.66 37.26 31.41
O5 NAG N . -5.59 35.35 30.56
O6 NAG N . -7.60 33.70 29.37
O7 NAG N . -2.50 38.35 31.95
C1 NAG O . -18.66 3.64 -34.95
C2 NAG O . -19.86 2.78 -35.34
C3 NAG O . -20.62 3.41 -36.51
C4 NAG O . -20.91 4.88 -36.24
C5 NAG O . -19.62 5.58 -35.83
C6 NAG O . -19.85 7.06 -35.57
C7 NAG O . -19.39 0.42 -34.86
C8 NAG O . -18.77 -0.86 -35.35
N2 NAG O . -19.43 1.44 -35.72
O3 NAG O . -21.82 2.67 -36.75
O4 NAG O . -21.33 5.57 -37.43
O5 NAG O . -19.10 4.97 -34.67
O6 NAG O . -20.70 7.18 -34.43
O7 NAG O . -19.82 0.50 -33.71
#